data_8Q8P
#
_entry.id   8Q8P
#
_cell.length_a   1.00
_cell.length_b   1.00
_cell.length_c   1.00
_cell.angle_alpha   90.00
_cell.angle_beta   90.00
_cell.angle_gamma   90.00
#
_symmetry.space_group_name_H-M   'P 1'
#
loop_
_entity.id
_entity.type
_entity.pdbx_description
1 polymer 'Magnesium channel Mrs2'
2 non-polymer 'MAGNESIUM ION'
#
_entity_poly.entity_id   1
_entity_poly.type   'polypeptide(L)'
_entity_poly.pdbx_seq_one_letter_code
;SGRLTWRELLFGSGARKQSEAMKEEEIMMRLQEDSGAIFQRRSLTSKAALDPRLRCTEVDGNGNVIMVDGELKKSELIAK
YGLLPRDLRKIDSSNLPHILVRPSAILINLLHLKVLIKHDRVLLFDVYGSTSSYPQSAFMYDLQGKLQQKQTGGANSLPY
EFRALEAVLMSVTAELEADFEAVRDPVIRILSELEDDIDREKLRILLVLSKRVSTFEQKAKLVRDAIEELLEADDDLAAM
YLTEKTHDLYRGEDDHTEVELLLESYHKLCDEVVQEASNLVSSIRNTEEIIRAILDANRNSLMLLDLKFSIGTLGLAMGT
FLAGLYGMNLENFIEETNWGFGAITGLSTLLSLVVCWYGLAKLRKVQRVKMNGAGFTRHNHWFRDDSTDVLLDPSNRERL
RKINMMKSHAKQKTAAAKKWPLNKL
;
_entity_poly.pdbx_strand_id   A,B,C,D,E
#
loop_
_chem_comp.id
_chem_comp.type
_chem_comp.name
_chem_comp.formula
MG non-polymer 'MAGNESIUM ION' 'Mg 2'
#
# COMPACT_ATOMS: atom_id res chain seq x y z
N PRO A 52 -33.28 -21.26 -21.91
CA PRO A 52 -33.16 -22.67 -22.29
C PRO A 52 -32.63 -22.85 -23.71
N ARG A 53 -32.31 -21.75 -24.37
CA ARG A 53 -31.80 -21.77 -25.73
C ARG A 53 -30.56 -20.90 -25.84
N LEU A 54 -29.66 -21.28 -26.74
CA LEU A 54 -28.44 -20.53 -26.99
C LEU A 54 -28.20 -20.42 -28.49
N ARG A 55 -27.54 -19.34 -28.89
CA ARG A 55 -27.13 -19.16 -30.27
C ARG A 55 -25.82 -19.89 -30.51
N CYS A 56 -25.79 -20.77 -31.49
CA CYS A 56 -24.69 -21.70 -31.69
C CYS A 56 -24.23 -21.69 -33.14
N THR A 57 -22.91 -21.78 -33.31
CA THR A 57 -22.25 -21.97 -34.60
C THR A 57 -21.45 -23.26 -34.52
N GLU A 58 -21.63 -24.14 -35.50
CA GLU A 58 -21.08 -25.48 -35.47
C GLU A 58 -20.13 -25.70 -36.64
N VAL A 59 -19.00 -26.36 -36.35
CA VAL A 59 -18.03 -26.76 -37.36
C VAL A 59 -17.73 -28.24 -37.17
N ASP A 60 -17.79 -29.01 -38.25
CA ASP A 60 -17.56 -30.45 -38.18
C ASP A 60 -16.06 -30.72 -38.21
N GLY A 61 -15.69 -31.99 -38.40
CA GLY A 61 -14.30 -32.39 -38.38
C GLY A 61 -13.51 -32.05 -39.63
N ASN A 62 -14.18 -31.65 -40.71
CA ASN A 62 -13.51 -31.28 -41.94
C ASN A 62 -13.31 -29.78 -42.07
N GLY A 63 -13.67 -29.01 -41.05
CA GLY A 63 -13.50 -27.56 -41.11
C GLY A 63 -14.56 -26.83 -41.90
N ASN A 64 -15.70 -27.46 -42.17
CA ASN A 64 -16.77 -26.85 -42.95
C ASN A 64 -17.90 -26.43 -42.02
N VAL A 65 -18.37 -25.19 -42.18
CA VAL A 65 -19.45 -24.68 -41.34
C VAL A 65 -20.77 -25.26 -41.82
N ILE A 66 -21.53 -25.84 -40.90
CA ILE A 66 -22.85 -26.40 -41.17
C ILE A 66 -23.96 -25.66 -40.45
N MET A 67 -23.62 -24.68 -39.60
CA MET A 67 -24.61 -23.91 -38.87
C MET A 67 -23.99 -22.56 -38.53
N VAL A 68 -24.70 -21.47 -38.82
CA VAL A 68 -24.16 -20.13 -38.63
C VAL A 68 -24.64 -19.57 -37.29
N ASP A 69 -25.94 -19.38 -37.16
CA ASP A 69 -26.55 -18.80 -35.96
C ASP A 69 -27.75 -19.62 -35.51
N GLY A 70 -27.57 -20.93 -35.42
CA GLY A 70 -28.65 -21.82 -35.07
C GLY A 70 -29.02 -21.70 -33.60
N GLU A 71 -30.13 -22.34 -33.25
CA GLU A 71 -30.60 -22.39 -31.87
C GLU A 71 -30.36 -23.78 -31.30
N LEU A 72 -29.79 -23.83 -30.09
CA LEU A 72 -29.45 -25.09 -29.45
C LEU A 72 -30.01 -25.10 -28.04
N LYS A 73 -30.64 -26.21 -27.67
CA LYS A 73 -31.16 -26.41 -26.32
C LYS A 73 -30.04 -26.97 -25.46
N LYS A 74 -29.93 -26.46 -24.23
CA LYS A 74 -28.83 -26.83 -23.34
C LYS A 74 -28.91 -28.28 -22.89
N SER A 75 -30.04 -28.95 -23.13
CA SER A 75 -30.15 -30.36 -22.79
C SER A 75 -29.25 -31.23 -23.65
N GLU A 76 -29.08 -30.89 -24.93
CA GLU A 76 -28.23 -31.68 -25.81
C GLU A 76 -26.77 -31.60 -25.39
N LEU A 77 -26.38 -30.51 -24.72
CA LEU A 77 -25.00 -30.40 -24.23
C LEU A 77 -24.71 -31.49 -23.21
N ILE A 78 -25.65 -31.76 -22.30
CA ILE A 78 -25.49 -32.88 -21.39
C ILE A 78 -25.68 -34.21 -22.11
N ALA A 79 -26.57 -34.23 -23.11
CA ALA A 79 -26.92 -35.50 -23.76
C ALA A 79 -25.74 -36.08 -24.54
N LYS A 80 -25.11 -35.26 -25.40
CA LYS A 80 -24.11 -35.80 -26.31
C LYS A 80 -22.87 -34.93 -26.42
N TYR A 81 -22.44 -34.32 -25.30
CA TYR A 81 -21.20 -33.55 -25.32
C TYR A 81 -20.36 -33.75 -24.06
N GLY A 82 -20.76 -34.64 -23.15
CA GLY A 82 -19.95 -34.96 -22.00
C GLY A 82 -19.90 -33.91 -20.92
N LEU A 83 -20.89 -33.01 -20.86
CA LEU A 83 -20.92 -31.98 -19.85
C LEU A 83 -21.77 -32.42 -18.66
N LEU A 84 -21.66 -31.67 -17.56
CA LEU A 84 -22.38 -31.93 -16.33
C LEU A 84 -23.51 -30.92 -16.17
N PRO A 85 -24.59 -31.31 -15.47
CA PRO A 85 -25.72 -30.38 -15.29
C PRO A 85 -25.36 -29.10 -14.56
N ARG A 86 -24.34 -29.12 -13.70
CA ARG A 86 -23.96 -27.94 -12.93
C ARG A 86 -23.09 -26.97 -13.72
N ASP A 87 -22.58 -27.36 -14.88
CA ASP A 87 -21.74 -26.47 -15.68
C ASP A 87 -22.54 -25.54 -16.57
N LEU A 88 -23.83 -25.84 -16.80
CA LEU A 88 -24.62 -25.05 -17.74
C LEU A 88 -24.73 -23.60 -17.29
N ARG A 89 -24.86 -23.37 -15.98
CA ARG A 89 -24.95 -22.01 -15.47
C ARG A 89 -23.68 -21.21 -15.74
N LYS A 90 -22.54 -21.89 -15.93
CA LYS A 90 -21.33 -21.16 -16.33
C LYS A 90 -21.39 -20.75 -17.79
N ILE A 91 -22.07 -21.52 -18.63
CA ILE A 91 -22.18 -21.18 -20.04
C ILE A 91 -23.13 -20.01 -20.25
N ASP A 92 -24.19 -19.93 -19.44
CA ASP A 92 -25.23 -18.92 -19.65
C ASP A 92 -24.69 -17.51 -19.44
N SER A 93 -24.21 -17.23 -18.23
CA SER A 93 -23.73 -15.89 -17.89
C SER A 93 -22.57 -16.02 -16.90
N SER A 94 -21.36 -15.72 -17.37
CA SER A 94 -20.18 -15.73 -16.53
C SER A 94 -19.13 -14.85 -17.17
N ASN A 95 -18.56 -13.93 -16.39
CA ASN A 95 -17.52 -13.03 -16.87
C ASN A 95 -16.14 -13.42 -16.33
N LEU A 96 -16.00 -14.64 -15.82
CA LEU A 96 -14.72 -15.10 -15.30
C LEU A 96 -14.07 -16.02 -16.33
N PRO A 97 -12.94 -15.64 -16.92
CA PRO A 97 -12.29 -16.49 -17.92
C PRO A 97 -11.81 -17.79 -17.28
N HIS A 98 -12.07 -18.90 -17.96
CA HIS A 98 -11.68 -20.20 -17.42
C HIS A 98 -11.61 -21.22 -18.55
N ILE A 99 -10.91 -22.32 -18.25
CA ILE A 99 -10.79 -23.47 -19.15
C ILE A 99 -11.07 -24.72 -18.34
N LEU A 100 -12.05 -25.49 -18.77
CA LEU A 100 -12.45 -26.72 -18.10
C LEU A 100 -12.16 -27.92 -19.00
N VAL A 101 -11.55 -28.95 -18.43
CA VAL A 101 -11.17 -30.15 -19.16
C VAL A 101 -12.09 -31.28 -18.73
N ARG A 102 -12.82 -31.83 -19.69
CA ARG A 102 -13.72 -32.94 -19.50
C ARG A 102 -13.16 -34.20 -20.14
N PRO A 103 -13.70 -35.38 -19.79
CA PRO A 103 -13.17 -36.62 -20.39
C PRO A 103 -13.29 -36.67 -21.91
N SER A 104 -14.23 -35.93 -22.50
CA SER A 104 -14.39 -35.96 -23.95
C SER A 104 -14.63 -34.58 -24.56
N ALA A 105 -14.46 -33.50 -23.81
CA ALA A 105 -14.69 -32.17 -24.33
C ALA A 105 -13.84 -31.17 -23.57
N ILE A 106 -13.66 -29.99 -24.16
CA ILE A 106 -12.95 -28.88 -23.54
C ILE A 106 -13.82 -27.64 -23.63
N LEU A 107 -14.01 -26.96 -22.51
CA LEU A 107 -14.84 -25.76 -22.43
C LEU A 107 -13.94 -24.56 -22.19
N ILE A 108 -14.07 -23.54 -23.03
CA ILE A 108 -13.25 -22.34 -22.95
C ILE A 108 -14.17 -21.13 -22.84
N ASN A 109 -13.95 -20.30 -21.83
CA ASN A 109 -14.67 -19.04 -21.66
C ASN A 109 -13.62 -17.94 -21.49
N LEU A 110 -13.28 -17.29 -22.60
CA LEU A 110 -12.22 -16.26 -22.59
C LEU A 110 -12.76 -15.01 -23.25
N LEU A 111 -13.09 -14.00 -22.43
CA LEU A 111 -13.54 -12.70 -22.90
C LEU A 111 -14.76 -12.83 -23.81
N HIS A 112 -14.54 -12.74 -25.12
CA HIS A 112 -15.62 -12.75 -26.11
C HIS A 112 -15.80 -14.11 -26.76
N LEU A 113 -15.19 -15.16 -26.23
CA LEU A 113 -15.25 -16.49 -26.81
C LEU A 113 -15.80 -17.48 -25.82
N LYS A 114 -16.86 -18.19 -26.22
CA LYS A 114 -17.44 -19.29 -25.44
C LYS A 114 -17.45 -20.50 -26.38
N VAL A 115 -16.47 -21.38 -26.21
CA VAL A 115 -16.18 -22.43 -27.18
C VAL A 115 -16.21 -23.79 -26.50
N LEU A 116 -16.72 -24.79 -27.22
CA LEU A 116 -16.66 -26.19 -26.83
C LEU A 116 -15.92 -26.95 -27.91
N ILE A 117 -14.81 -27.58 -27.54
CA ILE A 117 -13.92 -28.24 -28.48
C ILE A 117 -13.93 -29.73 -28.21
N LYS A 118 -14.15 -30.53 -29.27
CA LYS A 118 -14.06 -31.98 -29.21
C LYS A 118 -13.03 -32.43 -30.25
N HIS A 119 -12.89 -33.74 -30.41
CA HIS A 119 -11.94 -34.27 -31.37
C HIS A 119 -12.47 -34.26 -32.79
N ASP A 120 -13.77 -34.01 -32.99
CA ASP A 120 -14.35 -33.97 -34.32
C ASP A 120 -15.35 -32.84 -34.52
N ARG A 121 -15.52 -31.95 -33.55
CA ARG A 121 -16.54 -30.91 -33.68
C ARG A 121 -16.14 -29.71 -32.83
N VAL A 122 -16.55 -28.52 -33.28
CA VAL A 122 -16.30 -27.28 -32.56
C VAL A 122 -17.59 -26.47 -32.51
N LEU A 123 -17.93 -25.98 -31.32
CA LEU A 123 -19.13 -25.17 -31.12
C LEU A 123 -18.75 -23.83 -30.53
N LEU A 124 -19.35 -22.76 -31.07
CA LEU A 124 -19.23 -21.42 -30.51
C LEU A 124 -20.62 -20.96 -30.11
N PHE A 125 -20.84 -20.72 -28.82
CA PHE A 125 -22.18 -20.42 -28.33
C PHE A 125 -22.20 -19.08 -27.60
N ASP A 126 -23.40 -18.51 -27.55
CA ASP A 126 -23.64 -17.24 -26.89
C ASP A 126 -25.14 -17.12 -26.62
N VAL A 127 -25.57 -15.95 -26.15
CA VAL A 127 -26.97 -15.74 -25.80
C VAL A 127 -27.84 -15.93 -27.04
N TYR A 128 -29.08 -16.38 -26.82
CA TYR A 128 -29.98 -16.69 -27.92
C TYR A 128 -30.27 -15.46 -28.77
N GLY A 129 -30.61 -14.34 -28.13
CA GLY A 129 -30.87 -13.13 -28.86
C GLY A 129 -29.66 -12.24 -29.00
N SER A 130 -28.96 -12.36 -30.12
CA SER A 130 -27.73 -11.62 -30.39
C SER A 130 -27.30 -11.90 -31.82
N THR A 131 -26.21 -11.25 -32.23
CA THR A 131 -25.62 -11.47 -33.54
C THR A 131 -24.11 -11.57 -33.38
N SER A 132 -23.49 -12.31 -34.31
CA SER A 132 -22.04 -12.48 -34.27
C SER A 132 -21.33 -11.15 -34.49
N SER A 133 -20.35 -10.85 -33.65
CA SER A 133 -19.60 -9.60 -33.75
C SER A 133 -18.47 -9.76 -34.76
N TYR A 134 -17.79 -8.64 -35.05
CA TYR A 134 -16.66 -8.68 -35.97
C TYR A 134 -15.51 -9.53 -35.44
N PRO A 135 -15.07 -9.40 -34.18
CA PRO A 135 -14.03 -10.31 -33.69
C PRO A 135 -14.45 -11.77 -33.73
N GLN A 136 -15.71 -12.08 -33.45
CA GLN A 136 -16.18 -13.45 -33.52
C GLN A 136 -16.14 -13.97 -34.95
N SER A 137 -16.54 -13.14 -35.92
CA SER A 137 -16.49 -13.56 -37.32
C SER A 137 -15.05 -13.77 -37.78
N ALA A 138 -14.14 -12.88 -37.37
CA ALA A 138 -12.74 -13.04 -37.73
C ALA A 138 -12.16 -14.31 -37.13
N PHE A 139 -12.49 -14.59 -35.86
CA PHE A 139 -12.03 -15.82 -35.24
C PHE A 139 -12.59 -17.05 -35.95
N MET A 140 -13.86 -17.01 -36.34
CA MET A 140 -14.46 -18.14 -37.05
C MET A 140 -13.79 -18.36 -38.39
N TYR A 141 -13.51 -17.27 -39.12
CA TYR A 141 -12.83 -17.40 -40.41
C TYR A 141 -11.44 -18.00 -40.24
N ASP A 142 -10.69 -17.50 -39.24
CA ASP A 142 -9.34 -18.02 -39.01
C ASP A 142 -9.38 -19.49 -38.61
N LEU A 143 -10.33 -19.86 -37.74
CA LEU A 143 -10.44 -21.25 -37.31
C LEU A 143 -10.79 -22.16 -38.47
N GLN A 144 -11.74 -21.73 -39.32
CA GLN A 144 -12.09 -22.53 -40.49
C GLN A 144 -10.90 -22.69 -41.42
N GLY A 145 -10.17 -21.60 -41.66
CA GLY A 145 -9.01 -21.68 -42.54
C GLY A 145 -7.93 -22.60 -42.01
N LYS A 146 -7.69 -22.56 -40.69
CA LYS A 146 -6.68 -23.42 -40.10
C LYS A 146 -7.12 -24.88 -40.06
N LEU A 147 -8.43 -25.13 -39.88
CA LEU A 147 -8.91 -26.51 -39.80
C LEU A 147 -8.97 -27.16 -41.17
N GLN A 148 -9.36 -26.41 -42.21
CA GLN A 148 -9.48 -27.01 -43.53
C GLN A 148 -8.17 -27.06 -44.30
N GLN A 149 -7.03 -26.88 -43.62
CA GLN A 149 -5.74 -26.97 -44.29
C GLN A 149 -5.47 -28.38 -44.79
N LYS A 150 -5.86 -29.39 -44.00
CA LYS A 150 -5.65 -30.80 -44.34
C LYS A 150 -4.18 -31.12 -44.56
N GLN A 151 -3.30 -30.44 -43.83
CA GLN A 151 -1.87 -30.65 -43.99
C GLN A 151 -1.42 -31.93 -43.31
N THR A 152 -0.34 -32.52 -43.83
CA THR A 152 0.25 -33.73 -43.28
C THR A 152 1.75 -33.47 -43.10
N GLY A 153 2.12 -32.95 -41.94
CA GLY A 153 3.49 -32.62 -41.64
C GLY A 153 4.26 -33.80 -41.07
N GLY A 154 5.36 -33.48 -40.40
CA GLY A 154 6.20 -34.51 -39.79
C GLY A 154 6.15 -34.50 -38.28
N ALA A 155 7.20 -33.97 -37.65
CA ALA A 155 7.26 -33.96 -36.19
C ALA A 155 6.37 -32.89 -35.58
N ASN A 156 6.15 -31.78 -36.28
CA ASN A 156 5.38 -30.66 -35.75
C ASN A 156 3.92 -30.69 -36.16
N SER A 157 3.35 -31.88 -36.37
CA SER A 157 1.93 -31.99 -36.71
C SER A 157 1.08 -31.90 -35.45
N LEU A 158 -0.02 -31.16 -35.55
CA LEU A 158 -0.90 -30.96 -34.41
C LEU A 158 -2.30 -31.51 -34.71
N PRO A 159 -2.99 -32.02 -33.70
CA PRO A 159 -4.34 -32.56 -33.90
C PRO A 159 -5.38 -31.46 -34.01
N TYR A 160 -6.64 -31.88 -34.08
CA TYR A 160 -7.75 -30.95 -34.29
C TYR A 160 -7.91 -30.01 -33.11
N GLU A 161 -7.97 -30.56 -31.89
CA GLU A 161 -8.24 -29.75 -30.71
C GLU A 161 -7.11 -28.76 -30.45
N PHE A 162 -5.86 -29.17 -30.65
CA PHE A 162 -4.74 -28.25 -30.44
C PHE A 162 -4.75 -27.14 -31.49
N ARG A 163 -5.11 -27.47 -32.73
CA ARG A 163 -5.21 -26.43 -33.77
C ARG A 163 -6.34 -25.45 -33.47
N ALA A 164 -7.42 -25.91 -32.84
CA ALA A 164 -8.48 -24.99 -32.45
C ALA A 164 -8.06 -24.13 -31.27
N LEU A 165 -7.41 -24.73 -30.28
CA LEU A 165 -6.97 -23.98 -29.09
C LEU A 165 -5.94 -22.92 -29.45
N GLU A 166 -5.04 -23.23 -30.40
CA GLU A 166 -4.05 -22.26 -30.82
C GLU A 166 -4.71 -21.03 -31.43
N ALA A 167 -5.71 -21.24 -32.29
CA ALA A 167 -6.43 -20.12 -32.88
C ALA A 167 -7.20 -19.32 -31.83
N VAL A 168 -7.82 -20.01 -30.87
CA VAL A 168 -8.54 -19.31 -29.81
C VAL A 168 -7.59 -18.42 -29.02
N LEU A 169 -6.44 -18.96 -28.62
CA LEU A 169 -5.48 -18.19 -27.84
C LEU A 169 -4.91 -17.03 -28.64
N MET A 170 -4.63 -17.24 -29.93
CA MET A 170 -4.13 -16.15 -30.76
C MET A 170 -5.16 -15.03 -30.87
N SER A 171 -6.43 -15.39 -31.06
CA SER A 171 -7.47 -14.36 -31.13
C SER A 171 -7.58 -13.58 -29.82
N VAL A 172 -7.53 -14.29 -28.69
CA VAL A 172 -7.63 -13.61 -27.40
C VAL A 172 -6.46 -12.67 -27.19
N THR A 173 -5.24 -13.12 -27.51
CA THR A 173 -4.07 -12.28 -27.34
C THR A 173 -4.11 -11.06 -28.26
N ALA A 174 -4.57 -11.25 -29.51
CA ALA A 174 -4.68 -10.12 -30.44
C ALA A 174 -5.68 -9.10 -29.93
N GLU A 175 -6.83 -9.57 -29.41
CA GLU A 175 -7.82 -8.64 -28.88
C GLU A 175 -7.29 -7.89 -27.66
N LEU A 176 -6.55 -8.59 -26.78
CA LEU A 176 -5.97 -7.92 -25.62
C LEU A 176 -4.97 -6.85 -26.05
N GLU A 177 -4.12 -7.17 -27.03
CA GLU A 177 -3.14 -6.19 -27.51
C GLU A 177 -3.84 -5.00 -28.15
N ALA A 178 -4.89 -5.24 -28.93
CA ALA A 178 -5.63 -4.13 -29.54
C ALA A 178 -6.28 -3.25 -28.49
N ASP A 179 -6.86 -3.85 -27.45
CA ASP A 179 -7.48 -3.08 -26.38
C ASP A 179 -6.43 -2.24 -25.64
N PHE A 180 -5.26 -2.82 -25.37
CA PHE A 180 -4.21 -2.06 -24.70
C PHE A 180 -3.74 -0.89 -25.57
N GLU A 181 -3.55 -1.13 -26.88
CA GLU A 181 -3.13 -0.07 -27.76
C GLU A 181 -4.17 1.04 -27.86
N ALA A 182 -5.46 0.68 -27.80
CA ALA A 182 -6.51 1.69 -27.85
C ALA A 182 -6.59 2.48 -26.55
N VAL A 183 -6.31 1.84 -25.41
CA VAL A 183 -6.45 2.52 -24.13
C VAL A 183 -5.20 3.31 -23.74
N ARG A 184 -4.04 2.98 -24.31
CA ARG A 184 -2.79 3.61 -23.87
C ARG A 184 -2.66 5.05 -24.38
N ASP A 185 -3.21 5.35 -25.55
CA ASP A 185 -2.90 6.62 -26.22
C ASP A 185 -3.30 7.86 -25.42
N PRO A 186 -4.55 8.00 -24.93
CA PRO A 186 -4.91 9.27 -24.27
C PRO A 186 -4.15 9.55 -22.99
N VAL A 187 -3.62 8.52 -22.33
CA VAL A 187 -2.96 8.71 -21.05
C VAL A 187 -1.70 9.56 -21.21
N ILE A 188 -0.89 9.26 -22.23
CA ILE A 188 0.34 10.01 -22.45
C ILE A 188 0.03 11.46 -22.76
N ARG A 189 -0.99 11.70 -23.59
CA ARG A 189 -1.35 13.07 -23.94
C ARG A 189 -1.83 13.86 -22.72
N ILE A 190 -2.68 13.24 -21.89
CA ILE A 190 -3.18 13.98 -20.73
C ILE A 190 -2.07 14.21 -19.71
N LEU A 191 -1.14 13.25 -19.56
CA LEU A 191 0.00 13.47 -18.68
C LEU A 191 0.89 14.60 -19.18
N SER A 192 1.12 14.66 -20.50
CA SER A 192 1.91 15.75 -21.06
C SER A 192 1.22 17.09 -20.85
N GLU A 193 -0.11 17.12 -20.99
CA GLU A 193 -0.85 18.36 -20.78
C GLU A 193 -0.83 18.78 -19.31
N LEU A 194 -0.86 17.83 -18.39
CA LEU A 194 -0.81 18.13 -16.97
C LEU A 194 0.60 18.40 -16.46
N GLU A 195 1.63 18.11 -17.26
CA GLU A 195 3.00 18.37 -16.84
C GLU A 195 3.21 19.85 -16.52
N ASP A 196 2.64 20.74 -17.32
CA ASP A 196 2.89 22.17 -17.15
C ASP A 196 1.85 22.84 -16.25
N ASP A 197 0.58 22.77 -16.62
CA ASP A 197 -0.49 23.44 -15.90
C ASP A 197 -1.55 22.44 -15.45
N ILE A 198 -2.27 22.79 -14.39
CA ILE A 198 -3.31 21.95 -13.82
C ILE A 198 -4.63 22.69 -13.96
N ASP A 199 -5.51 22.18 -14.80
CA ASP A 199 -6.82 22.76 -15.02
C ASP A 199 -7.88 21.95 -14.28
N ARG A 200 -9.15 22.27 -14.51
CA ARG A 200 -10.25 21.59 -13.85
C ARG A 200 -10.74 20.37 -14.61
N GLU A 201 -10.87 20.47 -15.94
CA GLU A 201 -11.38 19.36 -16.73
C GLU A 201 -10.34 18.27 -16.95
N LYS A 202 -9.05 18.63 -16.98
CA LYS A 202 -8.02 17.62 -17.18
C LYS A 202 -7.97 16.62 -16.04
N LEU A 203 -8.23 17.08 -14.82
CA LEU A 203 -8.30 16.15 -13.68
C LEU A 203 -9.46 15.18 -13.85
N ARG A 204 -10.60 15.66 -14.37
CA ARG A 204 -11.73 14.77 -14.63
C ARG A 204 -11.40 13.75 -15.72
N ILE A 205 -10.67 14.19 -16.76
CA ILE A 205 -10.25 13.25 -17.80
C ILE A 205 -9.32 12.20 -17.23
N LEU A 206 -8.39 12.61 -16.36
CA LEU A 206 -7.50 11.66 -15.71
C LEU A 206 -8.28 10.68 -14.83
N LEU A 207 -9.31 11.17 -14.13
CA LEU A 207 -10.16 10.30 -13.35
C LEU A 207 -10.87 9.27 -14.23
N VAL A 208 -11.37 9.70 -15.39
CA VAL A 208 -12.04 8.78 -16.29
C VAL A 208 -11.06 7.73 -16.80
N LEU A 209 -9.84 8.14 -17.11
CA LEU A 209 -8.87 7.21 -17.70
C LEU A 209 -8.28 6.24 -16.68
N SER A 210 -8.09 6.67 -15.44
CA SER A 210 -7.39 5.84 -14.46
C SER A 210 -8.17 4.57 -14.14
N LYS A 211 -9.48 4.69 -13.91
CA LYS A 211 -10.28 3.52 -13.59
C LYS A 211 -10.36 2.56 -14.77
N ARG A 212 -10.44 3.10 -15.99
CA ARG A 212 -10.44 2.25 -17.18
C ARG A 212 -9.14 1.47 -17.30
N VAL A 213 -8.00 2.14 -17.06
CA VAL A 213 -6.70 1.46 -17.13
C VAL A 213 -6.62 0.38 -16.06
N SER A 214 -7.07 0.69 -14.85
CA SER A 214 -7.04 -0.30 -13.77
C SER A 214 -7.91 -1.51 -14.09
N THR A 215 -9.09 -1.27 -14.66
CA THR A 215 -9.97 -2.38 -15.03
C THR A 215 -9.35 -3.25 -16.11
N PHE A 216 -8.71 -2.61 -17.11
CA PHE A 216 -8.04 -3.39 -18.15
C PHE A 216 -6.90 -4.21 -17.58
N GLU A 217 -6.13 -3.63 -16.65
CA GLU A 217 -5.04 -4.37 -16.03
C GLU A 217 -5.58 -5.56 -15.23
N GLN A 218 -6.70 -5.37 -14.51
CA GLN A 218 -7.30 -6.46 -13.78
C GLN A 218 -7.77 -7.56 -14.71
N LYS A 219 -8.37 -7.19 -15.84
CA LYS A 219 -8.82 -8.20 -16.80
C LYS A 219 -7.65 -8.98 -17.37
N ALA A 220 -6.57 -8.29 -17.72
CA ALA A 220 -5.38 -8.97 -18.24
C ALA A 220 -4.79 -9.92 -17.20
N LYS A 221 -4.72 -9.47 -15.95
CA LYS A 221 -4.23 -10.35 -14.88
C LYS A 221 -5.12 -11.57 -14.70
N LEU A 222 -6.44 -11.37 -14.81
CA LEU A 222 -7.36 -12.51 -14.69
C LEU A 222 -7.13 -13.51 -15.81
N VAL A 223 -6.94 -13.03 -17.04
CA VAL A 223 -6.69 -13.95 -18.16
C VAL A 223 -5.38 -14.70 -17.96
N ARG A 224 -4.33 -13.97 -17.53
CA ARG A 224 -3.04 -14.62 -17.30
C ARG A 224 -3.14 -15.68 -16.20
N ASP A 225 -3.85 -15.37 -15.12
CA ASP A 225 -4.03 -16.35 -14.05
C ASP A 225 -4.86 -17.53 -14.50
N ALA A 226 -5.86 -17.31 -15.35
CA ALA A 226 -6.65 -18.41 -15.88
C ALA A 226 -5.80 -19.35 -16.72
N ILE A 227 -4.88 -18.79 -17.51
CA ILE A 227 -3.96 -19.64 -18.27
C ILE A 227 -2.99 -20.37 -17.34
N GLU A 228 -2.46 -19.66 -16.34
CA GLU A 228 -1.48 -20.27 -15.44
C GLU A 228 -2.10 -21.39 -14.60
N GLU A 229 -3.38 -21.26 -14.26
CA GLU A 229 -4.05 -22.32 -13.49
C GLU A 229 -4.08 -23.62 -14.27
N LEU A 230 -4.40 -23.55 -15.57
CA LEU A 230 -4.34 -24.74 -16.40
C LEU A 230 -2.91 -25.22 -16.59
N LEU A 231 -1.94 -24.30 -16.62
CA LEU A 231 -0.55 -24.69 -16.79
C LEU A 231 0.03 -25.38 -15.57
N GLU A 232 -0.65 -25.39 -14.43
CA GLU A 232 -0.12 -25.92 -13.19
C GLU A 232 -0.69 -27.28 -12.81
N ALA A 233 -1.46 -27.92 -13.67
CA ALA A 233 -2.07 -29.22 -13.38
C ALA A 233 -1.58 -30.24 -14.39
N ASP A 234 -0.94 -31.31 -13.89
CA ASP A 234 -0.42 -32.35 -14.77
C ASP A 234 -1.54 -33.23 -15.31
N ASP A 235 -2.50 -33.60 -14.47
CA ASP A 235 -3.60 -34.45 -14.92
C ASP A 235 -4.47 -33.74 -15.94
N ASP A 236 -4.74 -32.44 -15.73
CA ASP A 236 -5.52 -31.68 -16.71
C ASP A 236 -4.78 -31.57 -18.04
N LEU A 237 -3.47 -31.38 -18.01
CA LEU A 237 -2.69 -31.35 -19.24
C LEU A 237 -2.73 -32.70 -19.95
N ALA A 238 -2.65 -33.79 -19.18
CA ALA A 238 -2.65 -35.12 -19.78
C ALA A 238 -4.03 -35.52 -20.32
N ALA A 239 -5.11 -35.00 -19.74
CA ALA A 239 -6.45 -35.37 -20.15
C ALA A 239 -6.93 -34.62 -21.38
N MET A 240 -6.16 -33.66 -21.88
CA MET A 240 -6.58 -32.88 -23.04
C MET A 240 -6.24 -33.56 -24.37
N TYR A 241 -5.55 -34.70 -24.35
CA TYR A 241 -5.27 -35.46 -25.57
C TYR A 241 -6.52 -36.27 -25.92
N LEU A 242 -7.50 -35.57 -26.51
CA LEU A 242 -8.77 -36.19 -26.83
C LEU A 242 -8.67 -37.14 -28.03
N THR A 243 -7.80 -36.83 -28.99
CA THR A 243 -7.67 -37.67 -30.18
C THR A 243 -7.14 -39.05 -29.82
N GLU A 244 -6.14 -39.12 -28.94
CA GLU A 244 -5.55 -40.41 -28.58
C GLU A 244 -6.50 -41.25 -27.73
N LYS A 245 -7.34 -40.60 -26.92
CA LYS A 245 -8.27 -41.34 -26.07
C LYS A 245 -9.37 -42.04 -26.88
N THR A 246 -9.57 -41.65 -28.15
CA THR A 246 -10.53 -42.32 -29.00
C THR A 246 -9.99 -43.62 -29.59
N HIS A 247 -8.68 -43.86 -29.47
CA HIS A 247 -8.06 -45.10 -29.94
C HIS A 247 -7.57 -45.97 -28.79
N ASP A 248 -8.17 -45.82 -27.61
CA ASP A 248 -7.77 -46.57 -26.41
C ASP A 248 -6.31 -46.35 -26.07
N LEU A 249 -5.83 -45.12 -26.27
CA LEU A 249 -4.46 -44.74 -25.94
C LEU A 249 -4.51 -43.60 -24.92
N TYR A 250 -3.89 -43.82 -23.77
CA TYR A 250 -3.83 -42.83 -22.70
C TYR A 250 -2.40 -42.37 -22.51
N ARG A 251 -2.22 -41.06 -22.30
CA ARG A 251 -0.90 -40.47 -22.30
C ARG A 251 -0.21 -40.63 -20.94
N GLY A 252 -0.81 -40.10 -19.90
CA GLY A 252 -0.20 -40.13 -18.58
C GLY A 252 0.26 -38.76 -18.14
N GLU A 253 0.38 -38.59 -16.83
CA GLU A 253 0.70 -37.30 -16.20
C GLU A 253 2.15 -36.88 -16.38
N ASP A 254 2.97 -37.54 -17.19
CA ASP A 254 4.37 -37.16 -17.33
C ASP A 254 4.82 -36.89 -18.76
N ASP A 255 3.91 -36.95 -19.74
CA ASP A 255 4.24 -36.68 -21.14
C ASP A 255 3.22 -35.69 -21.69
N HIS A 256 3.46 -34.40 -21.47
CA HIS A 256 2.57 -33.34 -21.93
C HIS A 256 3.37 -32.17 -22.50
N THR A 257 4.38 -32.48 -23.31
CA THR A 257 5.29 -31.45 -23.80
C THR A 257 4.59 -30.50 -24.78
N GLU A 258 3.82 -31.05 -25.71
CA GLU A 258 3.26 -30.23 -26.79
C GLU A 258 2.32 -29.16 -26.25
N VAL A 259 1.36 -29.55 -25.41
CA VAL A 259 0.39 -28.58 -24.90
C VAL A 259 1.06 -27.57 -23.97
N GLU A 260 2.06 -28.01 -23.20
CA GLU A 260 2.78 -27.09 -22.32
C GLU A 260 3.52 -26.03 -23.13
N LEU A 261 4.22 -26.45 -24.19
CA LEU A 261 4.91 -25.49 -25.05
C LEU A 261 3.93 -24.57 -25.75
N LEU A 262 2.76 -25.10 -26.13
CA LEU A 262 1.75 -24.26 -26.76
C LEU A 262 1.25 -23.18 -25.80
N LEU A 263 1.01 -23.55 -24.53
CA LEU A 263 0.41 -22.62 -23.58
C LEU A 263 1.40 -21.59 -23.05
N GLU A 264 2.68 -21.97 -22.92
CA GLU A 264 3.67 -21.06 -22.31
C GLU A 264 3.82 -19.77 -23.11
N SER A 265 3.79 -19.88 -24.45
CA SER A 265 3.98 -18.69 -25.28
C SER A 265 2.89 -17.66 -25.03
N TYR A 266 1.63 -18.10 -25.01
CA TYR A 266 0.53 -17.17 -24.78
C TYR A 266 0.52 -16.68 -23.33
N HIS A 267 0.98 -17.50 -22.39
CA HIS A 267 1.13 -17.03 -21.02
C HIS A 267 2.10 -15.86 -20.96
N LYS A 268 3.25 -15.97 -21.63
CA LYS A 268 4.21 -14.88 -21.66
C LYS A 268 3.65 -13.67 -22.40
N LEU A 269 2.89 -13.91 -23.47
CA LEU A 269 2.29 -12.81 -24.22
C LEU A 269 1.34 -12.00 -23.34
N CYS A 270 0.55 -12.68 -22.51
CA CYS A 270 -0.33 -11.98 -21.59
C CYS A 270 0.46 -11.28 -20.47
N ASP A 271 1.54 -11.92 -20.00
CA ASP A 271 2.35 -11.33 -18.95
C ASP A 271 2.98 -10.01 -19.40
N GLU A 272 3.38 -9.93 -20.67
CA GLU A 272 3.98 -8.69 -21.17
C GLU A 272 2.98 -7.53 -21.10
N VAL A 273 1.74 -7.76 -21.53
CA VAL A 273 0.72 -6.71 -21.47
C VAL A 273 0.41 -6.35 -20.03
N VAL A 274 0.40 -7.35 -19.13
CA VAL A 274 0.19 -7.07 -17.71
C VAL A 274 1.27 -6.14 -17.18
N GLN A 275 2.53 -6.41 -17.53
CA GLN A 275 3.62 -5.56 -17.07
C GLN A 275 3.51 -4.15 -17.63
N GLU A 276 3.13 -4.03 -18.90
CA GLU A 276 2.95 -2.69 -19.50
C GLU A 276 1.85 -1.91 -18.78
N ALA A 277 0.73 -2.56 -18.49
CA ALA A 277 -0.35 -1.90 -17.78
C ALA A 277 0.09 -1.48 -16.38
N SER A 278 0.86 -2.34 -15.69
CA SER A 278 1.35 -1.99 -14.37
C SER A 278 2.26 -0.76 -14.42
N ASN A 279 3.14 -0.70 -15.43
CA ASN A 279 4.01 0.46 -15.58
C ASN A 279 3.20 1.72 -15.82
N LEU A 280 2.16 1.64 -16.66
CA LEU A 280 1.32 2.80 -16.92
C LEU A 280 0.63 3.27 -15.64
N VAL A 281 0.11 2.33 -14.85
CA VAL A 281 -0.55 2.68 -13.60
C VAL A 281 0.42 3.37 -12.64
N SER A 282 1.65 2.85 -12.55
CA SER A 282 2.65 3.46 -11.69
C SER A 282 2.97 4.89 -12.14
N SER A 283 3.10 5.10 -13.44
CA SER A 283 3.36 6.44 -13.95
C SER A 283 2.21 7.40 -13.60
N ILE A 284 0.97 6.94 -13.76
CA ILE A 284 -0.18 7.78 -13.41
C ILE A 284 -0.16 8.14 -11.93
N ARG A 285 0.13 7.15 -11.07
CA ARG A 285 0.17 7.42 -9.64
C ARG A 285 1.25 8.44 -9.29
N ASN A 286 2.43 8.30 -9.88
CA ASN A 286 3.51 9.25 -9.61
C ASN A 286 3.12 10.66 -10.06
N THR A 287 2.52 10.78 -11.24
CA THR A 287 2.11 12.09 -11.73
C THR A 287 1.09 12.74 -10.80
N GLU A 288 0.10 11.97 -10.34
CA GLU A 288 -0.90 12.50 -9.42
C GLU A 288 -0.26 12.95 -8.11
N GLU A 289 0.61 12.10 -7.54
CA GLU A 289 1.26 12.45 -6.28
C GLU A 289 2.16 13.67 -6.41
N ILE A 290 2.69 13.94 -7.61
CA ILE A 290 3.52 15.13 -7.77
C ILE A 290 2.67 16.38 -7.96
N ILE A 291 1.61 16.31 -8.77
CA ILE A 291 0.79 17.50 -8.98
C ILE A 291 0.07 17.89 -7.70
N ARG A 292 -0.25 16.92 -6.83
CA ARG A 292 -0.88 17.23 -5.55
C ARG A 292 -0.02 18.18 -4.72
N ALA A 293 1.30 17.97 -4.70
CA ALA A 293 2.19 18.86 -4.00
C ALA A 293 2.50 20.13 -4.79
N ILE A 294 2.45 20.05 -6.13
CA ILE A 294 2.65 21.24 -6.95
C ILE A 294 1.59 22.30 -6.64
N LEU A 295 0.35 21.86 -6.42
CA LEU A 295 -0.72 22.80 -6.10
C LEU A 295 -0.39 23.61 -4.84
N ASP A 296 -0.03 22.92 -3.75
CA ASP A 296 0.30 23.61 -2.51
C ASP A 296 1.58 24.41 -2.64
N ALA A 297 2.50 23.98 -3.51
CA ALA A 297 3.72 24.75 -3.73
C ALA A 297 3.41 26.09 -4.38
N ASN A 298 2.51 26.11 -5.35
CA ASN A 298 2.19 27.35 -6.05
C ASN A 298 1.17 28.22 -5.32
N ARG A 299 0.45 27.66 -4.34
CA ARG A 299 -0.48 28.50 -3.56
C ARG A 299 0.27 29.48 -2.66
N ASN A 300 1.42 29.07 -2.13
CA ASN A 300 2.15 29.91 -1.18
C ASN A 300 2.63 31.21 -1.82
N SER A 301 2.81 31.22 -3.14
CA SER A 301 3.22 32.47 -3.80
C SER A 301 2.16 33.55 -3.65
N LEU A 302 0.90 33.21 -3.95
CA LEU A 302 -0.19 34.17 -3.75
C LEU A 302 -0.37 34.48 -2.27
N MET A 303 -0.25 33.47 -1.41
CA MET A 303 -0.39 33.71 0.02
C MET A 303 0.62 34.73 0.52
N LEU A 304 1.86 34.68 0.01
CA LEU A 304 2.88 35.65 0.38
C LEU A 304 2.66 37.00 -0.30
N LEU A 305 2.15 37.00 -1.53
CA LEU A 305 1.93 38.26 -2.24
C LEU A 305 0.84 39.09 -1.60
N ASP A 306 -0.16 38.45 -0.98
CA ASP A 306 -1.24 39.22 -0.35
C ASP A 306 -0.74 40.07 0.80
N LEU A 307 0.30 39.62 1.50
CA LEU A 307 0.76 40.33 2.69
C LEU A 307 1.35 41.69 2.36
N LYS A 308 2.00 41.83 1.20
CA LYS A 308 2.54 43.13 0.81
C LYS A 308 1.42 44.15 0.61
N PHE A 309 0.33 43.74 -0.05
CA PHE A 309 -0.83 44.62 -0.19
C PHE A 309 -1.44 44.94 1.17
N SER A 310 -1.48 43.95 2.07
CA SER A 310 -2.00 44.21 3.41
C SER A 310 -1.16 45.26 4.13
N ILE A 311 0.16 45.16 4.02
CA ILE A 311 1.05 46.14 4.66
C ILE A 311 0.87 47.52 4.04
N GLY A 312 0.71 47.57 2.71
CA GLY A 312 0.47 48.86 2.07
C GLY A 312 -0.82 49.51 2.53
N THR A 313 -1.89 48.71 2.65
CA THR A 313 -3.15 49.25 3.14
C THR A 313 -3.02 49.72 4.58
N LEU A 314 -2.28 48.98 5.41
CA LEU A 314 -2.08 49.40 6.79
C LEU A 314 -1.33 50.74 6.86
N GLY A 315 -0.29 50.89 6.03
CA GLY A 315 0.43 52.16 6.00
C GLY A 315 -0.42 53.31 5.53
N LEU A 316 -1.24 53.07 4.49
CA LEU A 316 -2.13 54.12 3.99
C LEU A 316 -3.15 54.52 5.06
N ALA A 317 -3.69 53.54 5.79
CA ALA A 317 -4.62 53.86 6.87
C ALA A 317 -3.94 54.65 7.98
N MET A 318 -2.69 54.29 8.31
CA MET A 318 -1.95 55.02 9.34
C MET A 318 -1.74 56.47 8.91
N GLY A 319 -1.40 56.69 7.64
CA GLY A 319 -1.26 58.06 7.17
C GLY A 319 -2.58 58.82 7.15
N THR A 320 -3.66 58.15 6.73
CA THR A 320 -4.96 58.80 6.65
C THR A 320 -5.49 59.18 8.02
N PHE A 321 -5.16 58.41 9.07
CA PHE A 321 -5.58 58.77 10.41
C PHE A 321 -5.04 60.14 10.82
N LEU A 322 -3.74 60.36 10.63
CA LEU A 322 -3.17 61.65 10.96
C LEU A 322 -3.63 62.74 10.00
N ALA A 323 -3.86 62.38 8.73
CA ALA A 323 -4.39 63.36 7.79
C ALA A 323 -5.77 63.86 8.20
N GLY A 324 -6.62 62.96 8.72
CA GLY A 324 -7.95 63.35 9.14
C GLY A 324 -8.03 63.90 10.56
N LEU A 325 -6.98 63.69 11.37
CA LEU A 325 -6.97 64.28 12.70
C LEU A 325 -7.04 65.80 12.65
N TYR A 326 -6.38 66.42 11.67
CA TYR A 326 -6.36 67.87 11.55
C TYR A 326 -7.56 68.42 10.78
N GLY A 327 -8.45 67.55 10.30
CA GLY A 327 -9.66 67.99 9.63
C GLY A 327 -10.84 68.25 10.54
N MET A 328 -10.67 68.04 11.85
CA MET A 328 -11.76 68.28 12.78
C MET A 328 -12.00 69.78 12.97
N ASN A 329 -13.25 70.14 13.26
CA ASN A 329 -13.62 71.53 13.48
C ASN A 329 -13.32 71.92 14.94
N LEU A 330 -12.01 72.00 15.22
CA LEU A 330 -11.53 72.36 16.55
C LEU A 330 -10.40 73.37 16.39
N GLU A 331 -9.73 73.68 17.49
CA GLU A 331 -8.64 74.65 17.50
C GLU A 331 -7.32 73.90 17.43
N ASN A 332 -6.58 74.11 16.33
CA ASN A 332 -5.28 73.48 16.13
C ASN A 332 -4.11 74.41 16.37
N PHE A 333 -4.36 75.72 16.55
CA PHE A 333 -3.38 76.74 16.89
C PHE A 333 -2.39 77.03 15.77
N ILE A 334 -2.45 76.31 14.65
CA ILE A 334 -1.52 76.52 13.55
C ILE A 334 -2.29 76.66 12.25
N GLU A 335 -3.57 77.04 12.35
CA GLU A 335 -4.40 77.17 11.15
C GLU A 335 -3.97 78.36 10.30
N GLU A 336 -3.56 79.47 10.92
CA GLU A 336 -3.18 80.67 10.19
C GLU A 336 -1.70 80.73 9.84
N THR A 337 -0.91 79.74 10.25
CA THR A 337 0.50 79.72 9.93
C THR A 337 0.71 79.36 8.46
N ASN A 338 1.92 79.65 7.97
CA ASN A 338 2.29 79.36 6.58
C ASN A 338 3.20 78.15 6.46
N TRP A 339 3.25 77.31 7.49
CA TRP A 339 4.10 76.12 7.47
C TRP A 339 3.41 74.86 7.96
N GLY A 340 2.18 74.94 8.47
CA GLY A 340 1.55 73.75 9.03
C GLY A 340 1.20 72.70 8.00
N PHE A 341 0.74 73.14 6.82
CA PHE A 341 0.28 72.19 5.81
C PHE A 341 1.40 71.27 5.35
N GLY A 342 2.53 71.85 4.94
CA GLY A 342 3.64 71.05 4.48
C GLY A 342 4.23 70.17 5.57
N ALA A 343 4.30 70.70 6.79
CA ALA A 343 4.84 69.92 7.90
C ALA A 343 3.96 68.71 8.20
N ILE A 344 2.63 68.90 8.21
CA ILE A 344 1.73 67.79 8.49
C ILE A 344 1.76 66.77 7.36
N THR A 345 1.81 67.24 6.11
CA THR A 345 1.89 66.32 4.98
C THR A 345 3.17 65.49 5.05
N GLY A 346 4.30 66.15 5.34
CA GLY A 346 5.55 65.41 5.46
C GLY A 346 5.56 64.42 6.60
N LEU A 347 4.98 64.81 7.74
CA LEU A 347 4.92 63.90 8.88
C LEU A 347 4.06 62.68 8.55
N SER A 348 2.92 62.88 7.91
CA SER A 348 2.07 61.76 7.53
C SER A 348 2.77 60.85 6.54
N THR A 349 3.44 61.43 5.53
CA THR A 349 4.16 60.61 4.55
C THR A 349 5.28 59.82 5.20
N LEU A 350 6.03 60.46 6.11
CA LEU A 350 7.13 59.76 6.78
C LEU A 350 6.60 58.64 7.67
N LEU A 351 5.49 58.87 8.37
CA LEU A 351 4.92 57.81 9.21
C LEU A 351 4.47 56.64 8.35
N SER A 352 3.79 56.92 7.23
CA SER A 352 3.38 55.83 6.34
C SER A 352 4.59 55.06 5.83
N LEU A 353 5.64 55.77 5.42
CA LEU A 353 6.83 55.11 4.89
C LEU A 353 7.50 54.24 5.94
N VAL A 354 7.62 54.74 7.17
CA VAL A 354 8.34 53.98 8.20
C VAL A 354 7.52 52.77 8.63
N VAL A 355 6.18 52.90 8.71
CA VAL A 355 5.39 51.73 9.09
C VAL A 355 5.41 50.69 7.98
N CYS A 356 5.38 51.13 6.71
CA CYS A 356 5.49 50.17 5.60
C CYS A 356 6.85 49.48 5.61
N TRP A 357 7.92 50.23 5.88
CA TRP A 357 9.26 49.64 5.93
C TRP A 357 9.37 48.63 7.07
N TYR A 358 8.82 48.97 8.24
CA TYR A 358 8.84 48.03 9.36
C TYR A 358 8.05 46.77 9.04
N GLY A 359 6.89 46.91 8.40
CA GLY A 359 6.11 45.75 8.01
C GLY A 359 6.85 44.87 7.03
N LEU A 360 7.49 45.48 6.03
CA LEU A 360 8.24 44.70 5.05
C LEU A 360 9.43 43.99 5.70
N ALA A 361 10.12 44.67 6.62
CA ALA A 361 11.24 44.04 7.32
C ALA A 361 10.77 42.87 8.17
N LYS A 362 9.66 43.03 8.88
CA LYS A 362 9.13 41.93 9.68
C LYS A 362 8.71 40.77 8.80
N LEU A 363 8.09 41.05 7.65
CA LEU A 363 7.71 39.99 6.73
C LEU A 363 8.93 39.25 6.20
N ARG A 364 9.98 39.99 5.85
CA ARG A 364 11.20 39.34 5.36
C ARG A 364 11.85 38.49 6.44
N LYS A 365 11.84 38.98 7.68
CA LYS A 365 12.38 38.19 8.79
C LYS A 365 11.57 36.92 9.01
N VAL A 366 10.24 37.01 8.93
CA VAL A 366 9.39 35.84 9.16
C VAL A 366 9.57 34.82 8.04
N GLN A 367 9.55 35.27 6.79
CA GLN A 367 9.65 34.34 5.66
C GLN A 367 11.06 33.76 5.49
N ARG A 368 12.05 34.32 6.18
CA ARG A 368 13.42 33.81 6.08
C ARG A 368 13.53 32.39 6.63
N PRO B 52 10.34 -10.48 -42.69
CA PRO B 52 10.80 -11.83 -43.05
C PRO B 52 12.32 -11.95 -43.07
N ARG B 53 13.01 -10.86 -42.70
CA ARG B 53 14.46 -10.83 -42.68
C ARG B 53 14.94 -10.25 -41.36
N LEU B 54 16.10 -10.71 -40.91
CA LEU B 54 16.72 -10.22 -39.68
C LEU B 54 18.20 -9.98 -39.91
N ARG B 55 18.76 -9.02 -39.17
CA ARG B 55 20.19 -8.77 -39.19
C ARG B 55 20.88 -9.74 -38.24
N CYS B 56 21.85 -10.48 -38.76
CA CYS B 56 22.46 -11.59 -38.04
C CYS B 56 23.97 -11.51 -38.07
N THR B 57 24.58 -11.86 -36.94
CA THR B 57 26.02 -12.03 -36.80
C THR B 57 26.27 -13.47 -36.36
N GLU B 58 27.18 -14.15 -37.06
CA GLU B 58 27.39 -15.58 -36.88
C GLU B 58 28.82 -15.86 -36.43
N VAL B 59 28.96 -16.78 -35.48
CA VAL B 59 30.25 -17.25 -35.01
C VAL B 59 30.24 -18.78 -35.04
N ASP B 60 31.27 -19.37 -35.64
CA ASP B 60 31.35 -20.82 -35.76
C ASP B 60 31.90 -21.42 -34.47
N GLY B 61 32.25 -22.71 -34.51
CA GLY B 61 32.73 -23.40 -33.32
C GLY B 61 34.14 -23.08 -32.91
N ASN B 62 34.92 -22.43 -33.77
CA ASN B 62 36.28 -22.06 -33.45
C ASN B 62 36.42 -20.64 -32.94
N GLY B 63 35.30 -19.93 -32.75
CA GLY B 63 35.35 -18.57 -32.26
C GLY B 63 35.71 -17.53 -33.29
N ASN B 64 35.60 -17.86 -34.57
CA ASN B 64 35.93 -16.94 -35.66
C ASN B 64 34.66 -16.38 -36.28
N VAL B 65 34.61 -15.07 -36.46
CA VAL B 65 33.43 -14.44 -37.05
C VAL B 65 33.45 -14.64 -38.56
N ILE B 66 32.35 -15.15 -39.11
CA ILE B 66 32.20 -15.36 -40.54
C ILE B 66 31.12 -14.49 -41.14
N MET B 67 30.38 -13.73 -40.32
CA MET B 67 29.33 -12.85 -40.79
C MET B 67 29.16 -11.73 -39.77
N VAL B 68 29.14 -10.49 -40.26
CA VAL B 68 29.09 -9.34 -39.37
C VAL B 68 27.66 -8.84 -39.24
N ASP B 69 27.07 -8.40 -40.34
CA ASP B 69 25.72 -7.84 -40.37
C ASP B 69 24.92 -8.43 -41.52
N GLY B 70 24.97 -9.75 -41.66
CA GLY B 70 24.30 -10.42 -42.76
C GLY B 70 22.79 -10.41 -42.60
N GLU B 71 22.12 -10.82 -43.67
CA GLU B 71 20.66 -10.93 -43.67
C GLU B 71 20.27 -12.41 -43.62
N LEU B 72 19.33 -12.72 -42.74
CA LEU B 72 18.89 -14.09 -42.54
C LEU B 72 17.37 -14.17 -42.60
N LYS B 73 16.86 -15.14 -43.34
CA LYS B 73 15.43 -15.39 -43.44
C LYS B 73 15.02 -16.28 -42.28
N LYS B 74 13.88 -15.96 -41.66
CA LYS B 74 13.44 -16.68 -40.47
C LYS B 74 13.05 -18.13 -40.76
N SER B 75 12.93 -18.49 -42.03
CA SER B 75 12.62 -19.87 -42.38
C SER B 75 13.78 -20.80 -42.05
N GLU B 76 15.02 -20.35 -42.22
CA GLU B 76 16.16 -21.20 -41.91
C GLU B 76 16.27 -21.49 -40.42
N LEU B 77 15.72 -20.61 -39.57
CA LEU B 77 15.72 -20.86 -38.14
C LEU B 77 14.90 -22.11 -37.82
N ILE B 78 13.74 -22.28 -38.46
CA ILE B 78 12.98 -23.52 -38.30
C ILE B 78 13.66 -24.66 -39.03
N ALA B 79 14.30 -24.37 -40.17
CA ALA B 79 14.85 -25.43 -41.01
C ALA B 79 16.01 -26.15 -40.34
N LYS B 80 16.99 -25.40 -39.82
CA LYS B 80 18.21 -26.03 -39.33
C LYS B 80 18.69 -25.44 -38.00
N TYR B 81 17.76 -25.09 -37.11
CA TYR B 81 18.16 -24.63 -35.79
C TYR B 81 17.27 -25.16 -34.68
N GLY B 82 16.33 -26.05 -34.98
CA GLY B 82 15.53 -26.68 -33.94
C GLY B 82 14.48 -25.80 -33.30
N LEU B 83 14.06 -24.73 -33.96
CA LEU B 83 13.04 -23.85 -33.41
C LEU B 83 11.66 -24.24 -33.92
N LEU B 84 10.63 -23.67 -33.27
CA LEU B 84 9.24 -23.91 -33.61
C LEU B 84 8.65 -22.70 -34.35
N PRO B 85 7.66 -22.92 -35.21
CA PRO B 85 7.06 -21.80 -35.96
C PRO B 85 6.44 -20.73 -35.07
N ARG B 86 5.98 -21.09 -33.87
CA ARG B 86 5.34 -20.12 -32.99
C ARG B 86 6.32 -19.27 -32.20
N ASP B 87 7.61 -19.63 -32.19
CA ASP B 87 8.60 -18.85 -31.46
C ASP B 87 9.13 -17.67 -32.24
N LEU B 88 8.93 -17.64 -33.57
CA LEU B 88 9.51 -16.58 -34.39
C LEU B 88 8.98 -15.21 -33.99
N ARG B 89 7.69 -15.13 -33.63
CA ARG B 89 7.13 -13.85 -33.22
C ARG B 89 7.77 -13.33 -31.93
N LYS B 90 8.37 -14.21 -31.13
CA LYS B 90 9.12 -13.74 -29.97
C LYS B 90 10.46 -13.13 -30.38
N ILE B 91 11.05 -13.63 -31.46
CA ILE B 91 12.33 -13.10 -31.93
C ILE B 91 12.15 -11.73 -32.57
N ASP B 92 11.03 -11.52 -33.26
CA ASP B 92 10.84 -10.29 -34.02
C ASP B 92 10.75 -9.07 -33.11
N SER B 93 9.76 -9.05 -32.22
CA SER B 93 9.54 -7.91 -31.34
C SER B 93 9.02 -8.41 -30.00
N SER B 94 9.86 -8.33 -28.96
CA SER B 94 9.45 -8.70 -27.62
C SER B 94 10.38 -8.01 -26.63
N ASN B 95 9.79 -7.34 -25.64
CA ASN B 95 10.55 -6.64 -24.61
C ASN B 95 10.54 -7.38 -23.28
N LEU B 96 10.16 -8.65 -23.29
CA LEU B 96 10.13 -9.46 -22.08
C LEU B 96 11.35 -10.36 -22.04
N PRO B 97 12.27 -10.16 -21.09
CA PRO B 97 13.46 -11.02 -21.03
C PRO B 97 13.09 -12.46 -20.71
N HIS B 98 13.68 -13.40 -21.44
CA HIS B 98 13.37 -14.80 -21.24
C HIS B 98 14.49 -15.67 -21.78
N ILE B 99 14.50 -16.92 -21.33
CA ILE B 99 15.44 -17.94 -21.79
C ILE B 99 14.64 -19.20 -22.10
N LEU B 100 14.73 -19.67 -23.34
CA LEU B 100 14.03 -20.86 -23.80
C LEU B 100 15.03 -21.96 -24.11
N VAL B 101 14.74 -23.17 -23.63
CA VAL B 101 15.61 -24.32 -23.80
C VAL B 101 14.95 -25.26 -24.80
N ARG B 102 15.63 -25.52 -25.91
CA ARG B 102 15.19 -26.42 -26.95
C ARG B 102 16.03 -27.68 -26.96
N PRO B 103 15.57 -28.74 -27.63
CA PRO B 103 16.37 -29.98 -27.65
C PRO B 103 17.76 -29.81 -28.26
N SER B 104 17.97 -28.82 -29.13
CA SER B 104 19.28 -28.63 -29.74
C SER B 104 19.71 -27.16 -29.80
N ALA B 105 19.01 -26.25 -29.13
CA ALA B 105 19.37 -24.85 -29.17
C ALA B 105 18.89 -24.16 -27.90
N ILE B 106 19.46 -22.99 -27.64
CA ILE B 106 19.07 -22.15 -26.51
C ILE B 106 18.81 -20.75 -27.03
N LEU B 107 17.65 -20.19 -26.67
CA LEU B 107 17.26 -18.85 -27.11
C LEU B 107 17.28 -17.92 -25.92
N ILE B 108 17.99 -16.80 -26.04
CA ILE B 108 18.12 -15.83 -24.96
C ILE B 108 17.66 -14.47 -25.46
N ASN B 109 16.74 -13.85 -24.73
CA ASN B 109 16.29 -12.49 -25.02
C ASN B 109 16.44 -11.68 -23.74
N LEU B 110 17.56 -10.98 -23.61
CA LEU B 110 17.87 -10.23 -22.39
C LEU B 110 18.26 -8.81 -22.78
N LEU B 111 17.33 -7.87 -22.56
CA LEU B 111 17.57 -6.45 -22.81
C LEU B 111 18.01 -6.19 -24.24
N HIS B 112 19.32 -5.99 -24.43
CA HIS B 112 19.88 -5.64 -25.74
C HIS B 112 20.49 -6.84 -26.45
N LEU B 113 20.24 -8.05 -25.98
CA LEU B 113 20.83 -9.25 -26.56
C LEU B 113 19.74 -10.22 -26.99
N LYS B 114 19.80 -10.61 -28.26
CA LYS B 114 18.92 -11.65 -28.83
C LYS B 114 19.85 -12.69 -29.43
N VAL B 115 20.06 -13.79 -28.70
CA VAL B 115 21.12 -14.74 -29.00
C VAL B 115 20.53 -16.14 -29.15
N LEU B 116 21.07 -16.90 -30.11
CA LEU B 116 20.79 -18.32 -30.28
C LEU B 116 22.09 -19.08 -30.13
N ILE B 117 22.14 -19.98 -29.16
CA ILE B 117 23.36 -20.70 -28.81
C ILE B 117 23.17 -22.18 -29.10
N LYS B 118 24.12 -22.77 -29.83
CA LYS B 118 24.17 -24.20 -30.09
C LYS B 118 25.51 -24.72 -29.61
N HIS B 119 25.75 -26.01 -29.85
CA HIS B 119 27.01 -26.61 -29.41
C HIS B 119 28.17 -26.32 -30.35
N ASP B 120 27.90 -25.76 -31.54
CA ASP B 120 28.95 -25.42 -32.48
C ASP B 120 28.75 -24.08 -33.18
N ARG B 121 27.75 -23.30 -32.81
CA ARG B 121 27.48 -22.05 -33.51
C ARG B 121 26.76 -21.09 -32.58
N VAL B 122 26.99 -19.80 -32.81
CA VAL B 122 26.35 -18.73 -32.03
C VAL B 122 25.83 -17.68 -33.00
N LEU B 123 24.59 -17.27 -32.81
CA LEU B 123 23.95 -16.26 -33.64
C LEU B 123 23.46 -15.11 -32.78
N LEU B 124 23.72 -13.88 -33.22
CA LEU B 124 23.17 -12.68 -32.60
C LEU B 124 22.31 -11.98 -33.63
N PHE B 125 21.02 -11.85 -33.35
CA PHE B 125 20.09 -11.33 -34.35
C PHE B 125 19.34 -10.13 -33.82
N ASP B 126 18.86 -9.31 -34.75
CA ASP B 126 18.10 -8.11 -34.44
C ASP B 126 17.34 -7.70 -35.70
N VAL B 127 16.69 -6.53 -35.65
CA VAL B 127 15.89 -6.06 -36.77
C VAL B 127 16.76 -5.89 -38.01
N TYR B 128 16.16 -6.08 -39.18
CA TYR B 128 16.91 -6.04 -40.44
C TYR B 128 17.55 -4.68 -40.66
N GLY B 129 16.79 -3.62 -40.49
CA GLY B 129 17.33 -2.28 -40.66
C GLY B 129 17.83 -1.68 -39.36
N SER B 130 19.13 -1.81 -39.11
CA SER B 130 19.77 -1.33 -37.89
C SER B 130 21.26 -1.53 -38.01
N THR B 131 21.99 -1.08 -36.98
CA THR B 131 23.43 -1.27 -36.92
C THR B 131 23.80 -1.72 -35.51
N SER B 132 24.92 -2.45 -35.41
CA SER B 132 25.37 -2.94 -34.12
C SER B 132 25.77 -1.78 -33.22
N SER B 133 25.29 -1.81 -31.98
CA SER B 133 25.59 -0.77 -31.02
C SER B 133 26.92 -1.04 -30.33
N TYR B 134 27.37 -0.07 -29.53
CA TYR B 134 28.63 -0.25 -28.80
C TYR B 134 28.55 -1.39 -27.79
N PRO B 135 27.50 -1.51 -26.95
CA PRO B 135 27.42 -2.69 -26.08
C PRO B 135 27.40 -4.01 -26.83
N GLN B 136 26.72 -4.05 -27.98
CA GLN B 136 26.69 -5.27 -28.77
C GLN B 136 28.07 -5.61 -29.32
N SER B 137 28.81 -4.59 -29.78
CA SER B 137 30.16 -4.84 -30.29
C SER B 137 31.09 -5.29 -29.17
N ALA B 138 30.98 -4.69 -27.99
CA ALA B 138 31.80 -5.11 -26.85
C ALA B 138 31.47 -6.55 -26.46
N PHE B 139 30.19 -6.91 -26.42
CA PHE B 139 29.80 -8.27 -26.11
C PHE B 139 30.34 -9.24 -27.16
N MET B 140 30.26 -8.87 -28.44
CA MET B 140 30.78 -9.74 -29.49
C MET B 140 32.29 -9.94 -29.36
N TYR B 141 33.02 -8.87 -29.06
CA TYR B 141 34.46 -8.98 -28.88
C TYR B 141 34.80 -9.88 -27.70
N ASP B 142 34.10 -9.69 -26.57
CA ASP B 142 34.36 -10.52 -25.40
C ASP B 142 34.03 -11.98 -25.67
N LEU B 143 32.92 -12.24 -26.36
CA LEU B 143 32.53 -13.61 -26.67
C LEU B 143 33.54 -14.27 -27.59
N GLN B 144 34.00 -13.55 -28.62
CA GLN B 144 35.02 -14.10 -29.51
C GLN B 144 36.30 -14.39 -28.76
N GLY B 145 36.74 -13.48 -27.89
CA GLY B 145 37.95 -13.70 -27.13
C GLY B 145 37.85 -14.89 -26.20
N LYS B 146 36.69 -15.07 -25.56
CA LYS B 146 36.53 -16.21 -24.66
C LYS B 146 36.39 -17.52 -25.41
N LEU B 147 35.79 -17.49 -26.61
CA LEU B 147 35.62 -18.72 -27.38
C LEU B 147 36.92 -19.18 -28.03
N GLN B 148 37.73 -18.25 -28.52
CA GLN B 148 38.96 -18.62 -29.21
C GLN B 148 40.13 -18.87 -28.25
N GLN B 149 39.86 -19.02 -26.95
CA GLN B 149 40.93 -19.32 -26.01
C GLN B 149 41.55 -20.68 -26.28
N LYS B 150 40.73 -21.67 -26.63
CA LYS B 150 41.18 -23.04 -26.91
C LYS B 150 41.89 -23.64 -25.70
N GLN B 151 41.47 -23.27 -24.50
CA GLN B 151 42.12 -23.76 -23.30
C GLN B 151 41.68 -25.20 -22.99
N THR B 152 42.55 -25.93 -22.31
CA THR B 152 42.29 -27.31 -21.89
C THR B 152 42.62 -27.40 -20.41
N GLY B 153 41.63 -27.13 -19.56
CA GLY B 153 41.80 -27.16 -18.13
C GLY B 153 41.58 -28.53 -17.54
N GLY B 154 41.31 -28.56 -16.25
CA GLY B 154 41.06 -29.80 -15.55
C GLY B 154 39.62 -29.98 -15.11
N ALA B 155 39.36 -29.78 -13.82
CA ALA B 155 38.01 -29.97 -13.30
C ALA B 155 37.09 -28.81 -13.66
N ASN B 156 37.63 -27.60 -13.80
CA ASN B 156 36.82 -26.41 -14.05
C ASN B 156 36.72 -26.06 -15.54
N SER B 157 36.77 -27.06 -16.41
CA SER B 157 36.61 -26.81 -17.84
C SER B 157 35.14 -26.69 -18.21
N LEU B 158 34.83 -25.72 -19.06
CA LEU B 158 33.45 -25.48 -19.46
C LEU B 158 33.28 -25.65 -20.96
N PRO B 159 32.12 -26.12 -21.40
CA PRO B 159 31.88 -26.33 -22.83
C PRO B 159 31.59 -25.02 -23.55
N TYR B 160 31.24 -25.14 -24.83
CA TYR B 160 31.02 -23.97 -25.67
C TYR B 160 29.81 -23.16 -25.22
N GLU B 161 28.68 -23.84 -25.02
CA GLU B 161 27.44 -23.14 -24.68
C GLU B 161 27.53 -22.46 -23.33
N PHE B 162 28.16 -23.12 -22.35
CA PHE B 162 28.30 -22.50 -21.03
C PHE B 162 29.23 -21.29 -21.10
N ARG B 163 30.30 -21.38 -21.90
CA ARG B 163 31.19 -20.23 -22.05
C ARG B 163 30.49 -19.06 -22.75
N ALA B 164 29.56 -19.35 -23.66
CA ALA B 164 28.79 -18.27 -24.27
C ALA B 164 27.78 -17.67 -23.30
N LEU B 165 27.10 -18.53 -22.54
CA LEU B 165 26.10 -18.05 -21.58
C LEU B 165 26.74 -17.20 -20.48
N GLU B 166 27.93 -17.59 -20.04
CA GLU B 166 28.63 -16.81 -19.02
C GLU B 166 28.92 -15.40 -19.51
N ALA B 167 29.40 -15.28 -20.76
CA ALA B 167 29.67 -13.96 -21.32
C ALA B 167 28.39 -13.15 -21.48
N VAL B 168 27.31 -13.80 -21.92
CA VAL B 168 26.03 -13.10 -22.07
C VAL B 168 25.57 -12.54 -20.72
N LEU B 169 25.62 -13.36 -19.69
CA LEU B 169 25.17 -12.94 -18.36
C LEU B 169 26.07 -11.84 -17.81
N MET B 170 27.37 -11.94 -18.01
CA MET B 170 28.28 -10.89 -17.55
C MET B 170 27.99 -9.56 -18.24
N SER B 171 27.75 -9.60 -19.55
CA SER B 171 27.42 -8.37 -20.28
C SER B 171 26.12 -7.76 -19.77
N VAL B 172 25.10 -8.60 -19.54
CA VAL B 172 23.83 -8.09 -19.05
C VAL B 172 23.99 -7.45 -17.67
N THR B 173 24.72 -8.12 -16.77
CA THR B 173 24.92 -7.58 -15.43
C THR B 173 25.72 -6.28 -15.47
N ALA B 174 26.75 -6.22 -16.32
CA ALA B 174 27.53 -4.98 -16.44
C ALA B 174 26.67 -3.84 -16.94
N GLU B 175 25.82 -4.10 -17.93
CA GLU B 175 24.94 -3.05 -18.45
C GLU B 175 23.94 -2.59 -17.39
N LEU B 176 23.39 -3.54 -16.61
CA LEU B 176 22.47 -3.16 -15.54
C LEU B 176 23.16 -2.30 -14.50
N GLU B 177 24.38 -2.68 -14.11
CA GLU B 177 25.12 -1.88 -13.12
C GLU B 177 25.43 -0.49 -13.66
N ALA B 178 25.82 -0.39 -14.94
CA ALA B 178 26.10 0.91 -15.53
C ALA B 178 24.85 1.78 -15.56
N ASP B 179 23.71 1.20 -15.93
CA ASP B 179 22.46 1.95 -15.95
C ASP B 179 22.08 2.44 -14.55
N PHE B 180 22.25 1.58 -13.53
CA PHE B 180 21.95 2.01 -12.18
C PHE B 180 22.87 3.13 -11.73
N GLU B 181 24.16 3.02 -12.03
CA GLU B 181 25.10 4.08 -11.65
C GLU B 181 24.78 5.38 -12.36
N ALA B 182 24.32 5.31 -13.62
CA ALA B 182 23.96 6.52 -14.34
C ALA B 182 22.67 7.15 -13.81
N VAL B 183 21.73 6.33 -13.35
CA VAL B 183 20.45 6.86 -12.90
C VAL B 183 20.47 7.29 -11.43
N ARG B 184 21.42 6.79 -10.64
CA ARG B 184 21.39 7.07 -9.21
C ARG B 184 21.85 8.49 -8.88
N ASP B 185 22.76 9.05 -9.67
CA ASP B 185 23.43 10.29 -9.29
C ASP B 185 22.49 11.48 -9.10
N PRO B 186 21.60 11.83 -10.04
CA PRO B 186 20.80 13.06 -9.86
C PRO B 186 19.85 13.01 -8.67
N VAL B 187 19.44 11.81 -8.24
CA VAL B 187 18.45 11.69 -7.18
C VAL B 187 19.00 12.25 -5.87
N ILE B 188 20.25 11.90 -5.53
CA ILE B 188 20.83 12.38 -4.28
C ILE B 188 20.96 13.89 -4.30
N ARG B 189 21.37 14.46 -5.44
CA ARG B 189 21.52 15.91 -5.54
C ARG B 189 20.19 16.62 -5.38
N ILE B 190 19.14 16.12 -6.05
CA ILE B 190 17.85 16.79 -5.96
C ILE B 190 17.26 16.64 -4.56
N LEU B 191 17.48 15.49 -3.91
CA LEU B 191 17.02 15.34 -2.53
C LEU B 191 17.75 16.31 -1.60
N SER B 192 19.06 16.47 -1.78
CA SER B 192 19.80 17.42 -0.97
C SER B 192 19.32 18.85 -1.20
N GLU B 193 19.00 19.18 -2.46
CA GLU B 193 18.50 20.52 -2.75
C GLU B 193 17.11 20.74 -2.17
N LEU B 194 16.27 19.71 -2.15
CA LEU B 194 14.94 19.81 -1.57
C LEU B 194 14.92 19.70 -0.05
N GLU B 195 16.04 19.29 0.57
CA GLU B 195 16.09 19.19 2.02
C GLU B 195 15.79 20.53 2.68
N ASP B 196 16.32 21.62 2.14
CA ASP B 196 16.17 22.93 2.77
C ASP B 196 14.94 23.69 2.28
N ASP B 197 14.87 23.95 0.97
CA ASP B 197 13.80 24.75 0.39
C ASP B 197 13.07 23.95 -0.68
N ILE B 198 11.82 24.33 -0.91
CA ILE B 198 10.96 23.68 -1.89
C ILE B 198 10.62 24.71 -2.96
N ASP B 199 11.14 24.50 -4.17
CA ASP B 199 10.88 25.38 -5.30
C ASP B 199 9.85 24.73 -6.23
N ARG B 200 9.62 25.35 -7.39
CA ARG B 200 8.66 24.86 -8.35
C ARG B 200 9.27 23.88 -9.34
N GLU B 201 10.47 24.17 -9.86
CA GLU B 201 11.09 23.31 -10.86
C GLU B 201 11.69 22.05 -10.25
N LYS B 202 12.13 22.12 -8.98
CA LYS B 202 12.73 20.95 -8.35
C LYS B 202 11.71 19.82 -8.20
N LEU B 203 10.45 20.17 -7.94
CA LEU B 203 9.41 19.16 -7.88
C LEU B 203 9.20 18.49 -9.23
N ARG B 204 9.30 19.27 -10.32
CA ARG B 204 9.19 18.69 -11.66
C ARG B 204 10.38 17.77 -11.95
N ILE B 205 11.58 18.15 -11.51
CA ILE B 205 12.75 17.29 -11.69
C ILE B 205 12.56 15.99 -10.92
N LEU B 206 12.04 16.08 -9.69
CA LEU B 206 11.77 14.87 -8.90
C LEU B 206 10.72 14.00 -9.59
N LEU B 207 9.70 14.61 -10.19
CA LEU B 207 8.72 13.86 -10.94
C LEU B 207 9.35 13.13 -12.11
N VAL B 208 10.25 13.80 -12.84
CA VAL B 208 10.91 13.17 -13.97
C VAL B 208 11.77 12.00 -13.50
N LEU B 209 12.46 12.16 -12.37
CA LEU B 209 13.38 11.12 -11.90
C LEU B 209 12.66 9.93 -11.28
N SER B 210 11.53 10.15 -10.61
CA SER B 210 10.88 9.07 -9.87
C SER B 210 10.38 7.97 -10.80
N LYS B 211 9.72 8.36 -11.89
CA LYS B 211 9.20 7.36 -12.82
C LYS B 211 10.32 6.59 -13.50
N ARG B 212 11.42 7.29 -13.83
CA ARG B 212 12.58 6.61 -14.41
C ARG B 212 13.16 5.58 -13.45
N VAL B 213 13.29 5.96 -12.17
CA VAL B 213 13.82 5.03 -11.18
C VAL B 213 12.89 3.82 -11.03
N SER B 214 11.59 4.07 -10.98
CA SER B 214 10.63 2.97 -10.85
C SER B 214 10.69 2.03 -12.05
N THR B 215 10.82 2.59 -13.27
CA THR B 215 10.91 1.76 -14.46
C THR B 215 12.18 0.92 -14.45
N PHE B 216 13.31 1.52 -14.02
CA PHE B 216 14.55 0.76 -13.94
C PHE B 216 14.43 -0.37 -12.92
N GLU B 217 13.79 -0.10 -11.77
CA GLU B 217 13.60 -1.14 -10.76
C GLU B 217 12.73 -2.26 -11.31
N GLN B 218 11.67 -1.91 -12.04
CA GLN B 218 10.82 -2.93 -12.64
C GLN B 218 11.58 -3.78 -13.64
N LYS B 219 12.43 -3.15 -14.46
CA LYS B 219 13.22 -3.90 -15.43
C LYS B 219 14.20 -4.84 -14.73
N ALA B 220 14.86 -4.37 -13.67
CA ALA B 220 15.77 -5.22 -12.93
C ALA B 220 15.04 -6.40 -12.29
N LYS B 221 13.85 -6.15 -11.72
CA LYS B 221 13.07 -7.23 -11.15
C LYS B 221 12.65 -8.24 -12.22
N LEU B 222 12.30 -7.75 -13.41
CA LEU B 222 11.93 -8.65 -14.49
C LEU B 222 13.10 -9.54 -14.90
N VAL B 223 14.29 -8.96 -14.99
CA VAL B 223 15.48 -9.76 -15.35
C VAL B 223 15.76 -10.79 -14.26
N ARG B 224 15.68 -10.39 -13.00
CA ARG B 224 15.93 -11.33 -11.90
C ARG B 224 14.91 -12.46 -11.91
N ASP B 225 13.63 -12.14 -12.14
CA ASP B 225 12.61 -13.18 -12.21
C ASP B 225 12.80 -14.09 -13.41
N ALA B 226 13.26 -13.55 -14.54
CA ALA B 226 13.54 -14.37 -15.70
C ALA B 226 14.65 -15.36 -15.42
N ILE B 227 15.69 -14.93 -14.69
CA ILE B 227 16.75 -15.86 -14.30
C ILE B 227 16.23 -16.90 -13.31
N GLU B 228 15.43 -16.46 -12.33
CA GLU B 228 14.95 -17.37 -11.30
C GLU B 228 14.00 -18.42 -11.87
N GLU B 229 13.23 -18.06 -12.91
CA GLU B 229 12.34 -19.02 -13.54
C GLU B 229 13.12 -20.18 -14.14
N LEU B 230 14.23 -19.88 -14.83
CA LEU B 230 15.09 -20.94 -15.34
C LEU B 230 15.77 -21.70 -14.21
N LEU B 231 16.09 -21.01 -13.11
CA LEU B 231 16.73 -21.68 -11.97
C LEU B 231 15.80 -22.64 -11.23
N GLU B 232 14.50 -22.63 -11.51
CA GLU B 232 13.54 -23.42 -10.75
C GLU B 232 13.05 -24.65 -11.49
N ALA B 233 13.63 -25.00 -12.64
CA ALA B 233 13.20 -26.15 -13.42
C ALA B 233 14.36 -27.13 -13.55
N ASP B 234 14.15 -28.35 -13.07
CA ASP B 234 15.21 -29.37 -13.14
C ASP B 234 15.38 -29.90 -14.56
N ASP B 235 14.27 -30.16 -15.26
CA ASP B 235 14.36 -30.68 -16.62
C ASP B 235 15.00 -29.67 -17.56
N ASP B 236 14.66 -28.39 -17.42
CA ASP B 236 15.28 -27.36 -18.25
C ASP B 236 16.77 -27.24 -17.97
N LEU B 237 17.18 -27.35 -16.70
CA LEU B 237 18.60 -27.34 -16.37
C LEU B 237 19.31 -28.56 -16.97
N ALA B 238 18.66 -29.72 -16.94
CA ALA B 238 19.28 -30.93 -17.47
C ALA B 238 19.34 -30.95 -18.99
N ALA B 239 18.41 -30.28 -19.66
CA ALA B 239 18.36 -30.28 -21.12
C ALA B 239 19.33 -29.30 -21.76
N MET B 240 20.02 -28.48 -20.97
CA MET B 240 20.93 -27.49 -21.53
C MET B 240 22.32 -28.06 -21.81
N TYR B 241 22.58 -29.32 -21.45
CA TYR B 241 23.86 -29.96 -21.78
C TYR B 241 23.81 -30.42 -23.23
N LEU B 242 24.00 -29.45 -24.13
CA LEU B 242 23.90 -29.73 -25.56
C LEU B 242 25.10 -30.52 -26.08
N THR B 243 26.28 -30.30 -25.51
CA THR B 243 27.47 -31.00 -25.99
C THR B 243 27.38 -32.50 -25.72
N GLU B 244 26.89 -32.89 -24.55
CA GLU B 244 26.81 -34.31 -24.23
C GLU B 244 25.73 -35.01 -25.03
N LYS B 245 24.65 -34.31 -25.39
CA LYS B 245 23.57 -34.93 -26.15
C LYS B 245 24.00 -35.25 -27.58
N THR B 246 25.10 -34.67 -28.06
CA THR B 246 25.61 -35.01 -29.38
C THR B 246 26.40 -36.31 -29.40
N HIS B 247 26.74 -36.85 -28.23
CA HIS B 247 27.45 -38.13 -28.12
C HIS B 247 26.57 -39.22 -27.53
N ASP B 248 25.24 -39.09 -27.66
CA ASP B 248 24.29 -40.05 -27.11
C ASP B 248 24.46 -40.20 -25.60
N LEU B 249 24.75 -39.10 -24.93
CA LEU B 249 24.88 -39.07 -23.47
C LEU B 249 23.86 -38.09 -22.91
N TYR B 250 22.99 -38.58 -22.03
CA TYR B 250 21.97 -37.77 -21.40
C TYR B 250 22.25 -37.66 -19.91
N ARG B 251 22.07 -36.46 -19.35
CA ARG B 251 22.48 -36.18 -17.99
C ARG B 251 21.44 -36.66 -16.98
N GLY B 252 20.24 -36.14 -17.05
CA GLY B 252 19.20 -36.47 -16.09
C GLY B 252 18.89 -35.30 -15.18
N GLU B 253 17.68 -35.32 -14.61
CA GLU B 253 17.15 -34.24 -13.80
C GLU B 253 17.79 -34.12 -12.43
N ASP B 254 18.86 -34.84 -12.09
CA ASP B 254 19.44 -34.77 -10.76
C ASP B 254 20.93 -34.43 -10.75
N ASP B 255 21.54 -34.16 -11.91
CA ASP B 255 22.96 -33.80 -11.98
C ASP B 255 23.08 -32.54 -12.83
N HIS B 256 22.91 -31.38 -12.22
CA HIS B 256 22.99 -30.09 -12.92
C HIS B 256 23.74 -29.08 -12.07
N THR B 257 24.87 -29.50 -11.48
CA THR B 257 25.59 -28.64 -10.55
C THR B 257 26.22 -27.45 -11.26
N GLU B 258 26.87 -27.69 -12.40
CA GLU B 258 27.66 -26.64 -13.06
C GLU B 258 26.79 -25.46 -13.46
N VAL B 259 25.68 -25.73 -14.18
CA VAL B 259 24.84 -24.64 -14.66
C VAL B 259 24.16 -23.94 -13.50
N GLU B 260 23.78 -24.68 -12.45
CA GLU B 260 23.16 -24.06 -11.29
C GLU B 260 24.12 -23.09 -10.61
N LEU B 261 25.37 -23.52 -10.41
CA LEU B 261 26.37 -22.64 -9.80
C LEU B 261 26.65 -21.44 -10.69
N LEU B 262 26.64 -21.65 -12.01
CA LEU B 262 26.85 -20.53 -12.92
C LEU B 262 25.73 -19.50 -12.81
N LEU B 263 24.49 -19.96 -12.72
CA LEU B 263 23.35 -19.04 -12.74
C LEU B 263 23.13 -18.34 -11.40
N GLU B 264 23.46 -19.00 -10.28
CA GLU B 264 23.18 -18.42 -8.97
C GLU B 264 23.93 -17.11 -8.76
N SER B 265 25.18 -17.04 -9.23
CA SER B 265 25.98 -15.83 -9.03
C SER B 265 25.34 -14.62 -9.69
N TYR B 266 24.91 -14.77 -10.95
CA TYR B 266 24.27 -13.66 -11.64
C TYR B 266 22.89 -13.35 -11.07
N HIS B 267 22.20 -14.38 -10.56
CA HIS B 267 20.94 -14.13 -9.87
C HIS B 267 21.16 -13.21 -8.67
N LYS B 268 22.18 -13.49 -7.86
CA LYS B 268 22.48 -12.64 -6.71
C LYS B 268 22.95 -11.25 -7.16
N LEU B 269 23.70 -11.19 -8.25
CA LEU B 269 24.15 -9.89 -8.77
C LEU B 269 22.96 -9.02 -9.15
N CYS B 270 21.95 -9.60 -9.79
CA CYS B 270 20.75 -8.83 -10.12
C CYS B 270 19.95 -8.47 -8.87
N ASP B 271 19.89 -9.40 -7.89
CA ASP B 271 19.15 -9.13 -6.66
C ASP B 271 19.73 -7.94 -5.91
N GLU B 272 21.06 -7.79 -5.92
CA GLU B 272 21.67 -6.66 -5.23
C GLU B 272 21.22 -5.33 -5.82
N VAL B 273 21.21 -5.23 -7.15
CA VAL B 273 20.78 -4.00 -7.80
C VAL B 273 19.29 -3.76 -7.54
N VAL B 274 18.50 -4.84 -7.51
CA VAL B 274 17.08 -4.69 -7.19
C VAL B 274 16.90 -4.08 -5.80
N GLN B 275 17.67 -4.59 -4.82
CA GLN B 275 17.57 -4.06 -3.47
C GLN B 275 17.99 -2.60 -3.40
N GLU B 276 19.06 -2.25 -4.12
CA GLU B 276 19.49 -0.85 -4.14
C GLU B 276 18.41 0.06 -4.72
N ALA B 277 17.79 -0.36 -5.81
CA ALA B 277 16.72 0.44 -6.41
C ALA B 277 15.54 0.58 -5.46
N SER B 278 15.19 -0.50 -4.76
CA SER B 278 14.10 -0.44 -3.79
C SER B 278 14.40 0.54 -2.67
N ASN B 279 15.64 0.53 -2.18
CA ASN B 279 16.03 1.48 -1.14
C ASN B 279 15.92 2.92 -1.63
N LEU B 280 16.37 3.17 -2.87
CA LEU B 280 16.28 4.52 -3.42
C LEU B 280 14.82 4.96 -3.55
N VAL B 281 13.95 4.06 -4.00
CA VAL B 281 12.52 4.39 -4.13
C VAL B 281 11.93 4.72 -2.76
N SER B 282 12.28 3.94 -1.74
CA SER B 282 11.78 4.21 -0.39
C SER B 282 12.25 5.56 0.11
N SER B 283 13.51 5.90 -0.14
CA SER B 283 14.01 7.22 0.28
C SER B 283 13.26 8.34 -0.41
N ILE B 284 13.00 8.20 -1.72
CA ILE B 284 12.25 9.22 -2.45
C ILE B 284 10.86 9.38 -1.87
N ARG B 285 10.19 8.26 -1.58
CA ARG B 285 8.84 8.33 -1.02
C ARG B 285 8.83 9.03 0.33
N ASN B 286 9.80 8.71 1.19
CA ASN B 286 9.86 9.36 2.50
C ASN B 286 10.09 10.86 2.35
N THR B 287 10.99 11.26 1.45
CA THR B 287 11.26 12.68 1.26
C THR B 287 10.01 13.41 0.77
N GLU B 288 9.28 12.82 -0.17
CA GLU B 288 8.05 13.45 -0.66
C GLU B 288 7.02 13.58 0.45
N GLU B 289 6.82 12.51 1.21
CA GLU B 289 5.83 12.53 2.29
C GLU B 289 6.20 13.53 3.38
N ILE B 290 7.50 13.84 3.54
CA ILE B 290 7.88 14.81 4.56
C ILE B 290 7.71 16.24 4.03
N ILE B 291 8.12 16.49 2.79
CA ILE B 291 7.99 17.86 2.27
C ILE B 291 6.52 18.23 2.11
N ARG B 292 5.65 17.25 1.86
CA ARG B 292 4.21 17.54 1.76
C ARG B 292 3.68 18.17 3.05
N ALA B 293 4.12 17.67 4.20
CA ALA B 293 3.73 18.25 5.48
C ALA B 293 4.51 19.50 5.82
N ILE B 294 5.76 19.60 5.34
CA ILE B 294 6.55 20.82 5.56
C ILE B 294 5.85 22.03 4.95
N LEU B 295 5.25 21.86 3.77
CA LEU B 295 4.54 22.96 3.13
C LEU B 295 3.43 23.51 4.04
N ASP B 296 2.56 22.62 4.52
CA ASP B 296 1.48 23.06 5.40
C ASP B 296 2.00 23.58 6.73
N ALA B 297 3.14 23.07 7.19
CA ALA B 297 3.72 23.57 8.43
C ALA B 297 4.17 25.01 8.28
N ASN B 298 4.78 25.35 7.14
CA ASN B 298 5.28 26.72 6.95
C ASN B 298 4.21 27.69 6.46
N ARG B 299 3.07 27.19 5.97
CA ARG B 299 1.99 28.10 5.58
C ARG B 299 1.34 28.78 6.80
N ASN B 300 1.25 28.06 7.91
CA ASN B 300 0.58 28.59 9.09
C ASN B 300 1.27 29.82 9.64
N SER B 301 2.58 29.96 9.40
CA SER B 301 3.28 31.15 9.87
C SER B 301 2.75 32.41 9.23
N LEU B 302 2.61 32.41 7.89
CA LEU B 302 2.02 33.55 7.21
C LEU B 302 0.54 33.71 7.57
N MET B 303 -0.17 32.59 7.72
CA MET B 303 -1.58 32.67 8.10
C MET B 303 -1.75 33.38 9.44
N LEU B 304 -0.85 33.12 10.40
CA LEU B 304 -0.90 33.79 11.69
C LEU B 304 -0.39 35.23 11.61
N LEU B 305 0.60 35.49 10.75
CA LEU B 305 1.14 36.84 10.64
C LEU B 305 0.12 37.81 10.06
N ASP B 306 -0.76 37.34 9.17
CA ASP B 306 -1.75 38.23 8.57
C ASP B 306 -2.71 38.81 9.61
N LEU B 307 -3.00 38.05 10.68
CA LEU B 307 -3.99 38.50 11.66
C LEU B 307 -3.54 39.72 12.44
N LYS B 308 -2.23 39.86 12.68
CA LYS B 308 -1.74 41.05 13.38
C LYS B 308 -1.98 42.30 12.55
N PHE B 309 -1.71 42.23 11.24
CA PHE B 309 -2.00 43.36 10.36
C PHE B 309 -3.50 43.63 10.30
N SER B 310 -4.32 42.58 10.30
CA SER B 310 -5.77 42.77 10.33
C SER B 310 -6.21 43.52 11.58
N ILE B 311 -5.65 43.14 12.74
CA ILE B 311 -6.00 43.81 13.99
C ILE B 311 -5.54 45.25 13.98
N GLY B 312 -4.34 45.51 13.43
CA GLY B 312 -3.87 46.88 13.32
C GLY B 312 -4.77 47.74 12.44
N THR B 313 -5.21 47.20 11.31
CA THR B 313 -6.13 47.94 10.44
C THR B 313 -7.46 48.18 11.14
N LEU B 314 -7.95 47.19 11.89
CA LEU B 314 -9.20 47.38 12.63
C LEU B 314 -9.06 48.50 13.66
N GLY B 315 -7.95 48.53 14.40
CA GLY B 315 -7.73 49.60 15.35
C GLY B 315 -7.63 50.96 14.71
N LEU B 316 -6.91 51.03 13.58
CA LEU B 316 -6.80 52.30 12.86
C LEU B 316 -8.15 52.78 12.38
N ALA B 317 -8.99 51.87 11.87
CA ALA B 317 -10.32 52.25 11.44
C ALA B 317 -11.17 52.73 12.61
N MET B 318 -11.06 52.05 13.76
CA MET B 318 -11.79 52.48 14.95
C MET B 318 -11.39 53.88 15.37
N GLY B 319 -10.09 54.19 15.33
CA GLY B 319 -9.65 55.54 15.65
C GLY B 319 -10.12 56.56 14.64
N THR B 320 -10.06 56.20 13.35
CA THR B 320 -10.45 57.12 12.28
C THR B 320 -11.94 57.44 12.33
N PHE B 321 -12.77 56.50 12.79
CA PHE B 321 -14.20 56.77 12.90
C PHE B 321 -14.46 57.93 13.87
N LEU B 322 -13.86 57.87 15.06
CA LEU B 322 -14.03 58.95 16.01
C LEU B 322 -13.33 60.22 15.56
N ALA B 323 -12.20 60.09 14.85
CA ALA B 323 -11.53 61.27 14.31
C ALA B 323 -12.41 62.01 13.31
N GLY B 324 -13.14 61.27 12.47
CA GLY B 324 -14.00 61.88 11.49
C GLY B 324 -15.39 62.25 11.99
N LEU B 325 -15.78 61.72 13.16
CA LEU B 325 -17.06 62.13 13.74
C LEU B 325 -17.10 63.62 14.04
N TYR B 326 -15.99 64.19 14.48
CA TYR B 326 -15.92 65.60 14.83
C TYR B 326 -15.64 66.49 13.63
N GLY B 327 -15.44 65.92 12.45
CA GLY B 327 -15.25 66.69 11.24
C GLY B 327 -16.50 67.09 10.51
N MET B 328 -17.68 66.69 11.02
CA MET B 328 -18.93 67.04 10.38
C MET B 328 -19.24 68.52 10.59
N ASN B 329 -19.96 69.11 9.63
CA ASN B 329 -20.36 70.52 9.71
C ASN B 329 -21.64 70.63 10.55
N LEU B 330 -21.48 70.40 11.86
CA LEU B 330 -22.57 70.46 12.80
C LEU B 330 -22.08 71.21 14.04
N GLU B 331 -22.91 71.23 15.09
CA GLU B 331 -22.59 71.93 16.32
C GLU B 331 -22.04 70.92 17.33
N ASN B 332 -20.78 71.10 17.71
CA ASN B 332 -20.12 70.23 18.66
C ASN B 332 -19.99 70.84 20.05
N PHE B 333 -20.30 72.13 20.21
CA PHE B 333 -20.33 72.86 21.47
C PHE B 333 -18.95 73.06 22.09
N ILE B 334 -17.89 72.51 21.50
CA ILE B 334 -16.55 72.66 22.06
C ILE B 334 -15.59 73.12 20.97
N GLU B 335 -16.14 73.76 19.93
CA GLU B 335 -15.29 74.22 18.82
C GLU B 335 -14.40 75.38 19.24
N GLU B 336 -14.89 76.28 20.09
CA GLU B 336 -14.14 77.45 20.50
C GLU B 336 -13.31 77.22 21.76
N THR B 337 -13.38 76.04 22.37
CA THR B 337 -12.60 75.76 23.56
C THR B 337 -11.13 75.55 23.19
N ASN B 338 -10.28 75.61 24.21
CA ASN B 338 -8.84 75.43 24.05
C ASN B 338 -8.36 74.07 24.54
N TRP B 339 -9.28 73.11 24.70
CA TRP B 339 -8.92 71.77 25.17
C TRP B 339 -9.56 70.64 24.38
N GLY B 340 -10.46 70.93 23.44
CA GLY B 340 -11.15 69.86 22.74
C GLY B 340 -10.25 69.05 21.83
N PHE B 341 -9.32 69.71 21.15
CA PHE B 341 -8.48 69.03 20.16
C PHE B 341 -7.63 67.95 20.81
N GLY B 342 -6.89 68.31 21.86
CA GLY B 342 -6.03 67.34 22.53
C GLY B 342 -6.83 66.24 23.19
N ALA B 343 -7.98 66.57 23.79
CA ALA B 343 -8.82 65.56 24.43
C ALA B 343 -9.33 64.55 23.41
N ILE B 344 -9.80 65.03 22.26
CA ILE B 344 -10.32 64.12 21.24
C ILE B 344 -9.20 63.27 20.66
N THR B 345 -8.03 63.86 20.42
CA THR B 345 -6.90 63.10 19.91
C THR B 345 -6.49 62.01 20.89
N GLY B 346 -6.42 62.35 22.18
CA GLY B 346 -6.07 61.36 23.19
C GLY B 346 -7.10 60.26 23.31
N LEU B 347 -8.38 60.61 23.24
CA LEU B 347 -9.44 59.60 23.31
C LEU B 347 -9.36 58.65 22.12
N SER B 348 -9.15 59.18 20.92
CA SER B 348 -9.03 58.33 19.74
C SER B 348 -7.83 57.41 19.84
N THR B 349 -6.68 57.95 20.28
CA THR B 349 -5.48 57.13 20.43
C THR B 349 -5.68 56.03 21.46
N LEU B 350 -6.30 56.37 22.59
CA LEU B 350 -6.54 55.37 23.63
C LEU B 350 -7.50 54.29 23.15
N LEU B 351 -8.55 54.67 22.42
CA LEU B 351 -9.48 53.68 21.89
C LEU B 351 -8.77 52.74 20.92
N SER B 352 -7.96 53.29 20.01
CA SER B 352 -7.21 52.46 19.08
C SER B 352 -6.29 51.51 19.83
N LEU B 353 -5.58 52.01 20.84
CA LEU B 353 -4.66 51.17 21.60
C LEU B 353 -5.38 50.05 22.32
N VAL B 354 -6.52 50.36 22.96
CA VAL B 354 -7.21 49.33 23.74
C VAL B 354 -7.84 48.29 22.83
N VAL B 355 -8.37 48.70 21.67
CA VAL B 355 -8.94 47.69 20.77
C VAL B 355 -7.84 46.83 20.17
N CYS B 356 -6.69 47.42 19.85
CA CYS B 356 -5.57 46.60 19.37
C CYS B 356 -5.08 45.63 20.44
N TRP B 357 -5.01 46.09 21.69
CA TRP B 357 -4.58 45.21 22.78
C TRP B 357 -5.57 44.07 22.99
N TYR B 358 -6.87 44.38 22.94
CA TYR B 358 -7.87 43.32 23.09
C TYR B 358 -7.78 42.32 21.94
N GLY B 359 -7.58 42.80 20.71
CA GLY B 359 -7.42 41.89 19.59
C GLY B 359 -6.22 41.00 19.73
N LEU B 360 -5.08 41.57 20.15
CA LEU B 360 -3.88 40.77 20.34
C LEU B 360 -4.05 39.75 21.45
N ALA B 361 -4.71 40.14 22.54
CA ALA B 361 -4.96 39.19 23.63
C ALA B 361 -5.87 38.06 23.18
N LYS B 362 -6.92 38.37 22.42
CA LYS B 362 -7.80 37.32 21.93
C LYS B 362 -7.07 36.39 20.96
N LEU B 363 -6.21 36.95 20.10
CA LEU B 363 -5.42 36.13 19.20
C LEU B 363 -4.48 35.21 19.97
N ARG B 364 -3.83 35.73 21.00
CA ARG B 364 -2.93 34.90 21.80
C ARG B 364 -3.69 33.80 22.53
N LYS B 365 -4.89 34.11 23.03
CA LYS B 365 -5.71 33.09 23.68
C LYS B 365 -6.14 32.02 22.69
N VAL B 366 -6.51 32.41 21.47
CA VAL B 366 -6.96 31.44 20.48
C VAL B 366 -5.81 30.55 20.03
N GLN B 367 -4.65 31.14 19.73
CA GLN B 367 -3.52 30.37 19.24
C GLN B 367 -2.86 29.51 20.31
N ARG B 368 -3.20 29.74 21.59
CA ARG B 368 -2.63 28.96 22.69
C ARG B 368 -3.04 27.50 22.60
N PRO C 52 44.10 -7.15 -6.60
CA PRO C 52 44.65 -8.52 -6.63
C PRO C 52 45.17 -8.96 -5.28
N ARG C 53 45.01 -8.12 -4.26
CA ARG C 53 45.47 -8.41 -2.92
C ARG C 53 44.36 -8.12 -1.91
N LEU C 54 44.36 -8.88 -0.83
CA LEU C 54 43.39 -8.70 0.25
C LEU C 54 44.09 -8.77 1.59
N ARG C 55 43.53 -8.05 2.57
CA ARG C 55 44.02 -8.14 3.94
C ARG C 55 43.40 -9.34 4.63
N CYS C 56 44.24 -10.21 5.18
CA CYS C 56 43.81 -11.51 5.66
C CYS C 56 44.35 -11.76 7.07
N THR C 57 43.50 -12.37 7.89
CA THR C 57 43.86 -12.88 9.21
C THR C 57 43.59 -14.38 9.22
N GLU C 58 44.58 -15.16 9.66
CA GLU C 58 44.56 -16.60 9.55
C GLU C 58 44.61 -17.26 10.93
N VAL C 59 43.80 -18.29 11.12
CA VAL C 59 43.82 -19.10 12.33
C VAL C 59 43.90 -20.56 11.93
N ASP C 60 44.83 -21.29 12.53
CA ASP C 60 45.05 -22.70 12.21
C ASP C 60 44.03 -23.57 12.96
N GLY C 61 44.25 -24.89 12.95
CA GLY C 61 43.32 -25.81 13.57
C GLY C 61 43.39 -25.87 15.08
N ASN C 62 44.43 -25.30 15.69
CA ASN C 62 44.58 -25.28 17.13
C ASN C 62 44.07 -23.99 17.77
N GLY C 63 43.50 -23.09 16.99
CA GLY C 63 42.99 -21.84 17.54
C GLY C 63 44.03 -20.80 17.79
N ASN C 64 45.23 -20.93 17.21
CA ASN C 64 46.31 -19.97 17.41
C ASN C 64 46.45 -19.09 16.18
N VAL C 65 46.54 -17.78 16.41
CA VAL C 65 46.68 -16.84 15.31
C VAL C 65 48.12 -16.85 14.81
N ILE C 66 48.28 -17.03 13.50
CA ILE C 66 49.58 -17.02 12.86
C ILE C 66 49.75 -15.86 11.89
N MET C 67 48.71 -15.06 11.68
CA MET C 67 48.76 -13.92 10.78
C MET C 67 47.70 -12.93 11.22
N VAL C 68 48.09 -11.66 11.37
CA VAL C 68 47.18 -10.64 11.89
C VAL C 68 46.56 -9.86 10.74
N ASP C 69 47.39 -9.17 9.97
CA ASP C 69 46.93 -8.32 8.87
C ASP C 69 47.79 -8.57 7.63
N GLY C 70 47.98 -9.85 7.30
CA GLY C 70 48.83 -10.19 6.17
C GLY C 70 48.18 -9.87 4.84
N GLU C 71 48.97 -9.98 3.78
CA GLU C 71 48.49 -9.77 2.42
C GLU C 71 48.37 -11.11 1.71
N LEU C 72 47.24 -11.32 1.05
CA LEU C 72 46.96 -12.58 0.37
C LEU C 72 46.51 -12.30 -1.06
N LYS C 73 47.09 -13.03 -2.01
CA LYS C 73 46.71 -12.94 -3.41
C LYS C 73 45.51 -13.86 -3.65
N LYS C 74 44.54 -13.37 -4.43
CA LYS C 74 43.29 -14.11 -4.63
C LYS C 74 43.50 -15.38 -5.44
N SER C 75 44.69 -15.55 -6.05
CA SER C 75 44.97 -16.78 -6.78
C SER C 75 45.08 -17.98 -5.86
N GLU C 76 45.64 -17.80 -4.66
CA GLU C 76 45.76 -18.91 -3.73
C GLU C 76 44.41 -19.39 -3.24
N LEU C 77 43.40 -18.53 -3.25
CA LEU C 77 42.05 -18.95 -2.87
C LEU C 77 41.53 -20.02 -3.82
N ILE C 78 41.76 -19.84 -5.12
CA ILE C 78 41.40 -20.88 -6.08
C ILE C 78 42.37 -22.05 -5.98
N ALA C 79 43.64 -21.77 -5.68
CA ALA C 79 44.66 -22.81 -5.71
C ALA C 79 44.44 -23.87 -4.62
N LYS C 80 44.26 -23.42 -3.37
CA LYS C 80 44.23 -24.36 -2.26
C LYS C 80 43.12 -24.06 -1.25
N TYR C 81 41.95 -23.62 -1.74
CA TYR C 81 40.82 -23.42 -0.83
C TYR C 81 39.49 -23.88 -1.44
N GLY C 82 39.50 -24.49 -2.62
CA GLY C 82 38.29 -25.05 -3.19
C GLY C 82 37.29 -24.05 -3.71
N LEU C 83 37.73 -22.83 -4.04
CA LEU C 83 36.83 -21.83 -4.58
C LEU C 83 36.86 -21.83 -6.10
N LEU C 84 35.90 -21.13 -6.70
CA LEU C 84 35.76 -21.00 -8.14
C LEU C 84 36.20 -19.62 -8.60
N PRO C 85 36.68 -19.51 -9.84
CA PRO C 85 37.14 -18.20 -10.33
C PRO C 85 36.05 -17.13 -10.36
N ARG C 86 34.78 -17.52 -10.49
CA ARG C 86 33.69 -16.55 -10.56
C ARG C 86 33.24 -16.05 -9.20
N ASP C 87 33.69 -16.68 -8.11
CA ASP C 87 33.30 -16.25 -6.78
C ASP C 87 34.16 -15.11 -6.24
N LEU C 88 35.34 -14.89 -6.83
CA LEU C 88 36.26 -13.90 -6.30
C LEU C 88 35.65 -12.50 -6.31
N ARG C 89 34.88 -12.17 -7.35
CA ARG C 89 34.25 -10.86 -7.41
C ARG C 89 33.23 -10.66 -6.30
N LYS C 90 32.71 -11.74 -5.71
CA LYS C 90 31.85 -11.59 -4.54
C LYS C 90 32.65 -11.26 -3.29
N ILE C 91 33.89 -11.74 -3.21
CA ILE C 91 34.73 -11.46 -2.06
C ILE C 91 35.22 -10.02 -2.08
N ASP C 92 35.49 -9.48 -3.28
CA ASP C 92 36.09 -8.15 -3.38
C ASP C 92 35.15 -7.06 -2.87
N SER C 93 33.98 -6.93 -3.48
CA SER C 93 33.02 -5.88 -3.12
C SER C 93 31.61 -6.42 -3.30
N SER C 94 30.92 -6.65 -2.19
CA SER C 94 29.53 -7.09 -2.23
C SER C 94 28.88 -6.74 -0.90
N ASN C 95 27.72 -6.09 -0.95
CA ASN C 95 26.98 -5.72 0.24
C ASN C 95 25.75 -6.60 0.46
N LEU C 96 25.69 -7.74 -0.22
CA LEU C 96 24.58 -8.67 -0.07
C LEU C 96 24.99 -9.81 0.83
N PRO C 97 24.39 -9.94 2.02
CA PRO C 97 24.77 -11.04 2.92
C PRO C 97 24.40 -12.40 2.32
N HIS C 98 25.34 -13.34 2.39
CA HIS C 98 25.09 -14.66 1.82
C HIS C 98 26.03 -15.68 2.46
N ILE C 99 25.65 -16.95 2.29
CA ILE C 99 26.45 -18.08 2.75
C ILE C 99 26.52 -19.08 1.60
N LEU C 100 27.74 -19.41 1.19
CA LEU C 100 27.98 -20.34 0.10
C LEU C 100 28.67 -21.59 0.64
N VAL C 101 28.16 -22.75 0.22
CA VAL C 101 28.67 -24.04 0.67
C VAL C 101 29.42 -24.68 -0.49
N ARG C 102 30.70 -24.93 -0.28
CA ARG C 102 31.58 -25.59 -1.23
C ARG C 102 31.92 -27.00 -0.78
N PRO C 103 32.46 -27.84 -1.67
CA PRO C 103 32.80 -29.20 -1.27
C PRO C 103 33.82 -29.28 -0.14
N SER C 104 34.66 -28.26 0.03
CA SER C 104 35.66 -28.30 1.09
C SER C 104 35.80 -26.97 1.83
N ALA C 105 34.91 -26.01 1.63
CA ALA C 105 35.00 -24.73 2.30
C ALA C 105 33.61 -24.12 2.43
N ILE C 106 33.51 -23.14 3.33
CA ILE C 106 32.28 -22.38 3.54
C ILE C 106 32.62 -20.90 3.48
N LEU C 107 31.88 -20.15 2.68
CA LEU C 107 32.11 -18.72 2.51
C LEU C 107 30.94 -17.96 3.15
N ILE C 108 31.25 -17.02 4.03
CA ILE C 108 30.24 -16.25 4.75
C ILE C 108 30.50 -14.78 4.51
N ASN C 109 29.48 -14.05 4.05
CA ASN C 109 29.54 -12.61 3.89
C ASN C 109 28.34 -12.01 4.62
N LEU C 110 28.56 -11.60 5.88
CA LEU C 110 27.49 -11.09 6.72
C LEU C 110 27.93 -9.76 7.31
N LEU C 111 27.37 -8.67 6.78
CA LEU C 111 27.62 -7.33 7.28
C LEU C 111 29.11 -6.99 7.29
N HIS C 112 29.72 -7.06 8.48
CA HIS C 112 31.11 -6.70 8.67
C HIS C 112 32.04 -7.90 8.71
N LEU C 113 31.57 -9.08 8.32
CA LEU C 113 32.36 -10.30 8.39
C LEU C 113 32.44 -10.93 7.01
N LYS C 114 33.67 -11.18 6.55
CA LYS C 114 33.97 -11.91 5.32
C LYS C 114 34.89 -13.06 5.71
N VAL C 115 34.32 -14.25 5.85
CA VAL C 115 35.00 -15.38 6.49
C VAL C 115 35.00 -16.58 5.56
N LEU C 116 36.12 -17.31 5.56
CA LEU C 116 36.23 -18.59 4.89
C LEU C 116 36.57 -19.64 5.94
N ILE C 117 35.71 -20.65 6.06
CA ILE C 117 35.82 -21.66 7.10
C ILE C 117 36.09 -23.01 6.46
N LYS C 118 37.12 -23.69 6.96
CA LYS C 118 37.45 -25.05 6.56
C LYS C 118 37.46 -25.93 7.81
N HIS C 119 37.82 -27.20 7.63
CA HIS C 119 37.86 -28.11 8.76
C HIS C 119 39.12 -27.96 9.61
N ASP C 120 40.12 -27.22 9.13
CA ASP C 120 41.36 -27.02 9.88
C ASP C 120 41.88 -25.59 9.82
N ARG C 121 41.17 -24.65 9.22
CA ARG C 121 41.68 -23.30 9.06
C ARG C 121 40.52 -22.33 8.94
N VAL C 122 40.75 -21.10 9.40
CA VAL C 122 39.77 -20.03 9.33
C VAL C 122 40.46 -18.77 8.82
N LEU C 123 39.85 -18.11 7.83
CA LEU C 123 40.38 -16.89 7.24
C LEU C 123 39.35 -15.78 7.37
N LEU C 124 39.80 -14.60 7.77
CA LEU C 124 38.98 -13.40 7.76
C LEU C 124 39.63 -12.38 6.83
N PHE C 125 38.93 -12.01 5.76
CA PHE C 125 39.54 -11.19 4.73
C PHE C 125 38.73 -9.91 4.51
N ASP C 126 39.42 -8.90 3.99
CA ASP C 126 38.82 -7.60 3.69
C ASP C 126 39.73 -6.89 2.70
N VAL C 127 39.42 -5.62 2.41
CA VAL C 127 40.18 -4.85 1.44
C VAL C 127 41.63 -4.72 1.91
N TYR C 128 42.55 -4.63 0.93
CA TYR C 128 43.97 -4.62 1.23
C TYR C 128 44.34 -3.41 2.10
N GLY C 129 43.88 -2.22 1.71
CA GLY C 129 44.16 -1.03 2.50
C GLY C 129 43.09 -0.73 3.52
N SER C 130 43.29 -1.18 4.75
CA SER C 130 42.33 -1.01 5.83
C SER C 130 42.97 -1.51 7.12
N THR C 131 42.22 -1.37 8.22
CA THR C 131 42.64 -1.88 9.52
C THR C 131 41.46 -2.57 10.18
N SER C 132 41.78 -3.54 11.05
CA SER C 132 40.73 -4.28 11.74
C SER C 132 39.96 -3.35 12.68
N SER C 133 38.64 -3.43 12.62
CA SER C 133 37.79 -2.61 13.46
C SER C 133 37.60 -3.25 14.83
N TYR C 134 36.95 -2.52 15.75
CA TYR C 134 36.70 -3.06 17.07
C TYR C 134 35.77 -4.27 17.03
N PRO C 135 34.64 -4.25 16.30
CA PRO C 135 33.83 -5.49 16.22
C PRO C 135 34.59 -6.66 15.62
N GLN C 136 35.44 -6.41 14.63
CA GLN C 136 36.24 -7.48 14.04
C GLN C 136 37.23 -8.05 15.06
N SER C 137 37.87 -7.19 15.84
CA SER C 137 38.80 -7.65 16.86
C SER C 137 38.08 -8.44 17.95
N ALA C 138 36.90 -7.97 18.37
CA ALA C 138 36.13 -8.71 19.36
C ALA C 138 35.71 -10.08 18.84
N PHE C 139 35.27 -10.13 17.58
CA PHE C 139 34.91 -11.41 16.98
C PHE C 139 36.11 -12.35 16.90
N MET C 140 37.28 -11.81 16.52
CA MET C 140 38.47 -12.64 16.44
C MET C 140 38.86 -13.18 17.81
N TYR C 141 38.79 -12.34 18.84
CA TYR C 141 39.10 -12.79 20.19
C TYR C 141 38.14 -13.89 20.65
N ASP C 142 36.84 -13.69 20.41
CA ASP C 142 35.86 -14.69 20.80
C ASP C 142 36.06 -16.00 20.05
N LEU C 143 36.35 -15.91 18.75
CA LEU C 143 36.57 -17.11 17.95
C LEU C 143 37.81 -17.86 18.43
N GLN C 144 38.90 -17.13 18.71
CA GLN C 144 40.09 -17.78 19.21
C GLN C 144 39.83 -18.46 20.55
N GLY C 145 39.12 -17.76 21.45
CA GLY C 145 38.82 -18.35 22.75
C GLY C 145 37.97 -19.60 22.65
N LYS C 146 36.98 -19.59 21.75
CA LYS C 146 36.12 -20.76 21.59
C LYS C 146 36.85 -21.91 20.90
N LEU C 147 37.78 -21.60 19.99
CA LEU C 147 38.48 -22.66 19.27
C LEU C 147 39.55 -23.31 20.14
N GLN C 148 40.25 -22.53 20.96
CA GLN C 148 41.33 -23.08 21.78
C GLN C 148 40.83 -23.70 23.09
N GLN C 149 39.52 -23.95 23.21
CA GLN C 149 39.01 -24.59 24.42
C GLN C 149 39.53 -26.01 24.56
N LYS C 150 39.62 -26.74 23.44
CA LYS C 150 40.09 -28.13 23.42
C LYS C 150 39.23 -29.02 24.30
N GLN C 151 37.93 -28.72 24.39
CA GLN C 151 37.04 -29.49 25.23
C GLN C 151 36.67 -30.81 24.56
N THR C 152 36.35 -31.80 25.40
CA THR C 152 35.93 -33.13 24.95
C THR C 152 34.64 -33.48 25.69
N GLY C 153 33.51 -33.09 25.12
CA GLY C 153 32.22 -33.34 25.71
C GLY C 153 31.65 -34.69 25.35
N GLY C 154 30.34 -34.81 25.50
CA GLY C 154 29.65 -36.05 25.18
C GLY C 154 28.77 -35.95 23.95
N ALA C 155 27.45 -35.86 24.17
CA ALA C 155 26.52 -35.80 23.06
C ALA C 155 26.50 -34.44 22.38
N ASN C 156 26.76 -33.36 23.14
CA ASN C 156 26.68 -32.00 22.62
C ASN C 156 28.03 -31.46 22.15
N SER C 157 28.91 -32.32 21.68
CA SER C 157 30.19 -31.88 21.15
C SER C 157 30.04 -31.39 19.71
N LEU C 158 30.69 -30.28 19.40
CA LEU C 158 30.59 -29.68 18.08
C LEU C 158 31.96 -29.64 17.40
N PRO C 159 32.01 -29.77 16.09
CA PRO C 159 33.28 -29.74 15.37
C PRO C 159 33.80 -28.31 15.20
N TYR C 160 34.90 -28.20 14.46
CA TYR C 160 35.58 -26.92 14.28
C TYR C 160 34.70 -25.92 13.52
N GLU C 161 34.16 -26.35 12.37
CA GLU C 161 33.40 -25.44 11.52
C GLU C 161 32.12 -24.97 12.19
N PHE C 162 31.45 -25.86 12.92
CA PHE C 162 30.23 -25.46 13.62
C PHE C 162 30.55 -24.49 14.76
N ARG C 163 31.66 -24.71 15.46
CA ARG C 163 32.06 -23.78 16.51
C ARG C 163 32.43 -22.41 15.94
N ALA C 164 32.99 -22.37 14.74
CA ALA C 164 33.26 -21.07 14.12
C ALA C 164 31.98 -20.40 13.65
N LEU C 165 31.07 -21.17 13.04
CA LEU C 165 29.82 -20.59 12.55
C LEU C 165 28.97 -20.05 13.69
N GLU C 166 28.96 -20.75 14.83
CA GLU C 166 28.20 -20.28 15.98
C GLU C 166 28.71 -18.92 16.45
N ALA C 167 30.03 -18.75 16.53
CA ALA C 167 30.59 -17.47 16.93
C ALA C 167 30.28 -16.38 15.91
N VAL C 168 30.36 -16.72 14.62
CA VAL C 168 30.04 -15.73 13.58
C VAL C 168 28.60 -15.25 13.73
N LEU C 169 27.67 -16.19 13.88
CA LEU C 169 26.26 -15.83 13.99
C LEU C 169 25.98 -15.05 15.26
N MET C 170 26.63 -15.42 16.38
CA MET C 170 26.44 -14.66 17.61
C MET C 170 26.95 -13.23 17.47
N SER C 171 28.10 -13.05 16.82
CA SER C 171 28.62 -11.70 16.60
C SER C 171 27.67 -10.88 15.73
N VAL C 172 27.15 -11.49 14.66
CA VAL C 172 26.24 -10.77 13.77
C VAL C 172 24.98 -10.36 14.51
N THR C 173 24.41 -11.28 15.29
CA THR C 173 23.19 -10.96 16.03
C THR C 173 23.43 -9.89 17.08
N ALA C 174 24.58 -9.95 17.76
CA ALA C 174 24.89 -8.91 18.75
C ALA C 174 25.04 -7.55 18.10
N GLU C 175 25.69 -7.49 16.94
CA GLU C 175 25.84 -6.22 16.25
C GLU C 175 24.48 -5.69 15.78
N LEU C 176 23.61 -6.57 15.28
CA LEU C 176 22.29 -6.13 14.87
C LEU C 176 21.48 -5.58 16.05
N GLU C 177 21.55 -6.27 17.19
CA GLU C 177 20.85 -5.79 18.38
C GLU C 177 21.38 -4.45 18.84
N ALA C 178 22.72 -4.29 18.83
CA ALA C 178 23.31 -3.01 19.23
C ALA C 178 22.88 -1.89 18.28
N ASP C 179 22.86 -2.15 16.97
CA ASP C 179 22.44 -1.14 16.01
C ASP C 179 20.98 -0.76 16.23
N PHE C 180 20.11 -1.75 16.49
CA PHE C 180 18.71 -1.44 16.74
C PHE C 180 18.56 -0.61 18.01
N GLU C 181 19.28 -0.97 19.08
CA GLU C 181 19.19 -0.20 20.32
C GLU C 181 19.70 1.22 20.13
N ALA C 182 20.73 1.40 19.29
CA ALA C 182 21.23 2.75 19.05
C ALA C 182 20.27 3.57 18.19
N VAL C 183 19.56 2.93 17.26
CA VAL C 183 18.68 3.68 16.36
C VAL C 183 17.29 3.91 16.96
N ARG C 184 16.89 3.12 17.95
CA ARG C 184 15.51 3.21 18.44
C ARG C 184 15.29 4.45 19.32
N ASP C 185 16.33 4.88 20.05
CA ASP C 185 16.14 5.89 21.09
C ASP C 185 15.59 7.22 20.59
N PRO C 186 16.17 7.88 19.58
CA PRO C 186 15.67 9.22 19.21
C PRO C 186 14.24 9.23 18.70
N VAL C 187 13.75 8.11 18.16
CA VAL C 187 12.42 8.10 17.56
C VAL C 187 11.35 8.34 18.61
N ILE C 188 11.46 7.69 19.77
CA ILE C 188 10.47 7.87 20.81
C ILE C 188 10.46 9.30 21.31
N ARG C 189 11.65 9.90 21.47
CA ARG C 189 11.72 11.28 21.94
C ARG C 189 11.10 12.25 20.95
N ILE C 190 11.41 12.07 19.65
CA ILE C 190 10.86 13.00 18.67
C ILE C 190 9.35 12.81 18.52
N LEU C 191 8.86 11.58 18.64
CA LEU C 191 7.42 11.37 18.61
C LEU C 191 6.74 12.02 19.81
N SER C 192 7.34 11.90 21.01
CA SER C 192 6.78 12.56 22.18
C SER C 192 6.78 14.08 22.02
N GLU C 193 7.84 14.63 21.42
CA GLU C 193 7.90 16.07 21.20
C GLU C 193 6.87 16.52 20.17
N LEU C 194 6.61 15.70 19.15
CA LEU C 194 5.61 16.04 18.14
C LEU C 194 4.19 15.74 18.58
N GLU C 195 4.00 15.02 19.69
CA GLU C 195 2.65 14.74 20.16
C GLU C 195 1.87 16.01 20.44
N ASP C 196 2.52 17.02 21.03
CA ASP C 196 1.81 18.24 21.43
C ASP C 196 1.84 19.30 20.33
N ASP C 197 3.03 19.74 19.92
CA ASP C 197 3.17 20.82 18.96
C ASP C 197 3.99 20.35 17.75
N ILE C 198 3.76 21.02 16.62
CA ILE C 198 4.43 20.70 15.36
C ILE C 198 5.28 21.91 14.97
N ASP C 199 6.60 21.74 15.02
CA ASP C 199 7.53 22.79 14.65
C ASP C 199 8.09 22.50 13.26
N ARG C 200 9.08 23.30 12.85
CA ARG C 200 9.69 23.16 11.54
C ARG C 200 10.86 22.20 11.53
N GLU C 201 11.74 22.28 12.54
CA GLU C 201 12.92 21.42 12.58
C GLU C 201 12.61 20.00 13.01
N LYS C 202 11.57 19.81 13.82
CA LYS C 202 11.22 18.47 14.28
C LYS C 202 10.78 17.58 13.11
N LEU C 203 10.09 18.17 12.12
CA LEU C 203 9.73 17.42 10.93
C LEU C 203 10.98 16.98 10.16
N ARG C 204 11.99 17.85 10.09
CA ARG C 204 13.23 17.48 9.44
C ARG C 204 13.95 16.36 10.19
N ILE C 205 13.93 16.41 11.53
CA ILE C 205 14.52 15.34 12.32
C ILE C 205 13.79 14.02 12.07
N LEU C 206 12.46 14.07 12.00
CA LEU C 206 11.67 12.88 11.69
C LEU C 206 12.01 12.35 10.30
N LEU C 207 12.21 13.24 9.34
CA LEU C 207 12.61 12.83 8.00
C LEU C 207 13.97 12.12 8.03
N VAL C 208 14.91 12.66 8.80
CA VAL C 208 16.23 12.05 8.89
C VAL C 208 16.13 10.66 9.54
N LEU C 209 15.28 10.53 10.56
CA LEU C 209 15.20 9.26 11.29
C LEU C 209 14.43 8.19 10.52
N SER C 210 13.40 8.56 9.75
CA SER C 210 12.54 7.58 9.12
C SER C 210 13.29 6.75 8.09
N LYS C 211 14.08 7.40 7.24
CA LYS C 211 14.83 6.66 6.22
C LYS C 211 15.87 5.76 6.84
N ARG C 212 16.52 6.22 7.92
CA ARG C 212 17.49 5.39 8.63
C ARG C 212 16.83 4.14 9.20
N VAL C 213 15.64 4.31 9.81
CA VAL C 213 14.94 3.17 10.38
C VAL C 213 14.52 2.20 9.28
N SER C 214 14.04 2.72 8.15
CA SER C 214 13.65 1.86 7.04
C SER C 214 14.84 1.09 6.49
N THR C 215 15.99 1.75 6.36
CA THR C 215 17.18 1.07 5.86
C THR C 215 17.63 -0.02 6.82
N PHE C 216 17.58 0.25 8.13
CA PHE C 216 17.95 -0.78 9.10
C PHE C 216 17.00 -1.96 9.03
N GLU C 217 15.70 -1.70 8.88
CA GLU C 217 14.73 -2.78 8.76
C GLU C 217 14.99 -3.61 7.50
N GLN C 218 15.32 -2.95 6.39
CA GLN C 218 15.64 -3.67 5.17
C GLN C 218 16.87 -4.54 5.34
N LYS C 219 17.90 -4.01 6.01
CA LYS C 219 19.12 -4.79 6.25
C LYS C 219 18.82 -6.01 7.12
N ALA C 220 18.03 -5.83 8.18
CA ALA C 220 17.67 -6.96 9.04
C ALA C 220 16.88 -8.01 8.27
N LYS C 221 15.93 -7.57 7.43
CA LYS C 221 15.17 -8.51 6.61
C LYS C 221 16.08 -9.26 5.64
N LEU C 222 17.06 -8.57 5.06
CA LEU C 222 18.00 -9.22 4.16
C LEU C 222 18.81 -10.29 4.88
N VAL C 223 19.27 -9.98 6.10
CA VAL C 223 20.03 -10.98 6.86
C VAL C 223 19.16 -12.18 7.20
N ARG C 224 17.92 -11.92 7.63
CA ARG C 224 17.01 -13.02 7.97
C ARG C 224 16.73 -13.89 6.74
N ASP C 225 16.51 -13.27 5.59
CA ASP C 225 16.27 -14.04 4.37
C ASP C 225 17.51 -14.81 3.93
N ALA C 226 18.70 -14.24 4.14
CA ALA C 226 19.93 -14.96 3.81
C ALA C 226 20.07 -16.20 4.68
N ILE C 227 19.71 -16.10 5.96
CA ILE C 227 19.74 -17.28 6.83
C ILE C 227 18.68 -18.30 6.40
N GLU C 228 17.47 -17.82 6.10
CA GLU C 228 16.38 -18.72 5.74
C GLU C 228 16.66 -19.45 4.43
N GLU C 229 17.34 -18.80 3.50
CA GLU C 229 17.69 -19.46 2.23
C GLU C 229 18.56 -20.68 2.47
N LEU C 230 19.57 -20.55 3.33
CA LEU C 230 20.38 -21.70 3.70
C LEU C 230 19.58 -22.73 4.49
N LEU C 231 18.61 -22.27 5.30
CA LEU C 231 17.79 -23.20 6.07
C LEU C 231 16.82 -24.01 5.22
N GLU C 232 16.65 -23.67 3.94
CA GLU C 232 15.64 -24.32 3.11
C GLU C 232 16.23 -25.31 2.10
N ALA C 233 17.52 -25.62 2.19
CA ALA C 233 18.17 -26.55 1.27
C ALA C 233 18.72 -27.74 2.04
N ASP C 234 18.24 -28.95 1.70
CA ASP C 234 18.71 -30.15 2.38
C ASP C 234 20.12 -30.53 1.96
N ASP C 235 20.42 -30.45 0.66
CA ASP C 235 21.75 -30.80 0.18
C ASP C 235 22.82 -29.85 0.72
N ASP C 236 22.52 -28.55 0.79
CA ASP C 236 23.45 -27.59 1.34
C ASP C 236 23.69 -27.84 2.83
N LEU C 237 22.64 -28.20 3.57
CA LEU C 237 22.81 -28.55 4.97
C LEU C 237 23.65 -29.81 5.13
N ALA C 238 23.46 -30.80 4.26
CA ALA C 238 24.21 -32.04 4.36
C ALA C 238 25.67 -31.88 3.93
N ALA C 239 25.96 -30.94 3.04
CA ALA C 239 27.31 -30.76 2.53
C ALA C 239 28.20 -29.94 3.46
N MET C 240 27.66 -29.39 4.54
CA MET C 240 28.44 -28.58 5.46
C MET C 240 29.19 -29.40 6.50
N TYR C 241 29.01 -30.72 6.53
CA TYR C 241 29.76 -31.59 7.44
C TYR C 241 31.14 -31.84 6.82
N LEU C 242 32.01 -30.84 6.95
CA LEU C 242 33.33 -30.91 6.34
C LEU C 242 34.26 -31.87 7.08
N THR C 243 34.10 -31.99 8.40
CA THR C 243 34.98 -32.87 9.16
C THR C 243 34.77 -34.33 8.79
N GLU C 244 33.52 -34.75 8.60
CA GLU C 244 33.25 -36.15 8.28
C GLU C 244 33.68 -36.49 6.85
N LYS C 245 33.61 -35.52 5.94
CA LYS C 245 34.00 -35.78 4.55
C LYS C 245 35.51 -36.02 4.42
N THR C 246 36.30 -35.65 5.42
CA THR C 246 37.74 -35.92 5.38
C THR C 246 38.07 -37.35 5.77
N HIS C 247 37.10 -38.10 6.31
CA HIS C 247 37.29 -39.49 6.68
C HIS C 247 36.48 -40.44 5.79
N ASP C 248 36.15 -40.00 4.56
CA ASP C 248 35.35 -40.78 3.62
C ASP C 248 34.00 -41.16 4.20
N LEU C 249 33.41 -40.23 4.97
CA LEU C 249 32.09 -40.41 5.55
C LEU C 249 31.18 -39.31 5.04
N TYR C 250 30.08 -39.70 4.40
CA TYR C 250 29.11 -38.76 3.86
C TYR C 250 27.79 -38.90 4.62
N ARG C 251 27.17 -37.77 4.92
CA ARG C 251 26.00 -37.76 5.79
C ARG C 251 24.72 -38.12 5.05
N GLY C 252 24.37 -37.34 4.05
CA GLY C 252 23.13 -37.55 3.33
C GLY C 252 22.12 -36.46 3.62
N GLU C 253 21.18 -36.28 2.69
CA GLU C 253 20.19 -35.20 2.72
C GLU C 253 19.11 -35.41 3.77
N ASP C 254 19.19 -36.38 4.67
CA ASP C 254 18.12 -36.61 5.64
C ASP C 254 18.59 -36.61 7.09
N ASP C 255 19.87 -36.35 7.36
CA ASP C 255 20.40 -36.30 8.73
C ASP C 255 21.21 -35.02 8.89
N HIS C 256 20.52 -33.93 9.21
CA HIS C 256 21.15 -32.62 9.39
C HIS C 256 20.54 -31.91 10.60
N THR C 257 20.39 -32.64 11.71
CA THR C 257 19.71 -32.09 12.88
C THR C 257 20.55 -30.99 13.54
N GLU C 258 21.85 -31.21 13.70
CA GLU C 258 22.68 -30.30 14.48
C GLU C 258 22.73 -28.92 13.86
N VAL C 259 23.04 -28.84 12.56
CA VAL C 259 23.17 -27.55 11.91
C VAL C 259 21.81 -26.85 11.82
N GLU C 260 20.73 -27.61 11.63
CA GLU C 260 19.40 -27.01 11.58
C GLU C 260 19.04 -26.38 12.91
N LEU C 261 19.29 -27.10 14.01
CA LEU C 261 19.01 -26.55 15.33
C LEU C 261 19.90 -25.35 15.62
N LEU C 262 21.15 -25.38 15.14
CA LEU C 262 22.03 -24.23 15.34
C LEU C 262 21.50 -23.00 14.60
N LEU C 263 21.02 -23.17 13.37
CA LEU C 263 20.61 -22.04 12.55
C LEU C 263 19.25 -21.47 12.96
N GLU C 264 18.34 -22.33 13.44
CA GLU C 264 16.98 -21.86 13.74
C GLU C 264 16.98 -20.79 14.82
N SER C 265 17.84 -20.94 15.83
CA SER C 265 17.87 -19.97 16.93
C SER C 265 18.23 -18.58 16.45
N TYR C 266 19.27 -18.47 15.62
CA TYR C 266 19.66 -17.17 15.10
C TYR C 266 18.65 -16.64 14.09
N HIS C 267 17.99 -17.53 13.36
CA HIS C 267 16.89 -17.09 12.48
C HIS C 267 15.80 -16.40 13.29
N LYS C 268 15.40 -17.01 14.42
CA LYS C 268 14.38 -16.39 15.26
C LYS C 268 14.89 -15.10 15.90
N LEU C 269 16.17 -15.07 16.27
CA LEU C 269 16.75 -13.85 16.84
C LEU C 269 16.68 -12.70 15.85
N CYS C 270 16.96 -12.96 14.58
CA CYS C 270 16.84 -11.91 13.57
C CYS C 270 15.39 -11.54 13.32
N ASP C 271 14.49 -12.53 13.34
CA ASP C 271 13.08 -12.26 13.11
C ASP C 271 12.50 -11.33 14.18
N GLU C 272 12.95 -11.48 15.43
CA GLU C 272 12.45 -10.62 16.50
C GLU C 272 12.80 -9.15 16.23
N VAL C 273 14.05 -8.89 15.83
CA VAL C 273 14.47 -7.52 15.53
C VAL C 273 13.71 -6.99 14.31
N VAL C 274 13.46 -7.86 13.33
CA VAL C 274 12.68 -7.44 12.17
C VAL C 274 11.29 -6.99 12.60
N GLN C 275 10.64 -7.76 13.47
CA GLN C 275 9.30 -7.40 13.94
C GLN C 275 9.32 -6.10 14.72
N GLU C 276 10.35 -5.89 15.56
CA GLU C 276 10.44 -4.64 16.31
C GLU C 276 10.58 -3.45 15.36
N ALA C 277 11.44 -3.58 14.35
CA ALA C 277 11.61 -2.50 13.38
C ALA C 277 10.31 -2.21 12.62
N SER C 278 9.58 -3.28 12.26
CA SER C 278 8.30 -3.09 11.57
C SER C 278 7.31 -2.34 12.46
N ASN C 279 7.25 -2.69 13.74
CA ASN C 279 6.37 -1.99 14.67
C ASN C 279 6.74 -0.51 14.77
N LEU C 280 8.04 -0.22 14.86
CA LEU C 280 8.48 1.18 14.93
C LEU C 280 8.08 1.95 13.68
N VAL C 281 8.25 1.33 12.50
CA VAL C 281 7.88 1.98 11.25
C VAL C 281 6.39 2.27 11.22
N SER C 282 5.58 1.30 11.66
CA SER C 282 4.13 1.51 11.69
C SER C 282 3.75 2.65 12.61
N SER C 283 4.39 2.73 13.79
CA SER C 283 4.11 3.84 14.70
C SER C 283 4.47 5.18 14.08
N ILE C 284 5.61 5.26 13.40
CA ILE C 284 6.00 6.50 12.74
C ILE C 284 4.98 6.90 11.68
N ARG C 285 4.54 5.93 10.88
CA ARG C 285 3.56 6.22 9.84
C ARG C 285 2.25 6.73 10.43
N ASN C 286 1.77 6.10 11.51
CA ASN C 286 0.54 6.56 12.14
C ASN C 286 0.69 7.97 12.68
N THR C 287 1.82 8.27 13.33
CA THR C 287 2.03 9.62 13.87
C THR C 287 2.04 10.66 12.75
N GLU C 288 2.71 10.37 11.64
CA GLU C 288 2.73 11.31 10.53
C GLU C 288 1.34 11.53 9.96
N GLU C 289 0.60 10.44 9.73
CA GLU C 289 -0.75 10.56 9.18
C GLU C 289 -1.69 11.30 10.12
N ILE C 290 -1.43 11.28 11.43
CA ILE C 290 -2.29 12.02 12.35
C ILE C 290 -1.92 13.50 12.38
N ILE C 291 -0.62 13.81 12.44
CA ILE C 291 -0.23 15.22 12.50
C ILE C 291 -0.60 15.94 11.19
N ARG C 292 -0.60 15.21 10.07
CA ARG C 292 -1.01 15.83 8.80
C ARG C 292 -2.42 16.39 8.87
N ALA C 293 -3.34 15.67 9.52
CA ALA C 293 -4.70 16.15 9.69
C ALA C 293 -4.81 17.15 10.84
N ILE C 294 -3.94 17.03 11.85
CA ILE C 294 -3.94 18.00 12.95
C ILE C 294 -3.65 19.40 12.43
N LEU C 295 -2.74 19.51 11.46
CA LEU C 295 -2.42 20.83 10.89
C LEU C 295 -3.66 21.49 10.29
N ASP C 296 -4.39 20.77 9.43
CA ASP C 296 -5.58 21.33 8.82
C ASP C 296 -6.69 21.55 9.85
N ALA C 297 -6.72 20.73 10.91
CA ALA C 297 -7.70 20.93 11.96
C ALA C 297 -7.47 22.25 12.69
N ASN C 298 -6.22 22.59 12.97
CA ASN C 298 -5.93 23.82 13.71
C ASN C 298 -5.87 25.05 12.82
N ARG C 299 -5.77 24.89 11.50
CA ARG C 299 -5.80 26.06 10.61
C ARG C 299 -7.19 26.71 10.57
N ASN C 300 -8.24 25.89 10.66
CA ASN C 300 -9.60 26.41 10.55
C ASN C 300 -9.94 27.38 11.67
N SER C 301 -9.28 27.25 12.83
CA SER C 301 -9.54 28.18 13.92
C SER C 301 -9.16 29.61 13.53
N LEU C 302 -7.96 29.80 13.00
CA LEU C 302 -7.55 31.12 12.53
C LEU C 302 -8.40 31.56 11.34
N MET C 303 -8.73 30.62 10.44
CA MET C 303 -9.56 30.96 9.29
C MET C 303 -10.92 31.53 9.74
N LEU C 304 -11.49 30.95 10.80
CA LEU C 304 -12.76 31.45 11.32
C LEU C 304 -12.58 32.73 12.13
N LEU C 305 -11.45 32.87 12.83
CA LEU C 305 -11.22 34.07 13.63
C LEU C 305 -11.06 35.31 12.76
N ASP C 306 -10.50 35.15 11.55
CA ASP C 306 -10.30 36.32 10.68
C ASP C 306 -11.63 36.97 10.27
N LEU C 307 -12.70 36.17 10.16
CA LEU C 307 -13.96 36.69 9.66
C LEU C 307 -14.60 37.69 10.63
N LYS C 308 -14.40 37.50 11.94
CA LYS C 308 -14.95 38.45 12.90
C LYS C 308 -14.30 39.82 12.75
N PHE C 309 -12.98 39.84 12.57
CA PHE C 309 -12.29 41.10 12.30
C PHE C 309 -12.75 41.71 10.98
N SER C 310 -12.97 40.88 9.96
CA SER C 310 -13.49 41.39 8.70
C SER C 310 -14.85 42.06 8.88
N ILE C 311 -15.74 41.42 9.65
CA ILE C 311 -17.06 41.98 9.89
C ILE C 311 -16.96 43.29 10.68
N GLY C 312 -16.05 43.34 11.67
CA GLY C 312 -15.85 44.57 12.40
C GLY C 312 -15.37 45.70 11.53
N THR C 313 -14.42 45.42 10.63
CA THR C 313 -13.95 46.44 9.71
C THR C 313 -15.06 46.90 8.76
N LEU C 314 -15.88 45.96 8.30
CA LEU C 314 -17.00 46.33 7.44
C LEU C 314 -17.98 47.25 8.17
N GLY C 315 -18.29 46.94 9.43
CA GLY C 315 -19.18 47.80 10.20
C GLY C 315 -18.58 49.18 10.44
N LEU C 316 -17.29 49.23 10.76
CA LEU C 316 -16.63 50.52 10.95
C LEU C 316 -16.65 51.35 9.67
N ALA C 317 -16.42 50.72 8.52
CA ALA C 317 -16.47 51.44 7.26
C ALA C 317 -17.88 51.94 6.97
N MET C 318 -18.89 51.12 7.27
CA MET C 318 -20.28 51.55 7.08
C MET C 318 -20.60 52.76 7.92
N GLY C 319 -20.15 52.77 9.18
CA GLY C 319 -20.35 53.94 10.03
C GLY C 319 -19.59 55.16 9.54
N THR C 320 -18.34 54.96 9.10
CA THR C 320 -17.53 56.07 8.64
C THR C 320 -18.08 56.71 7.37
N PHE C 321 -18.74 55.92 6.51
CA PHE C 321 -19.33 56.49 5.32
C PHE C 321 -20.39 57.54 5.67
N LEU C 322 -21.30 57.21 6.58
CA LEU C 322 -22.31 58.19 6.99
C LEU C 322 -21.70 59.31 7.82
N ALA C 323 -20.64 59.01 8.59
CA ALA C 323 -19.97 60.07 9.33
C ALA C 323 -19.35 61.11 8.39
N GLY C 324 -18.77 60.66 7.28
CA GLY C 324 -18.16 61.58 6.32
C GLY C 324 -19.11 62.17 5.32
N LEU C 325 -20.32 61.61 5.19
CA LEU C 325 -21.31 62.20 4.29
C LEU C 325 -21.68 63.61 4.73
N TYR C 326 -21.75 63.86 6.03
CA TYR C 326 -22.11 65.18 6.56
C TYR C 326 -20.92 66.12 6.67
N GLY C 327 -19.72 65.67 6.33
CA GLY C 327 -18.54 66.52 6.33
C GLY C 327 -18.31 67.28 5.04
N MET C 328 -19.15 67.09 4.04
CA MET C 328 -18.99 67.80 2.77
C MET C 328 -19.36 69.27 2.92
N ASN C 329 -18.72 70.11 2.11
CA ASN C 329 -18.98 71.55 2.13
C ASN C 329 -20.21 71.85 1.25
N LEU C 330 -21.36 71.42 1.75
CA LEU C 330 -22.64 71.61 1.06
C LEU C 330 -23.66 72.08 2.08
N GLU C 331 -24.93 72.15 1.67
CA GLU C 331 -26.01 72.60 2.51
C GLU C 331 -26.74 71.38 3.08
N ASN C 332 -26.67 71.22 4.41
CA ASN C 332 -27.33 70.11 5.08
C ASN C 332 -28.61 70.50 5.80
N PHE C 333 -28.91 71.80 5.88
CA PHE C 333 -30.14 72.37 6.44
C PHE C 333 -30.28 72.17 7.94
N ILE C 334 -29.34 71.47 8.59
CA ILE C 334 -29.43 71.24 10.03
C ILE C 334 -28.10 71.61 10.68
N GLU C 335 -27.33 72.48 10.02
CA GLU C 335 -26.03 72.87 10.56
C GLU C 335 -26.17 73.75 11.80
N GLU C 336 -27.17 74.62 11.84
CA GLU C 336 -27.36 75.54 12.96
C GLU C 336 -28.26 74.97 14.06
N THR C 337 -28.80 73.77 13.88
CA THR C 337 -29.65 73.18 14.89
C THR C 337 -28.81 72.69 16.07
N ASN C 338 -29.49 72.44 17.20
CA ASN C 338 -28.84 71.96 18.41
C ASN C 338 -29.09 70.48 18.66
N TRP C 339 -29.50 69.74 17.63
CA TRP C 339 -29.76 68.31 17.77
C TRP C 339 -29.19 67.46 16.65
N GLY C 340 -28.61 68.04 15.61
CA GLY C 340 -28.14 67.25 14.49
C GLY C 340 -26.94 66.37 14.83
N PHE C 341 -26.02 66.89 15.63
CA PHE C 341 -24.78 66.17 15.91
C PHE C 341 -25.07 64.86 16.62
N GLY C 342 -25.82 64.91 17.73
CA GLY C 342 -26.13 63.71 18.46
C GLY C 342 -26.96 62.72 17.67
N ALA C 343 -27.92 63.24 16.89
CA ALA C 343 -28.76 62.37 16.08
C ALA C 343 -27.93 61.62 15.03
N ILE C 344 -27.03 62.33 14.35
CA ILE C 344 -26.21 61.70 13.33
C ILE C 344 -25.24 60.70 13.96
N THR C 345 -24.66 61.05 15.11
CA THR C 345 -23.77 60.11 15.79
C THR C 345 -24.51 58.84 16.20
N GLY C 346 -25.71 59.00 16.75
CA GLY C 346 -26.50 57.84 17.13
C GLY C 346 -26.91 56.99 15.95
N LEU C 347 -27.29 57.63 14.85
CA LEU C 347 -27.66 56.88 13.65
C LEU C 347 -26.48 56.09 13.10
N SER C 348 -25.29 56.71 13.05
CA SER C 348 -24.11 56.00 12.58
C SER C 348 -23.77 54.83 13.49
N THR C 349 -23.82 55.05 14.81
CA THR C 349 -23.52 53.96 15.74
C THR C 349 -24.51 52.82 15.61
N LEU C 350 -25.80 53.15 15.48
CA LEU C 350 -26.81 52.11 15.33
C LEU C 350 -26.64 51.33 14.04
N LEU C 351 -26.31 52.03 12.95
CA LEU C 351 -26.09 51.34 11.68
C LEU C 351 -24.89 50.39 11.78
N SER C 352 -23.80 50.86 12.39
CA SER C 352 -22.63 50.00 12.56
C SER C 352 -22.98 48.77 13.40
N LEU C 353 -23.73 48.99 14.50
CA LEU C 353 -24.08 47.88 15.37
C LEU C 353 -24.97 46.87 14.65
N VAL C 354 -25.96 47.34 13.88
CA VAL C 354 -26.88 46.40 13.24
C VAL C 354 -26.19 45.65 12.11
N VAL C 355 -25.29 46.30 11.37
CA VAL C 355 -24.59 45.57 10.31
C VAL C 355 -23.63 44.56 10.91
N CYS C 356 -22.96 44.90 12.02
CA CYS C 356 -22.10 43.94 12.69
C CYS C 356 -22.90 42.75 13.22
N TRP C 357 -24.07 43.02 13.80
CA TRP C 357 -24.91 41.94 14.32
C TRP C 357 -25.40 41.04 13.19
N TYR C 358 -25.79 41.62 12.06
CA TYR C 358 -26.23 40.82 10.91
C TYR C 358 -25.08 39.97 10.39
N GLY C 359 -23.88 40.54 10.30
CA GLY C 359 -22.74 39.77 9.87
C GLY C 359 -22.42 38.61 10.80
N LEU C 360 -22.46 38.86 12.11
CA LEU C 360 -22.20 37.79 13.08
C LEU C 360 -23.26 36.71 12.99
N ALA C 361 -24.53 37.10 12.83
CA ALA C 361 -25.59 36.11 12.71
C ALA C 361 -25.42 35.26 11.46
N LYS C 362 -25.08 35.90 10.34
CA LYS C 362 -24.85 35.14 9.11
C LYS C 362 -23.67 34.20 9.24
N LEU C 363 -22.60 34.66 9.90
CA LEU C 363 -21.45 33.79 10.12
C LEU C 363 -21.81 32.60 11.00
N ARG C 364 -22.59 32.82 12.06
CA ARG C 364 -23.00 31.72 12.92
C ARG C 364 -23.90 30.74 12.17
N LYS C 365 -24.78 31.25 11.31
CA LYS C 365 -25.63 30.37 10.51
C LYS C 365 -24.80 29.55 9.54
N VAL C 366 -23.79 30.16 8.92
CA VAL C 366 -22.96 29.45 7.95
C VAL C 366 -22.12 28.37 8.63
N GLN C 367 -21.47 28.73 9.74
CA GLN C 367 -20.60 27.80 10.44
C GLN C 367 -21.36 26.69 11.16
N ARG C 368 -22.67 26.82 11.31
CA ARG C 368 -23.48 25.82 11.99
C ARG C 368 -23.48 24.50 11.21
N PRO D 52 21.32 -15.90 36.49
CA PRO D 52 21.60 -17.33 36.65
C PRO D 52 20.52 -18.05 37.43
N ARG D 53 19.47 -17.32 37.82
CA ARG D 53 18.37 -17.87 38.59
C ARG D 53 17.05 -17.47 37.97
N LEU D 54 16.05 -18.34 38.11
CA LEU D 54 14.70 -18.08 37.61
C LEU D 54 13.68 -18.47 38.66
N ARG D 55 12.55 -17.78 38.64
CA ARG D 55 11.43 -18.13 39.50
C ARG D 55 10.62 -19.25 38.85
N CYS D 56 10.43 -20.34 39.57
CA CYS D 56 9.88 -21.56 39.01
C CYS D 56 8.75 -22.10 39.88
N THR D 57 7.71 -22.61 39.20
CA THR D 57 6.62 -23.34 39.82
C THR D 57 6.58 -24.74 39.21
N GLU D 58 6.52 -25.75 40.06
CA GLU D 58 6.69 -27.14 39.63
C GLU D 58 5.44 -27.95 39.96
N VAL D 59 5.03 -28.80 39.02
CA VAL D 59 3.93 -29.73 39.21
C VAL D 59 4.39 -31.11 38.80
N ASP D 60 4.17 -32.11 39.65
CA ASP D 60 4.61 -33.47 39.39
C ASP D 60 3.61 -34.17 38.49
N GLY D 61 3.75 -35.49 38.35
CA GLY D 61 2.88 -36.26 37.47
C GLY D 61 1.48 -36.52 37.99
N ASN D 62 1.25 -36.27 39.28
CA ASN D 62 -0.07 -36.47 39.88
C ASN D 62 -0.90 -35.20 39.94
N GLY D 63 -0.39 -34.09 39.38
CA GLY D 63 -1.12 -32.85 39.40
C GLY D 63 -1.07 -32.09 40.71
N ASN D 64 -0.11 -32.41 41.58
CA ASN D 64 0.02 -31.76 42.87
C ASN D 64 1.18 -30.78 42.84
N VAL D 65 0.95 -29.56 43.32
CA VAL D 65 1.99 -28.54 43.35
C VAL D 65 2.95 -28.82 44.49
N ILE D 66 4.25 -28.86 44.19
CA ILE D 66 5.29 -29.07 45.18
C ILE D 66 6.19 -27.85 45.32
N MET D 67 6.02 -26.83 44.49
CA MET D 67 6.83 -25.62 44.54
C MET D 67 6.01 -24.48 43.97
N VAL D 68 5.95 -23.36 44.69
CA VAL D 68 5.11 -22.24 44.27
C VAL D 68 5.95 -21.21 43.54
N ASP D 69 6.92 -20.62 44.22
CA ASP D 69 7.78 -19.58 43.67
C ASP D 69 9.23 -19.85 44.00
N GLY D 70 9.68 -21.08 43.76
CA GLY D 70 11.03 -21.47 44.09
C GLY D 70 12.04 -20.84 43.15
N GLU D 71 13.32 -21.00 43.51
CA GLU D 71 14.42 -20.52 42.70
C GLU D 71 15.11 -21.70 42.04
N LEU D 72 15.36 -21.58 40.73
CA LEU D 72 15.97 -22.64 39.95
C LEU D 72 17.14 -22.09 39.16
N LYS D 73 18.26 -22.81 39.20
CA LYS D 73 19.45 -22.47 38.43
C LYS D 73 19.31 -23.07 37.04
N LYS D 74 19.68 -22.28 36.02
CA LYS D 74 19.50 -22.70 34.64
C LYS D 74 20.39 -23.87 34.25
N SER D 75 21.35 -24.22 35.09
CA SER D 75 22.20 -25.37 34.81
C SER D 75 21.41 -26.68 34.91
N GLU D 76 20.47 -26.78 35.85
CA GLU D 76 19.68 -27.99 35.98
C GLU D 76 18.79 -28.23 34.77
N LEU D 77 18.42 -27.16 34.06
CA LEU D 77 17.63 -27.31 32.83
C LEU D 77 18.40 -28.11 31.79
N ILE D 78 19.70 -27.84 31.63
CA ILE D 78 20.51 -28.64 30.74
C ILE D 78 20.80 -30.01 31.37
N ALA D 79 20.93 -30.05 32.70
CA ALA D 79 21.35 -31.29 33.37
C ALA D 79 20.29 -32.38 33.24
N LYS D 80 19.04 -32.06 33.57
CA LYS D 80 18.01 -33.11 33.67
C LYS D 80 16.69 -32.69 33.04
N TYR D 81 16.73 -31.95 31.93
CA TYR D 81 15.49 -31.62 31.23
C TYR D 81 15.63 -31.69 29.71
N GLY D 82 16.78 -32.13 29.20
CA GLY D 82 16.92 -32.34 27.77
C GLY D 82 17.05 -31.08 26.93
N LEU D 83 17.45 -29.96 27.53
CA LEU D 83 17.61 -28.72 26.80
C LEU D 83 19.06 -28.54 26.35
N LEU D 84 19.26 -27.58 25.45
CA LEU D 84 20.56 -27.26 24.90
C LEU D 84 21.09 -25.96 25.51
N PRO D 85 22.42 -25.80 25.59
CA PRO D 85 22.97 -24.57 26.17
C PRO D 85 22.59 -23.30 25.43
N ARG D 86 22.30 -23.38 24.14
CA ARG D 86 21.96 -22.19 23.36
C ARG D 86 20.51 -21.77 23.50
N ASP D 87 19.65 -22.62 24.10
CA ASP D 87 18.25 -22.27 24.27
C ASP D 87 17.99 -21.43 25.52
N LEU D 88 18.93 -21.40 26.46
CA LEU D 88 18.69 -20.71 27.73
C LEU D 88 18.43 -19.23 27.51
N ARG D 89 19.15 -18.61 26.56
CA ARG D 89 18.93 -17.20 26.28
C ARG D 89 17.53 -16.92 25.76
N LYS D 90 16.86 -17.91 25.19
CA LYS D 90 15.46 -17.72 24.81
C LYS D 90 14.55 -17.74 26.02
N ILE D 91 14.91 -18.48 27.06
CA ILE D 91 14.08 -18.54 28.27
C ILE D 91 14.21 -17.25 29.08
N ASP D 92 15.39 -16.64 29.08
CA ASP D 92 15.63 -15.48 29.92
C ASP D 92 14.80 -14.28 29.50
N SER D 93 14.98 -13.82 28.27
CA SER D 93 14.27 -12.63 27.77
C SER D 93 13.99 -12.82 26.28
N SER D 94 12.73 -13.03 25.94
CA SER D 94 12.31 -13.15 24.55
C SER D 94 10.83 -12.83 24.46
N ASN D 95 10.46 -11.94 23.54
CA ASN D 95 9.07 -11.55 23.33
C ASN D 95 8.50 -12.15 22.06
N LEU D 96 9.16 -13.16 21.50
CA LEU D 96 8.68 -13.83 20.30
C LEU D 96 8.02 -15.14 20.68
N PRO D 97 6.70 -15.29 20.47
CA PRO D 97 6.03 -16.54 20.82
C PRO D 97 6.54 -17.69 19.97
N HIS D 98 6.82 -18.82 20.60
CA HIS D 98 7.34 -19.97 19.88
C HIS D 98 7.09 -21.24 20.67
N ILE D 99 7.17 -22.37 19.95
CA ILE D 99 7.06 -23.70 20.54
C ILE D 99 8.21 -24.54 20.00
N LEU D 100 9.03 -25.08 20.90
CA LEU D 100 10.17 -25.90 20.55
C LEU D 100 9.95 -27.33 21.03
N VAL D 101 10.22 -28.29 20.15
CA VAL D 101 10.03 -29.71 20.43
C VAL D 101 11.39 -30.34 20.60
N ARG D 102 11.63 -30.91 21.77
CA ARG D 102 12.87 -31.60 22.11
C ARG D 102 12.60 -33.10 22.21
N PRO D 103 13.66 -33.92 22.20
CA PRO D 103 13.46 -35.38 22.31
C PRO D 103 12.74 -35.81 23.57
N SER D 104 12.83 -35.03 24.65
CA SER D 104 12.17 -35.42 25.90
C SER D 104 11.46 -34.27 26.60
N ALA D 105 11.30 -33.12 25.94
CA ALA D 105 10.65 -31.98 26.57
C ALA D 105 10.04 -31.09 25.50
N ILE D 106 9.11 -30.24 25.93
CA ILE D 106 8.47 -29.26 25.06
C ILE D 106 8.57 -27.89 25.72
N LEU D 107 9.05 -26.90 24.97
CA LEU D 107 9.21 -25.54 25.49
C LEU D 107 8.20 -24.64 24.81
N ILE D 108 7.42 -23.91 25.61
CA ILE D 108 6.38 -23.02 25.10
C ILE D 108 6.63 -21.62 25.64
N ASN D 109 6.69 -20.64 24.74
CA ASN D 109 6.80 -19.23 25.11
C ASN D 109 5.68 -18.49 24.40
N LEU D 110 4.55 -18.29 25.10
CA LEU D 110 3.38 -17.67 24.50
C LEU D 110 2.91 -16.54 25.42
N LEU D 111 3.18 -15.30 25.01
CA LEU D 111 2.74 -14.12 25.74
C LEU D 111 3.21 -14.13 27.19
N HIS D 112 2.30 -14.48 28.11
CA HIS D 112 2.57 -14.46 29.54
C HIS D 112 2.90 -15.83 30.10
N LEU D 113 3.16 -16.82 29.25
CA LEU D 113 3.42 -18.18 29.69
C LEU D 113 4.77 -18.65 29.17
N LYS D 114 5.62 -19.10 30.10
CA LYS D 114 6.90 -19.72 29.79
C LYS D 114 6.91 -21.08 30.47
N VAL D 115 6.62 -22.13 29.69
CA VAL D 115 6.30 -23.44 30.23
C VAL D 115 7.24 -24.49 29.64
N LEU D 116 7.64 -25.44 30.48
CA LEU D 116 8.36 -26.64 30.05
C LEU D 116 7.53 -27.86 30.43
N ILE D 117 7.17 -28.65 29.43
CA ILE D 117 6.27 -29.78 29.60
C ILE D 117 7.03 -31.07 29.31
N LYS D 118 6.94 -32.03 30.24
CA LYS D 118 7.48 -33.37 30.07
C LYS D 118 6.35 -34.36 30.26
N HIS D 119 6.69 -35.65 30.22
CA HIS D 119 5.67 -36.68 30.38
C HIS D 119 5.29 -36.93 31.83
N ASP D 120 6.06 -36.37 32.78
CA ASP D 120 5.74 -36.54 34.20
C ASP D 120 5.92 -35.28 35.02
N ARG D 121 6.21 -34.12 34.41
CA ARG D 121 6.47 -32.91 35.17
C ARG D 121 6.16 -31.70 34.32
N VAL D 122 5.74 -30.62 34.99
CA VAL D 122 5.44 -29.35 34.32
C VAL D 122 6.10 -28.23 35.12
N LEU D 123 6.79 -27.34 34.40
CA LEU D 123 7.46 -26.20 35.01
C LEU D 123 6.95 -24.91 34.38
N LEU D 124 6.68 -23.92 35.23
CA LEU D 124 6.36 -22.57 34.77
C LEU D 124 7.41 -21.63 35.33
N PHE D 125 8.17 -20.98 34.45
CA PHE D 125 9.30 -20.18 34.89
C PHE D 125 9.18 -18.75 34.39
N ASP D 126 9.86 -17.86 35.11
CA ASP D 126 9.89 -16.44 34.79
C ASP D 126 11.10 -15.82 35.49
N VAL D 127 11.20 -14.48 35.43
CA VAL D 127 12.34 -13.79 36.03
C VAL D 127 12.39 -14.06 37.53
N TYR D 128 13.61 -14.05 38.08
CA TYR D 128 13.80 -14.38 39.49
C TYR D 128 13.06 -13.41 40.39
N GLY D 129 13.21 -12.11 40.15
CA GLY D 129 12.52 -11.12 40.95
C GLY D 129 11.19 -10.71 40.37
N SER D 130 10.11 -11.34 40.83
CA SER D 130 8.76 -11.10 40.33
C SER D 130 7.79 -11.89 41.20
N THR D 131 6.50 -11.72 40.89
CA THR D 131 5.45 -12.47 41.56
C THR D 131 4.45 -12.96 40.52
N SER D 132 3.78 -14.06 40.83
CA SER D 132 2.81 -14.63 39.91
C SER D 132 1.62 -13.69 39.74
N SER D 133 1.25 -13.47 38.49
CA SER D 133 0.13 -12.57 38.18
C SER D 133 -1.19 -13.33 38.28
N TYR D 134 -2.30 -12.58 38.16
CA TYR D 134 -3.62 -13.22 38.20
C TYR D 134 -3.84 -14.18 37.04
N PRO D 135 -3.54 -13.82 35.78
CA PRO D 135 -3.67 -14.83 34.71
C PRO D 135 -2.80 -16.06 34.93
N GLN D 136 -1.59 -15.88 35.45
CA GLN D 136 -0.73 -17.03 35.72
C GLN D 136 -1.32 -17.92 36.81
N SER D 137 -1.88 -17.31 37.86
CA SER D 137 -2.50 -18.11 38.92
C SER D 137 -3.73 -18.84 38.41
N ALA D 138 -4.55 -18.18 37.57
CA ALA D 138 -5.71 -18.84 37.00
C ALA D 138 -5.30 -20.01 36.11
N PHE D 139 -4.27 -19.81 35.28
CA PHE D 139 -3.77 -20.89 34.45
C PHE D 139 -3.25 -22.05 35.29
N MET D 140 -2.53 -21.74 36.38
CA MET D 140 -2.01 -22.79 37.24
C MET D 140 -3.14 -23.58 37.89
N TYR D 141 -4.18 -22.88 38.35
CA TYR D 141 -5.33 -23.56 38.96
C TYR D 141 -6.03 -24.45 37.94
N ASP D 142 -6.26 -23.94 36.73
CA ASP D 142 -6.91 -24.74 35.70
C ASP D 142 -6.08 -25.96 35.33
N LEU D 143 -4.76 -25.78 35.19
CA LEU D 143 -3.88 -26.89 34.85
C LEU D 143 -3.88 -27.95 35.94
N GLN D 144 -3.81 -27.53 37.21
CA GLN D 144 -3.85 -28.48 38.31
C GLN D 144 -5.18 -29.23 38.32
N GLY D 145 -6.29 -28.53 38.12
CA GLY D 145 -7.58 -29.19 38.11
C GLY D 145 -7.72 -30.19 36.99
N LYS D 146 -7.21 -29.85 35.80
CA LYS D 146 -7.29 -30.77 34.68
C LYS D 146 -6.35 -31.95 34.84
N LEU D 147 -5.20 -31.75 35.47
CA LEU D 147 -4.24 -32.84 35.62
C LEU D 147 -4.67 -33.82 36.71
N GLN D 148 -5.25 -33.32 37.81
CA GLN D 148 -5.63 -34.19 38.91
C GLN D 148 -7.00 -34.83 38.72
N GLN D 149 -7.54 -34.81 37.50
CA GLN D 149 -8.83 -35.46 37.24
C GLN D 149 -8.72 -36.97 37.41
N LYS D 150 -7.60 -37.55 36.97
CA LYS D 150 -7.37 -39.00 37.03
C LYS D 150 -8.46 -39.78 36.30
N GLN D 151 -8.98 -39.21 35.22
CA GLN D 151 -10.04 -39.86 34.48
C GLN D 151 -9.48 -40.98 33.60
N THR D 152 -10.33 -41.97 33.32
CA THR D 152 -9.99 -43.10 32.46
C THR D 152 -11.11 -43.25 31.44
N GLY D 153 -10.96 -42.56 30.31
CA GLY D 153 -11.95 -42.58 29.25
C GLY D 153 -11.73 -43.71 28.27
N GLY D 154 -12.31 -43.55 27.09
CA GLY D 154 -12.19 -44.56 26.05
C GLY D 154 -11.34 -44.13 24.88
N ALA D 155 -11.99 -43.76 23.77
CA ALA D 155 -11.26 -43.37 22.57
C ALA D 155 -10.70 -41.95 22.68
N ASN D 156 -11.36 -41.07 23.44
CA ASN D 156 -10.96 -39.67 23.54
C ASN D 156 -10.08 -39.39 24.75
N SER D 157 -9.29 -40.36 25.20
CA SER D 157 -8.39 -40.15 26.32
C SER D 157 -7.12 -39.47 25.85
N LEU D 158 -6.65 -38.49 26.63
CA LEU D 158 -5.47 -37.74 26.27
C LEU D 158 -4.38 -37.91 27.32
N PRO D 159 -3.11 -37.89 26.92
CA PRO D 159 -2.00 -38.06 27.87
C PRO D 159 -1.74 -36.77 28.64
N TYR D 160 -0.67 -36.81 29.44
CA TYR D 160 -0.33 -35.70 30.32
C TYR D 160 0.04 -34.45 29.54
N GLU D 161 0.96 -34.60 28.58
CA GLU D 161 1.47 -33.44 27.84
C GLU D 161 0.38 -32.79 27.00
N PHE D 162 -0.49 -33.59 26.39
CA PHE D 162 -1.57 -33.02 25.58
C PHE D 162 -2.58 -32.30 26.47
N ARG D 163 -2.86 -32.84 27.67
CA ARG D 163 -3.75 -32.17 28.59
C ARG D 163 -3.16 -30.86 29.10
N ALA D 164 -1.83 -30.78 29.23
CA ALA D 164 -1.21 -29.52 29.61
C ALA D 164 -1.23 -28.51 28.46
N LEU D 165 -0.93 -28.98 27.25
CA LEU D 165 -0.92 -28.09 26.09
C LEU D 165 -2.30 -27.53 25.81
N GLU D 166 -3.34 -28.34 25.99
CA GLU D 166 -4.71 -27.85 25.77
C GLU D 166 -5.04 -26.70 26.73
N ALA D 167 -4.67 -26.84 28.01
CA ALA D 167 -4.91 -25.78 28.97
C ALA D 167 -4.10 -24.53 28.63
N VAL D 168 -2.84 -24.71 28.22
CA VAL D 168 -2.02 -23.57 27.84
C VAL D 168 -2.65 -22.80 26.69
N LEU D 169 -3.08 -23.53 25.65
CA LEU D 169 -3.68 -22.88 24.49
C LEU D 169 -5.00 -22.21 24.83
N MET D 170 -5.81 -22.84 25.67
CA MET D 170 -7.06 -22.23 26.08
C MET D 170 -6.82 -20.94 26.86
N SER D 171 -5.84 -20.94 27.76
CA SER D 171 -5.52 -19.73 28.50
C SER D 171 -5.04 -18.62 27.57
N VAL D 172 -4.19 -18.96 26.60
CA VAL D 172 -3.68 -17.94 25.67
C VAL D 172 -4.83 -17.36 24.84
N THR D 173 -5.72 -18.23 24.34
CA THR D 173 -6.83 -17.74 23.53
C THR D 173 -7.79 -16.87 24.36
N ALA D 174 -8.05 -17.27 25.61
CA ALA D 174 -8.91 -16.47 26.46
C ALA D 174 -8.31 -15.10 26.74
N GLU D 175 -7.00 -15.04 26.99
CA GLU D 175 -6.36 -13.76 27.22
C GLU D 175 -6.39 -12.88 25.96
N LEU D 176 -6.18 -13.48 24.79
CA LEU D 176 -6.26 -12.72 23.55
C LEU D 176 -7.65 -12.16 23.33
N GLU D 177 -8.68 -12.97 23.58
CA GLU D 177 -10.06 -12.51 23.43
C GLU D 177 -10.36 -11.38 24.41
N ALA D 178 -9.91 -11.51 25.66
CA ALA D 178 -10.14 -10.47 26.64
C ALA D 178 -9.45 -9.17 26.25
N ASP D 179 -8.21 -9.26 25.75
CA ASP D 179 -7.50 -8.06 25.30
C ASP D 179 -8.21 -7.40 24.13
N PHE D 180 -8.70 -8.19 23.18
CA PHE D 180 -9.42 -7.61 22.06
C PHE D 180 -10.70 -6.93 22.52
N GLU D 181 -11.44 -7.58 23.43
CA GLU D 181 -12.67 -6.97 23.93
C GLU D 181 -12.39 -5.69 24.69
N ALA D 182 -11.27 -5.63 25.41
CA ALA D 182 -10.93 -4.41 26.13
C ALA D 182 -10.47 -3.30 25.19
N VAL D 183 -9.81 -3.65 24.09
CA VAL D 183 -9.29 -2.61 23.19
C VAL D 183 -10.32 -2.15 22.17
N ARG D 184 -11.36 -2.95 21.89
CA ARG D 184 -12.29 -2.61 20.83
C ARG D 184 -13.25 -1.49 21.21
N ASP D 185 -13.59 -1.38 22.50
CA ASP D 185 -14.69 -0.50 22.90
C ASP D 185 -14.46 0.97 22.57
N PRO D 186 -13.33 1.61 22.96
CA PRO D 186 -13.22 3.06 22.72
C PRO D 186 -13.22 3.46 21.25
N VAL D 187 -12.82 2.55 20.35
CA VAL D 187 -12.70 2.90 18.94
C VAL D 187 -14.07 3.24 18.35
N ILE D 188 -15.09 2.44 18.66
CA ILE D 188 -16.42 2.71 18.11
C ILE D 188 -16.94 4.05 18.63
N ARG D 189 -16.73 4.34 19.91
CA ARG D 189 -17.21 5.59 20.48
C ARG D 189 -16.51 6.79 19.85
N ILE D 190 -15.19 6.71 19.67
CA ILE D 190 -14.49 7.86 19.09
C ILE D 190 -14.85 8.02 17.62
N LEU D 191 -15.09 6.93 16.90
CA LEU D 191 -15.53 7.05 15.51
C LEU D 191 -16.92 7.67 15.43
N SER D 192 -17.82 7.29 16.33
CA SER D 192 -19.15 7.90 16.35
C SER D 192 -19.06 9.39 16.68
N GLU D 193 -18.17 9.75 17.60
CA GLU D 193 -18.00 11.17 17.95
C GLU D 193 -17.40 11.96 16.79
N LEU D 194 -16.49 11.35 16.03
CA LEU D 194 -15.89 12.02 14.89
C LEU D 194 -16.76 12.00 13.64
N GLU D 195 -17.83 11.21 13.64
CA GLU D 195 -18.73 11.17 12.49
C GLU D 195 -19.31 12.55 12.17
N ASP D 196 -19.68 13.31 13.20
CA ASP D 196 -20.34 14.59 12.99
C ASP D 196 -19.35 15.76 12.94
N ASP D 197 -18.59 15.96 14.01
CA ASP D 197 -17.68 17.09 14.11
C ASP D 197 -16.26 16.60 14.35
N ILE D 198 -15.30 17.44 13.96
CA ILE D 198 -13.87 17.14 14.10
C ILE D 198 -13.27 18.16 15.05
N ASP D 199 -12.87 17.71 16.23
CA ASP D 199 -12.25 18.55 17.23
C ASP D 199 -10.74 18.33 17.23
N ARG D 200 -10.06 18.93 18.21
CA ARG D 200 -8.60 18.83 18.31
C ARG D 200 -8.17 17.62 19.15
N GLU D 201 -8.83 17.39 20.29
CA GLU D 201 -8.43 16.30 21.17
C GLU D 201 -8.88 14.94 20.66
N LYS D 202 -9.99 14.88 19.91
CA LYS D 202 -10.47 13.60 19.40
C LYS D 202 -9.48 12.99 18.41
N LEU D 203 -8.81 13.83 17.62
CA LEU D 203 -7.78 13.33 16.72
C LEU D 203 -6.61 12.74 17.50
N ARG D 204 -6.25 13.36 18.63
CA ARG D 204 -5.19 12.79 19.48
C ARG D 204 -5.62 11.47 20.09
N ILE D 205 -6.89 11.36 20.50
CA ILE D 205 -7.39 10.09 21.02
C ILE D 205 -7.33 9.01 19.95
N LEU D 206 -7.73 9.36 18.72
CA LEU D 206 -7.65 8.42 17.61
C LEU D 206 -6.21 8.00 17.34
N LEU D 207 -5.27 8.95 17.43
CA LEU D 207 -3.86 8.61 17.29
C LEU D 207 -3.40 7.64 18.36
N VAL D 208 -3.83 7.85 19.60
CA VAL D 208 -3.45 6.94 20.68
C VAL D 208 -4.03 5.56 20.45
N LEU D 209 -5.26 5.48 19.96
CA LEU D 209 -5.92 4.18 19.79
C LEU D 209 -5.42 3.41 18.58
N SER D 210 -5.06 4.11 17.50
CA SER D 210 -4.71 3.42 16.25
C SER D 210 -3.45 2.57 16.41
N LYS D 211 -2.41 3.13 17.03
CA LYS D 211 -1.17 2.38 17.20
C LYS D 211 -1.36 1.19 18.14
N ARG D 212 -2.18 1.37 19.18
CA ARG D 212 -2.49 0.27 20.08
C ARG D 212 -3.20 -0.86 19.35
N VAL D 213 -4.18 -0.52 18.50
CA VAL D 213 -4.89 -1.53 17.74
C VAL D 213 -3.95 -2.25 16.78
N SER D 214 -3.09 -1.49 16.10
CA SER D 214 -2.14 -2.10 15.17
C SER D 214 -1.18 -3.04 15.89
N THR D 215 -0.71 -2.64 17.08
CA THR D 215 0.19 -3.51 17.85
C THR D 215 -0.51 -4.78 18.30
N PHE D 216 -1.77 -4.66 18.73
CA PHE D 216 -2.51 -5.87 19.11
C PHE D 216 -2.71 -6.79 17.92
N GLU D 217 -3.03 -6.22 16.75
CA GLU D 217 -3.19 -7.05 15.55
C GLU D 217 -1.88 -7.75 15.18
N GLN D 218 -0.76 -7.04 15.31
CA GLN D 218 0.53 -7.65 15.03
C GLN D 218 0.82 -8.80 16.00
N LYS D 219 0.52 -8.60 17.27
CA LYS D 219 0.73 -9.66 18.26
C LYS D 219 -0.13 -10.88 17.97
N ALA D 220 -1.40 -10.65 17.62
CA ALA D 220 -2.28 -11.77 17.28
C ALA D 220 -1.77 -12.51 16.05
N LYS D 221 -1.32 -11.78 15.03
CA LYS D 221 -0.78 -12.42 13.85
C LYS D 221 0.48 -13.22 14.18
N LEU D 222 1.32 -12.69 15.07
CA LEU D 222 2.51 -13.43 15.48
C LEU D 222 2.15 -14.73 16.19
N VAL D 223 1.15 -14.69 17.07
CA VAL D 223 0.73 -15.91 17.76
C VAL D 223 0.17 -16.92 16.76
N ARG D 224 -0.66 -16.46 15.82
CA ARG D 224 -1.23 -17.35 14.82
C ARG D 224 -0.14 -17.99 13.96
N ASP D 225 0.85 -17.19 13.55
CA ASP D 225 1.94 -17.72 12.75
C ASP D 225 2.80 -18.70 13.56
N ALA D 226 2.99 -18.44 14.85
CA ALA D 226 3.74 -19.37 15.70
C ALA D 226 3.02 -20.71 15.79
N ILE D 227 1.69 -20.69 15.89
CA ILE D 227 0.94 -21.94 15.89
C ILE D 227 1.03 -22.63 14.54
N GLU D 228 0.89 -21.87 13.45
CA GLU D 228 0.90 -22.44 12.12
C GLU D 228 2.25 -23.05 11.77
N GLU D 229 3.34 -22.47 12.27
CA GLU D 229 4.66 -23.02 12.01
C GLU D 229 4.79 -24.42 12.59
N LEU D 230 4.30 -24.63 13.82
CA LEU D 230 4.28 -25.98 14.38
C LEU D 230 3.32 -26.88 13.64
N LEU D 231 2.21 -26.32 13.13
CA LEU D 231 1.25 -27.13 12.39
C LEU D 231 1.76 -27.61 11.03
N GLU D 232 2.89 -27.08 10.55
CA GLU D 232 3.37 -27.38 9.21
C GLU D 232 4.55 -28.34 9.18
N ALA D 233 4.91 -28.95 10.31
CA ALA D 233 6.05 -29.87 10.38
C ALA D 233 5.54 -31.24 10.83
N ASP D 234 5.76 -32.25 9.99
CA ASP D 234 5.33 -33.60 10.32
C ASP D 234 6.22 -34.23 11.39
N ASP D 235 7.54 -34.06 11.27
CA ASP D 235 8.46 -34.63 12.25
C ASP D 235 8.26 -34.02 13.63
N ASP D 236 8.04 -32.71 13.70
CA ASP D 236 7.79 -32.06 14.99
C ASP D 236 6.48 -32.55 15.61
N LEU D 237 5.45 -32.74 14.79
CA LEU D 237 4.20 -33.30 15.29
C LEU D 237 4.38 -34.71 15.81
N ALA D 238 5.18 -35.52 15.11
CA ALA D 238 5.40 -36.90 15.51
C ALA D 238 6.28 -37.01 16.75
N ALA D 239 7.18 -36.07 16.96
CA ALA D 239 8.11 -36.13 18.10
C ALA D 239 7.50 -35.64 19.41
N MET D 240 6.27 -35.13 19.38
CA MET D 240 5.64 -34.63 20.60
C MET D 240 4.94 -35.72 21.41
N TYR D 241 4.91 -36.96 20.92
CA TYR D 241 4.35 -38.08 21.67
C TYR D 241 5.39 -38.55 22.67
N LEU D 242 5.53 -37.79 23.76
CA LEU D 242 6.55 -38.08 24.76
C LEU D 242 6.21 -39.31 25.60
N THR D 243 4.92 -39.56 25.85
CA THR D 243 4.53 -40.70 26.67
C THR D 243 4.88 -42.02 26.00
N GLU D 244 4.65 -42.12 24.69
CA GLU D 244 4.93 -43.36 23.98
C GLU D 244 6.42 -43.61 23.84
N LYS D 245 7.22 -42.55 23.74
CA LYS D 245 8.67 -42.73 23.60
C LYS D 245 9.32 -43.27 24.87
N THR D 246 8.62 -43.20 26.00
CA THR D 246 9.15 -43.78 27.24
C THR D 246 8.95 -45.29 27.30
N HIS D 247 8.15 -45.87 26.40
CA HIS D 247 7.93 -47.31 26.34
C HIS D 247 8.54 -47.93 25.08
N ASP D 248 9.56 -47.28 24.52
CA ASP D 248 10.22 -47.74 23.29
C ASP D 248 9.23 -47.87 22.14
N LEU D 249 8.27 -46.95 22.07
CA LEU D 249 7.28 -46.89 21.00
C LEU D 249 7.41 -45.57 20.28
N TYR D 250 7.66 -45.62 18.98
CA TYR D 250 7.80 -44.42 18.15
C TYR D 250 6.65 -44.37 17.15
N ARG D 251 6.11 -43.17 16.95
CA ARG D 251 4.89 -43.02 16.17
C ARG D 251 5.19 -42.99 14.67
N GLY D 252 5.97 -42.02 14.23
CA GLY D 252 6.24 -41.87 12.82
C GLY D 252 5.59 -40.61 12.26
N GLU D 253 6.14 -40.13 11.15
CA GLU D 253 5.73 -38.87 10.52
C GLU D 253 4.39 -38.95 9.81
N ASP D 254 3.60 -40.02 9.93
CA ASP D 254 2.34 -40.12 9.20
C ASP D 254 1.13 -40.42 10.08
N ASP D 255 1.30 -40.47 11.40
CA ASP D 255 0.19 -40.72 12.33
C ASP D 255 0.25 -39.67 13.44
N HIS D 256 -0.33 -38.50 13.19
CA HIS D 256 -0.34 -37.40 14.14
C HIS D 256 -1.71 -36.73 14.16
N THR D 257 -2.77 -37.54 14.18
CA THR D 257 -4.13 -37.01 14.08
C THR D 257 -4.52 -36.20 15.31
N GLU D 258 -4.23 -36.74 16.51
CA GLU D 258 -4.72 -36.14 17.74
C GLU D 258 -4.17 -34.73 17.93
N VAL D 259 -2.85 -34.57 17.83
CA VAL D 259 -2.24 -33.26 18.06
C VAL D 259 -2.66 -32.28 16.96
N GLU D 260 -2.80 -32.75 15.73
CA GLU D 260 -3.23 -31.87 14.64
C GLU D 260 -4.63 -31.34 14.90
N LEU D 261 -5.55 -32.23 15.29
CA LEU D 261 -6.90 -31.80 15.59
C LEU D 261 -6.93 -30.87 16.80
N LEU D 262 -6.06 -31.11 17.78
CA LEU D 262 -6.00 -30.22 18.94
C LEU D 262 -5.53 -28.83 18.53
N LEU D 263 -4.54 -28.74 17.65
CA LEU D 263 -3.96 -27.44 17.31
C LEU D 263 -4.82 -26.65 16.33
N GLU D 264 -5.54 -27.32 15.44
CA GLU D 264 -6.30 -26.61 14.40
C GLU D 264 -7.37 -25.70 15.02
N SER D 265 -8.02 -26.16 16.08
CA SER D 265 -9.09 -25.38 16.69
C SER D 265 -8.56 -24.04 17.22
N TYR D 266 -7.44 -24.07 17.94
CA TYR D 266 -6.88 -22.83 18.45
C TYR D 266 -6.29 -21.98 17.35
N HIS D 267 -5.78 -22.60 16.28
CA HIS D 267 -5.35 -21.83 15.12
C HIS D 267 -6.51 -21.02 14.55
N LYS D 268 -7.67 -21.65 14.38
CA LYS D 268 -8.84 -20.93 13.87
C LYS D 268 -9.32 -19.87 14.86
N LEU D 269 -9.23 -20.17 16.16
CA LEU D 269 -9.63 -19.20 17.17
C LEU D 269 -8.78 -17.94 17.09
N CYS D 270 -7.47 -18.09 16.88
CA CYS D 270 -6.61 -16.93 16.71
C CYS D 270 -6.88 -16.21 15.39
N ASP D 271 -7.16 -16.99 14.34
CA ASP D 271 -7.44 -16.38 13.03
C ASP D 271 -8.67 -15.49 13.08
N GLU D 272 -9.68 -15.89 13.84
CA GLU D 272 -10.90 -15.07 13.94
C GLU D 272 -10.59 -13.70 14.54
N VAL D 273 -9.81 -13.67 15.63
CA VAL D 273 -9.44 -12.41 16.26
C VAL D 273 -8.57 -11.58 15.32
N VAL D 274 -7.69 -12.24 14.56
CA VAL D 274 -6.89 -11.51 13.58
C VAL D 274 -7.77 -10.82 12.55
N GLN D 275 -8.78 -11.54 12.05
CA GLN D 275 -9.68 -10.95 11.06
C GLN D 275 -10.47 -9.78 11.66
N GLU D 276 -10.93 -9.92 12.90
CA GLU D 276 -11.65 -8.83 13.54
C GLU D 276 -10.76 -7.59 13.68
N ALA D 277 -9.51 -7.78 14.10
CA ALA D 277 -8.59 -6.64 14.22
C ALA D 277 -8.34 -5.99 12.86
N SER D 278 -8.19 -6.81 11.82
CA SER D 278 -7.98 -6.26 10.48
C SER D 278 -9.18 -5.42 10.03
N ASN D 279 -10.40 -5.91 10.30
CA ASN D 279 -11.59 -5.15 9.96
C ASN D 279 -11.62 -3.82 10.71
N LEU D 280 -11.28 -3.83 12.00
CA LEU D 280 -11.27 -2.59 12.77
C LEU D 280 -10.25 -1.60 12.20
N VAL D 281 -9.06 -2.10 11.83
CA VAL D 281 -8.04 -1.22 11.26
C VAL D 281 -8.52 -0.61 9.95
N SER D 282 -9.17 -1.42 9.11
CA SER D 282 -9.69 -0.91 7.85
C SER D 282 -10.74 0.18 8.08
N SER D 283 -11.62 -0.03 9.06
CA SER D 283 -12.63 0.98 9.36
C SER D 283 -11.98 2.28 9.82
N ILE D 284 -10.96 2.18 10.68
CA ILE D 284 -10.27 3.38 11.15
C ILE D 284 -9.63 4.13 9.98
N ARG D 285 -8.98 3.38 9.07
CA ARG D 285 -8.35 4.01 7.92
C ARG D 285 -9.36 4.73 7.04
N ASN D 286 -10.51 4.08 6.79
CA ASN D 286 -11.53 4.72 5.97
C ASN D 286 -12.06 6.00 6.64
N THR D 287 -12.30 5.95 7.95
CA THR D 287 -12.79 7.13 8.65
C THR D 287 -11.79 8.29 8.56
N GLU D 288 -10.50 7.98 8.76
CA GLU D 288 -9.48 9.03 8.66
C GLU D 288 -9.43 9.62 7.26
N GLU D 289 -9.43 8.76 6.24
CA GLU D 289 -9.37 9.24 4.87
C GLU D 289 -10.59 10.06 4.48
N ILE D 290 -11.73 9.82 5.12
CA ILE D 290 -12.92 10.61 4.81
C ILE D 290 -12.89 11.95 5.54
N ILE D 291 -12.52 11.96 6.81
CA ILE D 291 -12.50 13.23 7.55
C ILE D 291 -11.44 14.17 6.98
N ARG D 292 -10.35 13.61 6.43
CA ARG D 292 -9.31 14.44 5.82
C ARG D 292 -9.88 15.29 4.69
N ALA D 293 -10.76 14.71 3.87
CA ALA D 293 -11.41 15.48 2.81
C ALA D 293 -12.57 16.32 3.32
N ILE D 294 -13.22 15.89 4.40
CA ILE D 294 -14.30 16.68 4.99
C ILE D 294 -13.77 18.04 5.45
N LEU D 295 -12.56 18.07 6.00
CA LEU D 295 -11.97 19.34 6.44
C LEU D 295 -11.86 20.33 5.29
N ASP D 296 -11.25 19.89 4.17
CA ASP D 296 -11.11 20.77 3.01
C ASP D 296 -12.46 21.10 2.39
N ALA D 297 -13.43 20.20 2.49
CA ALA D 297 -14.76 20.49 1.96
C ALA D 297 -15.43 21.62 2.74
N ASN D 298 -15.28 21.62 4.07
CA ASN D 298 -15.93 22.66 4.87
C ASN D 298 -15.13 23.95 4.95
N ARG D 299 -13.84 23.93 4.59
CA ARG D 299 -13.07 25.19 4.58
C ARG D 299 -13.53 26.11 3.45
N ASN D 300 -13.92 25.55 2.31
CA ASN D 300 -14.30 26.37 1.17
C ASN D 300 -15.51 27.24 1.45
N SER D 301 -16.37 26.83 2.38
CA SER D 301 -17.53 27.66 2.72
C SER D 301 -17.10 29.01 3.31
N LEU D 302 -16.20 28.98 4.29
CA LEU D 302 -15.68 30.23 4.84
C LEU D 302 -14.86 30.99 3.80
N MET D 303 -14.09 30.26 2.98
CA MET D 303 -13.31 30.93 1.94
C MET D 303 -14.20 31.71 0.99
N LEU D 304 -15.37 31.16 0.65
CA LEU D 304 -16.31 31.85 -0.22
C LEU D 304 -17.06 32.95 0.52
N LEU D 305 -17.35 32.75 1.81
CA LEU D 305 -18.08 33.77 2.57
C LEU D 305 -17.25 35.03 2.76
N ASP D 306 -15.93 34.91 2.85
CA ASP D 306 -15.09 36.10 3.04
C ASP D 306 -15.17 37.06 1.86
N LEU D 307 -15.39 36.54 0.65
CA LEU D 307 -15.38 37.40 -0.54
C LEU D 307 -16.55 38.37 -0.56
N LYS D 308 -17.71 37.99 -0.02
CA LYS D 308 -18.83 38.91 0.03
C LYS D 308 -18.52 40.11 0.92
N PHE D 309 -17.91 39.86 2.07
CA PHE D 309 -17.49 40.97 2.93
C PHE D 309 -16.43 41.83 2.26
N SER D 310 -15.52 41.19 1.51
CA SER D 310 -14.52 41.95 0.77
C SER D 310 -15.17 42.87 -0.25
N ILE D 311 -16.17 42.36 -0.98
CA ILE D 311 -16.87 43.18 -1.98
C ILE D 311 -17.63 44.31 -1.31
N GLY D 312 -18.25 44.04 -0.15
CA GLY D 312 -18.93 45.09 0.57
C GLY D 312 -17.99 46.20 1.02
N THR D 313 -16.82 45.82 1.54
CA THR D 313 -15.83 46.82 1.94
C THR D 313 -15.34 47.62 0.74
N LEU D 314 -15.15 46.96 -0.40
CA LEU D 314 -14.73 47.67 -1.61
C LEU D 314 -15.78 48.68 -2.04
N GLY D 315 -17.05 48.30 -2.00
CA GLY D 315 -18.11 49.24 -2.36
C GLY D 315 -18.20 50.41 -1.39
N LEU D 316 -18.06 50.14 -0.09
CA LEU D 316 -18.09 51.20 0.89
C LEU D 316 -16.93 52.17 0.69
N ALA D 317 -15.73 51.65 0.38
CA ALA D 317 -14.59 52.52 0.10
C ALA D 317 -14.82 53.35 -1.15
N MET D 318 -15.40 52.74 -2.18
CA MET D 318 -15.70 53.48 -3.40
C MET D 318 -16.67 54.63 -3.13
N GLY D 319 -17.70 54.38 -2.31
CA GLY D 319 -18.60 55.45 -1.95
C GLY D 319 -17.95 56.53 -1.10
N THR D 320 -17.11 56.11 -0.15
CA THR D 320 -16.45 57.06 0.74
C THR D 320 -15.47 57.96 -0.01
N PHE D 321 -14.85 57.45 -1.08
CA PHE D 321 -13.95 58.28 -1.87
C PHE D 321 -14.68 59.49 -2.44
N LEU D 322 -15.83 59.26 -3.08
CA LEU D 322 -16.59 60.36 -3.63
C LEU D 322 -17.21 61.21 -2.53
N ALA D 323 -17.57 60.61 -1.39
CA ALA D 323 -18.09 61.39 -0.28
C ALA D 323 -17.05 62.37 0.25
N GLY D 324 -15.78 61.94 0.32
CA GLY D 324 -14.72 62.80 0.81
C GLY D 324 -14.12 63.71 -0.24
N LEU D 325 -14.38 63.46 -1.53
CA LEU D 325 -13.90 64.37 -2.56
C LEU D 325 -14.49 65.76 -2.40
N TYR D 326 -15.75 65.86 -1.99
CA TYR D 326 -16.42 67.14 -1.83
C TYR D 326 -16.17 67.78 -0.47
N GLY D 327 -15.42 67.12 0.41
CA GLY D 327 -15.07 67.68 1.70
C GLY D 327 -13.80 68.51 1.69
N MET D 328 -13.13 68.65 0.55
CA MET D 328 -11.92 69.44 0.48
C MET D 328 -12.25 70.93 0.56
N ASN D 329 -11.32 71.71 1.10
CA ASN D 329 -11.48 73.16 1.22
C ASN D 329 -11.08 73.83 -0.09
N LEU D 330 -11.92 73.60 -1.11
CA LEU D 330 -11.70 74.16 -2.44
C LEU D 330 -13.03 74.71 -2.94
N GLU D 331 -13.06 75.11 -4.21
CA GLU D 331 -14.25 75.69 -4.83
C GLU D 331 -14.97 74.59 -5.61
N ASN D 332 -16.19 74.26 -5.17
CA ASN D 332 -17.00 73.25 -5.84
C ASN D 332 -18.12 73.83 -6.69
N PHE D 333 -18.36 75.14 -6.62
CA PHE D 333 -19.31 75.89 -7.43
C PHE D 333 -20.76 75.55 -7.13
N ILE D 334 -21.04 74.59 -6.24
CA ILE D 334 -22.40 74.20 -5.91
C ILE D 334 -22.60 74.19 -4.41
N GLU D 335 -21.75 74.94 -3.69
CA GLU D 335 -21.83 74.96 -2.23
C GLU D 335 -23.09 75.68 -1.75
N GLU D 336 -23.50 76.75 -2.44
CA GLU D 336 -24.65 77.53 -2.02
C GLU D 336 -25.96 77.06 -2.64
N THR D 337 -25.92 76.03 -3.50
CA THR D 337 -27.15 75.53 -4.10
C THR D 337 -27.95 74.71 -3.08
N ASN D 338 -29.22 74.48 -3.41
CA ASN D 338 -30.12 73.73 -2.56
C ASN D 338 -30.37 72.32 -3.07
N TRP D 339 -29.52 71.82 -3.97
CA TRP D 339 -29.68 70.48 -4.51
C TRP D 339 -28.39 69.67 -4.56
N GLY D 340 -27.25 70.24 -4.21
CA GLY D 340 -25.99 69.50 -4.33
C GLY D 340 -25.88 68.35 -3.36
N PHE D 341 -26.33 68.55 -2.12
CA PHE D 341 -26.16 67.54 -1.09
C PHE D 341 -26.87 66.24 -1.44
N GLY D 342 -28.16 66.33 -1.77
CA GLY D 342 -28.91 65.13 -2.12
C GLY D 342 -28.40 64.47 -3.39
N ALA D 343 -28.01 65.28 -4.38
CA ALA D 343 -27.49 64.72 -5.62
C ALA D 343 -26.20 63.96 -5.39
N ILE D 344 -25.29 64.52 -4.59
CA ILE D 344 -24.02 63.85 -4.32
C ILE D 344 -24.25 62.59 -3.49
N THR D 345 -25.14 62.65 -2.50
CA THR D 345 -25.44 61.47 -1.71
C THR D 345 -26.02 60.35 -2.58
N GLY D 346 -26.96 60.71 -3.46
CA GLY D 346 -27.53 59.71 -4.35
C GLY D 346 -26.52 59.13 -5.31
N LEU D 347 -25.63 59.97 -5.85
CA LEU D 347 -24.60 59.47 -6.76
C LEU D 347 -23.66 58.52 -6.05
N SER D 348 -23.24 58.85 -4.82
CA SER D 348 -22.36 57.96 -4.06
C SER D 348 -23.06 56.65 -3.76
N THR D 349 -24.32 56.70 -3.33
CA THR D 349 -25.05 55.48 -3.03
C THR D 349 -25.22 54.60 -4.27
N LEU D 350 -25.54 55.22 -5.42
CA LEU D 350 -25.69 54.46 -6.65
C LEU D 350 -24.38 53.83 -7.09
N LEU D 351 -23.27 54.57 -6.96
CA LEU D 351 -21.98 54.00 -7.32
C LEU D 351 -21.63 52.82 -6.44
N SER D 352 -21.85 52.95 -5.13
CA SER D 352 -21.60 51.83 -4.22
C SER D 352 -22.45 50.63 -4.58
N LEU D 353 -23.73 50.86 -4.86
CA LEU D 353 -24.63 49.75 -5.19
C LEU D 353 -24.20 49.06 -6.49
N VAL D 354 -23.84 49.83 -7.51
CA VAL D 354 -23.51 49.21 -8.80
C VAL D 354 -22.18 48.47 -8.71
N VAL D 355 -21.20 49.00 -7.96
CA VAL D 355 -19.94 48.27 -7.83
C VAL D 355 -20.14 46.99 -7.01
N CYS D 356 -20.98 47.05 -5.97
CA CYS D 356 -21.27 45.83 -5.21
C CYS D 356 -21.99 44.81 -6.07
N TRP D 357 -22.94 45.25 -6.90
CA TRP D 357 -23.66 44.34 -7.77
C TRP D 357 -22.73 43.70 -8.80
N TYR D 358 -21.82 44.51 -9.37
CA TYR D 358 -20.86 43.96 -10.32
C TYR D 358 -19.93 42.95 -9.66
N GLY D 359 -19.48 43.25 -8.44
CA GLY D 359 -18.65 42.29 -7.72
C GLY D 359 -19.37 40.99 -7.44
N LEU D 360 -20.63 41.08 -7.00
CA LEU D 360 -21.40 39.88 -6.72
C LEU D 360 -21.64 39.07 -7.99
N ALA D 361 -21.93 39.74 -9.10
CA ALA D 361 -22.13 39.04 -10.36
C ALA D 361 -20.86 38.34 -10.81
N LYS D 362 -19.71 39.01 -10.70
CA LYS D 362 -18.45 38.39 -11.07
C LYS D 362 -18.13 37.20 -10.18
N LEU D 363 -18.41 37.32 -8.87
CA LEU D 363 -18.20 36.19 -7.96
C LEU D 363 -19.09 35.02 -8.33
N ARG D 364 -20.36 35.28 -8.65
CA ARG D 364 -21.26 34.20 -9.03
C ARG D 364 -20.82 33.54 -10.32
N LYS D 365 -20.33 34.33 -11.28
CA LYS D 365 -19.82 33.77 -12.53
C LYS D 365 -18.59 32.91 -12.28
N VAL D 366 -17.70 33.35 -11.39
CA VAL D 366 -16.48 32.60 -11.13
C VAL D 366 -16.79 31.30 -10.41
N GLN D 367 -17.64 31.36 -9.38
CA GLN D 367 -17.95 30.17 -8.59
C GLN D 367 -18.84 29.18 -9.33
N ARG D 368 -19.43 29.59 -10.46
CA ARG D 368 -20.29 28.70 -11.24
C ARG D 368 -19.51 27.53 -11.81
N PRO E 52 -26.50 -24.62 27.03
CA PRO E 52 -26.49 -26.09 26.97
C PRO E 52 -27.58 -26.64 26.06
N ARG E 53 -28.32 -25.75 25.39
CA ARG E 53 -29.39 -26.14 24.50
C ARG E 53 -29.26 -25.37 23.19
N LEU E 54 -29.70 -26.01 22.11
CA LEU E 54 -29.69 -25.41 20.78
C LEU E 54 -31.00 -25.68 20.07
N ARG E 55 -31.39 -24.76 19.20
CA ARG E 55 -32.56 -24.95 18.36
C ARG E 55 -32.16 -25.77 17.14
N CYS E 56 -32.87 -26.87 16.91
CA CYS E 56 -32.46 -27.87 15.92
C CYS E 56 -33.64 -28.24 15.03
N THR E 57 -33.34 -28.42 13.74
CA THR E 57 -34.25 -28.96 12.75
C THR E 57 -33.63 -30.23 12.17
N GLU E 58 -34.40 -31.31 12.13
CA GLU E 58 -33.88 -32.63 11.81
C GLU E 58 -34.57 -33.17 10.56
N VAL E 59 -33.80 -33.79 9.67
CA VAL E 59 -34.30 -34.46 8.49
C VAL E 59 -33.69 -35.86 8.44
N ASP E 60 -34.53 -36.88 8.26
CA ASP E 60 -34.07 -38.26 8.24
C ASP E 60 -33.54 -38.60 6.86
N GLY E 61 -33.30 -39.89 6.61
CA GLY E 61 -32.73 -40.33 5.36
C GLY E 61 -33.68 -40.34 4.17
N ASN E 62 -34.98 -40.20 4.42
CA ASN E 62 -35.98 -40.18 3.35
C ASN E 62 -36.36 -38.77 2.93
N GLY E 63 -35.72 -37.75 3.50
CA GLY E 63 -36.04 -36.38 3.15
C GLY E 63 -37.28 -35.82 3.81
N ASN E 64 -37.77 -36.45 4.87
CA ASN E 64 -38.97 -36.02 5.56
C ASN E 64 -38.59 -35.33 6.86
N VAL E 65 -39.18 -34.15 7.11
CA VAL E 65 -38.89 -33.39 8.32
C VAL E 65 -39.64 -34.02 9.49
N ILE E 66 -38.91 -34.31 10.56
CA ILE E 66 -39.49 -34.87 11.78
C ILE E 66 -39.37 -33.92 12.96
N MET E 67 -38.69 -32.78 12.79
CA MET E 67 -38.52 -31.81 13.86
C MET E 67 -38.30 -30.45 13.21
N VAL E 68 -39.05 -29.44 13.66
CA VAL E 68 -38.99 -28.12 13.05
C VAL E 68 -38.06 -27.21 13.84
N ASP E 69 -38.41 -26.94 15.10
CA ASP E 69 -37.64 -26.05 15.96
C ASP E 69 -37.46 -26.69 17.33
N GLY E 70 -37.02 -27.95 17.35
CA GLY E 70 -36.87 -28.66 18.60
C GLY E 70 -35.67 -28.17 19.39
N GLU E 71 -35.58 -28.65 20.63
CA GLU E 71 -34.47 -28.33 21.51
C GLU E 71 -33.56 -29.54 21.63
N LEU E 72 -32.25 -29.31 21.48
CA LEU E 72 -31.26 -30.38 21.52
C LEU E 72 -30.15 -30.01 22.49
N LYS E 73 -29.79 -30.96 23.34
CA LYS E 73 -28.68 -30.80 24.27
C LYS E 73 -27.38 -31.18 23.56
N LYS E 74 -26.34 -30.37 23.79
CA LYS E 74 -25.08 -30.56 23.08
C LYS E 74 -24.36 -31.85 23.48
N SER E 75 -24.82 -32.51 24.53
CA SER E 75 -24.22 -33.78 24.93
C SER E 75 -24.52 -34.87 23.91
N GLU E 76 -25.71 -34.87 23.32
CA GLU E 76 -26.05 -35.89 22.33
C GLU E 76 -25.20 -35.77 21.07
N LEU E 77 -24.70 -34.57 20.78
CA LEU E 77 -23.81 -34.40 19.64
C LEU E 77 -22.53 -35.21 19.82
N ILE E 78 -21.96 -35.21 21.01
CA ILE E 78 -20.82 -36.06 21.30
C ILE E 78 -21.26 -37.52 21.41
N ALA E 79 -22.46 -37.75 21.94
CA ALA E 79 -22.89 -39.13 22.21
C ALA E 79 -23.08 -39.93 20.94
N LYS E 80 -23.83 -39.39 19.97
CA LYS E 80 -24.22 -40.18 18.80
C LYS E 80 -24.08 -39.41 17.50
N TYR E 81 -23.06 -38.57 17.37
CA TYR E 81 -22.83 -37.88 16.11
C TYR E 81 -21.35 -37.79 15.74
N GLY E 82 -20.46 -38.41 16.51
CA GLY E 82 -19.06 -38.46 16.14
C GLY E 82 -18.29 -37.18 16.31
N LEU E 83 -18.77 -36.26 17.15
CA LEU E 83 -18.08 -35.00 17.37
C LEU E 83 -17.17 -35.09 18.60
N LEU E 84 -16.30 -34.10 18.75
CA LEU E 84 -15.36 -34.00 19.85
C LEU E 84 -15.82 -32.94 20.84
N PRO E 85 -15.45 -33.09 22.12
CA PRO E 85 -15.87 -32.10 23.12
C PRO E 85 -15.36 -30.70 22.86
N ARG E 86 -14.23 -30.54 22.16
CA ARG E 86 -13.66 -29.22 21.91
C ARG E 86 -14.31 -28.52 20.73
N ASP E 87 -15.11 -29.21 19.93
CA ASP E 87 -15.76 -28.60 18.78
C ASP E 87 -17.05 -27.88 19.14
N LEU E 88 -17.63 -28.18 20.30
CA LEU E 88 -18.93 -27.61 20.66
C LEU E 88 -18.87 -26.09 20.72
N ARG E 89 -17.77 -25.53 21.24
CA ARG E 89 -17.65 -24.09 21.32
C ARG E 89 -17.63 -23.44 19.93
N LYS E 90 -17.28 -24.18 18.89
CA LYS E 90 -17.40 -23.64 17.53
C LYS E 90 -18.85 -23.59 17.08
N ILE E 91 -19.67 -24.53 17.54
CA ILE E 91 -21.09 -24.56 17.17
C ILE E 91 -21.85 -23.43 17.85
N ASP E 92 -21.48 -23.11 19.09
CA ASP E 92 -22.25 -22.14 19.87
C ASP E 92 -22.19 -20.75 19.26
N SER E 93 -20.98 -20.19 19.15
CA SER E 93 -20.80 -18.82 18.66
C SER E 93 -19.49 -18.76 17.89
N SER E 94 -19.58 -18.64 16.57
CA SER E 94 -18.40 -18.48 15.72
C SER E 94 -18.83 -17.84 14.41
N ASN E 95 -18.14 -16.77 14.01
CA ASN E 95 -18.42 -16.07 12.77
C ASN E 95 -17.39 -16.36 11.69
N LEU E 96 -16.59 -17.42 11.86
CA LEU E 96 -15.59 -17.81 10.89
C LEU E 96 -16.12 -18.97 10.07
N PRO E 97 -16.35 -18.80 8.77
CA PRO E 97 -16.85 -19.91 7.95
C PRO E 97 -15.83 -21.03 7.86
N HIS E 98 -16.29 -22.26 8.03
CA HIS E 98 -15.38 -23.40 7.99
C HIS E 98 -16.15 -24.67 7.69
N ILE E 99 -15.40 -25.69 7.26
CA ILE E 99 -15.94 -27.02 7.01
C ILE E 99 -15.00 -28.03 7.67
N LEU E 100 -15.56 -28.84 8.57
CA LEU E 100 -14.81 -29.85 9.30
C LEU E 100 -15.27 -31.24 8.89
N VAL E 101 -14.31 -32.12 8.63
CA VAL E 101 -14.57 -33.47 8.18
C VAL E 101 -14.24 -34.42 9.33
N ARG E 102 -15.25 -35.17 9.77
CA ARG E 102 -15.13 -36.16 10.82
C ARG E 102 -15.25 -37.56 10.25
N PRO E 103 -14.85 -38.59 11.01
CA PRO E 103 -14.94 -39.96 10.49
C PRO E 103 -16.36 -40.37 10.12
N SER E 104 -17.39 -39.78 10.73
CA SER E 104 -18.77 -40.16 10.42
C SER E 104 -19.71 -38.97 10.29
N ALA E 105 -19.19 -37.75 10.23
CA ALA E 105 -20.05 -36.58 10.11
C ALA E 105 -19.29 -35.44 9.43
N ILE E 106 -20.03 -34.47 8.94
CA ILE E 106 -19.47 -33.27 8.32
C ILE E 106 -20.13 -32.05 8.96
N LEU E 107 -19.31 -31.11 9.41
CA LEU E 107 -19.79 -29.90 10.07
C LEU E 107 -19.53 -28.71 9.15
N ILE E 108 -20.58 -27.93 8.88
CA ILE E 108 -20.49 -26.79 7.99
C ILE E 108 -20.97 -25.55 8.73
N ASN E 109 -20.14 -24.51 8.75
CA ASN E 109 -20.51 -23.21 9.32
C ASN E 109 -20.26 -22.15 8.25
N LEU E 110 -21.29 -21.80 7.49
CA LEU E 110 -21.16 -20.86 6.38
C LEU E 110 -22.23 -19.78 6.53
N LEU E 111 -21.81 -18.59 6.96
CA LEU E 111 -22.70 -17.44 7.09
C LEU E 111 -23.90 -17.74 7.97
N HIS E 112 -25.05 -17.98 7.34
CA HIS E 112 -26.31 -18.20 8.04
C HIS E 112 -26.67 -19.68 8.17
N LEU E 113 -25.73 -20.58 7.89
CA LEU E 113 -26.00 -22.01 7.93
C LEU E 113 -25.05 -22.70 8.89
N LYS E 114 -25.61 -23.44 9.84
CA LYS E 114 -24.86 -24.29 10.77
C LYS E 114 -25.44 -25.68 10.64
N VAL E 115 -24.77 -26.54 9.88
CA VAL E 115 -25.32 -27.81 9.42
C VAL E 115 -24.40 -28.95 9.82
N LEU E 116 -25.01 -30.07 10.21
CA LEU E 116 -24.32 -31.33 10.45
C LEU E 116 -24.91 -32.37 9.50
N ILE E 117 -24.05 -32.94 8.65
CA ILE E 117 -24.47 -33.85 7.60
C ILE E 117 -23.89 -35.23 7.88
N LYS E 118 -24.74 -36.25 7.85
CA LYS E 118 -24.35 -37.64 7.96
C LYS E 118 -24.86 -38.39 6.73
N HIS E 119 -24.65 -39.69 6.71
CA HIS E 119 -25.09 -40.49 5.56
C HIS E 119 -26.58 -40.82 5.62
N ASP E 120 -27.25 -40.57 6.76
CA ASP E 120 -28.68 -40.84 6.87
C ASP E 120 -29.45 -39.76 7.61
N ARG E 121 -28.82 -38.63 7.97
CA ARG E 121 -29.51 -37.61 8.75
C ARG E 121 -28.86 -36.26 8.50
N VAL E 122 -29.67 -35.21 8.60
CA VAL E 122 -29.22 -33.83 8.43
C VAL E 122 -29.78 -32.99 9.57
N LEU E 123 -28.91 -32.20 10.20
CA LEU E 123 -29.31 -31.32 11.30
C LEU E 123 -28.94 -29.88 10.95
N LEU E 124 -29.87 -28.97 11.22
CA LEU E 124 -29.62 -27.53 11.12
C LEU E 124 -29.82 -26.93 12.50
N PHE E 125 -28.76 -26.36 13.07
CA PHE E 125 -28.84 -25.90 14.45
C PHE E 125 -28.48 -24.42 14.55
N ASP E 126 -28.96 -23.80 15.61
CA ASP E 126 -28.71 -22.39 15.89
C ASP E 126 -28.99 -22.15 17.38
N VAL E 127 -28.97 -20.88 17.79
CA VAL E 127 -29.17 -20.53 19.19
C VAL E 127 -30.56 -20.99 19.64
N TYR E 128 -30.67 -21.32 20.93
CA TYR E 128 -31.91 -21.85 21.47
C TYR E 128 -33.06 -20.86 21.32
N GLY E 129 -32.84 -19.61 21.71
CA GLY E 129 -33.86 -18.60 21.57
C GLY E 129 -33.78 -17.83 20.27
N SER E 130 -34.55 -18.26 19.27
CA SER E 130 -34.54 -17.66 17.95
C SER E 130 -35.64 -18.31 17.12
N THR E 131 -35.80 -17.84 15.90
CA THR E 131 -36.75 -18.40 14.95
C THR E 131 -36.08 -18.52 13.59
N SER E 132 -36.55 -19.49 12.80
CA SER E 132 -35.99 -19.71 11.47
C SER E 132 -36.26 -18.51 10.57
N SER E 133 -35.22 -18.05 9.89
CA SER E 133 -35.34 -16.90 9.00
C SER E 133 -35.85 -17.36 7.62
N TYR E 134 -36.13 -16.38 6.76
CA TYR E 134 -36.59 -16.70 5.41
C TYR E 134 -35.53 -17.43 4.60
N PRO E 135 -34.26 -17.00 4.57
CA PRO E 135 -33.25 -17.81 3.86
C PRO E 135 -33.12 -19.22 4.41
N GLN E 136 -33.21 -19.39 5.73
CA GLN E 136 -33.12 -20.72 6.32
C GLN E 136 -34.31 -21.58 5.89
N SER E 137 -35.51 -21.00 5.86
CA SER E 137 -36.68 -21.76 5.43
C SER E 137 -36.57 -22.13 3.96
N ALA E 138 -36.10 -21.21 3.11
CA ALA E 138 -35.92 -21.52 1.70
C ALA E 138 -34.89 -22.63 1.50
N PHE E 139 -33.78 -22.57 2.24
CA PHE E 139 -32.78 -23.62 2.17
C PHE E 139 -33.34 -24.95 2.62
N MET E 140 -34.13 -24.95 3.69
CA MET E 140 -34.73 -26.19 4.17
C MET E 140 -35.69 -26.78 3.14
N TYR E 141 -36.50 -25.93 2.52
CA TYR E 141 -37.42 -26.40 1.48
C TYR E 141 -36.67 -26.99 0.31
N ASP E 142 -35.62 -26.30 -0.15
CA ASP E 142 -34.84 -26.80 -1.28
C ASP E 142 -34.16 -28.11 -0.93
N LEU E 143 -33.60 -28.22 0.27
CA LEU E 143 -32.93 -29.45 0.68
C LEU E 143 -33.92 -30.61 0.76
N GLN E 144 -35.10 -30.37 1.34
CA GLN E 144 -36.11 -31.42 1.40
C GLN E 144 -36.53 -31.86 0.00
N GLY E 145 -36.75 -30.90 -0.90
CA GLY E 145 -37.15 -31.24 -2.25
C GLY E 145 -36.09 -32.05 -2.98
N LYS E 146 -34.81 -31.68 -2.80
CA LYS E 146 -33.74 -32.42 -3.47
C LYS E 146 -33.53 -33.80 -2.85
N LEU E 147 -33.75 -33.93 -1.54
CA LEU E 147 -33.53 -35.22 -0.90
C LEU E 147 -34.66 -36.20 -1.18
N GLN E 148 -35.90 -35.72 -1.24
CA GLN E 148 -37.03 -36.61 -1.47
C GLN E 148 -37.28 -36.91 -2.95
N GLN E 149 -36.30 -36.62 -3.82
CA GLN E 149 -36.47 -36.93 -5.23
C GLN E 149 -36.53 -38.43 -5.46
N LYS E 150 -35.71 -39.20 -4.74
CA LYS E 150 -35.64 -40.65 -4.85
C LYS E 150 -35.27 -41.08 -6.28
N GLN E 151 -34.46 -40.27 -6.96
CA GLN E 151 -34.09 -40.57 -8.33
C GLN E 151 -33.02 -41.67 -8.37
N THR E 152 -33.00 -42.41 -9.48
CA THR E 152 -32.03 -43.48 -9.72
C THR E 152 -31.43 -43.23 -11.11
N GLY E 153 -30.35 -42.46 -11.16
CA GLY E 153 -29.69 -42.13 -12.40
C GLY E 153 -28.65 -43.16 -12.79
N GLY E 154 -27.73 -42.73 -13.65
CA GLY E 154 -26.67 -43.60 -14.12
C GLY E 154 -25.31 -43.22 -13.60
N ALA E 155 -24.49 -42.60 -14.45
CA ALA E 155 -23.14 -42.22 -14.06
C ALA E 155 -23.12 -40.99 -13.15
N ASN E 156 -24.08 -40.09 -13.30
CA ASN E 156 -24.10 -38.84 -12.55
C ASN E 156 -24.97 -38.91 -11.30
N SER E 157 -25.08 -40.08 -10.69
CA SER E 157 -25.84 -40.22 -9.45
C SER E 157 -25.00 -39.78 -8.27
N LEU E 158 -25.62 -39.04 -7.34
CA LEU E 158 -24.92 -38.52 -6.18
C LEU E 158 -25.54 -39.06 -4.90
N PRO E 159 -24.73 -39.27 -3.86
CA PRO E 159 -25.25 -39.80 -2.59
C PRO E 159 -25.95 -38.71 -1.79
N TYR E 160 -26.34 -39.09 -0.56
CA TYR E 160 -27.10 -38.20 0.30
C TYR E 160 -26.29 -36.98 0.71
N GLU E 161 -25.07 -37.20 1.21
CA GLU E 161 -24.26 -36.10 1.74
C GLU E 161 -23.86 -35.13 0.64
N PHE E 162 -23.54 -35.63 -0.56
CA PHE E 162 -23.18 -34.75 -1.65
C PHE E 162 -24.38 -33.93 -2.11
N ARG E 163 -25.57 -34.54 -2.13
CA ARG E 163 -26.78 -33.80 -2.48
C ARG E 163 -27.11 -32.73 -1.46
N ALA E 164 -26.79 -32.98 -0.17
CA ALA E 164 -27.00 -31.93 0.82
C ALA E 164 -25.97 -30.81 0.70
N LEU E 165 -24.70 -31.18 0.48
CA LEU E 165 -23.64 -30.19 0.34
C LEU E 165 -23.87 -29.30 -0.87
N GLU E 166 -24.35 -29.87 -1.97
CA GLU E 166 -24.63 -29.07 -3.16
C GLU E 166 -25.68 -28.00 -2.87
N ALA E 167 -26.76 -28.38 -2.18
CA ALA E 167 -27.79 -27.41 -1.83
C ALA E 167 -27.25 -26.35 -0.89
N VAL E 168 -26.43 -26.75 0.10
CA VAL E 168 -25.86 -25.78 1.02
C VAL E 168 -25.01 -24.76 0.27
N LEU E 169 -24.14 -25.23 -0.63
CA LEU E 169 -23.28 -24.33 -1.38
C LEU E 169 -24.08 -23.43 -2.31
N MET E 170 -25.12 -23.98 -2.95
CA MET E 170 -25.95 -23.15 -3.82
C MET E 170 -26.65 -22.05 -3.03
N SER E 171 -27.17 -22.38 -1.84
CA SER E 171 -27.81 -21.37 -1.02
C SER E 171 -26.82 -20.29 -0.60
N VAL E 172 -25.61 -20.68 -0.20
CA VAL E 172 -24.61 -19.70 0.22
C VAL E 172 -24.24 -18.79 -0.94
N THR E 173 -24.02 -19.36 -2.13
CA THR E 173 -23.66 -18.54 -3.28
C THR E 173 -24.80 -17.60 -3.67
N ALA E 174 -26.05 -18.07 -3.63
CA ALA E 174 -27.18 -17.22 -3.94
C ALA E 174 -27.29 -16.05 -2.96
N GLU E 175 -27.09 -16.33 -1.67
CA GLU E 175 -27.15 -15.25 -0.68
C GLU E 175 -26.01 -14.25 -0.89
N LEU E 176 -24.81 -14.73 -1.22
CA LEU E 176 -23.70 -13.81 -1.48
C LEU E 176 -23.99 -12.93 -2.69
N GLU E 177 -24.53 -13.52 -3.77
CA GLU E 177 -24.87 -12.75 -4.95
C GLU E 177 -25.94 -11.71 -4.64
N ALA E 178 -26.96 -12.10 -3.87
CA ALA E 178 -28.01 -11.15 -3.51
C ALA E 178 -27.46 -10.01 -2.67
N ASP E 179 -26.58 -10.31 -1.72
CA ASP E 179 -25.97 -9.26 -0.91
C ASP E 179 -25.14 -8.31 -1.76
N PHE E 180 -24.37 -8.86 -2.70
CA PHE E 180 -23.57 -7.99 -3.58
C PHE E 180 -24.47 -7.10 -4.44
N GLU E 181 -25.55 -7.68 -4.99
CA GLU E 181 -26.46 -6.88 -5.81
C GLU E 181 -27.13 -5.79 -4.98
N ALA E 182 -27.45 -6.07 -3.71
CA ALA E 182 -28.06 -5.06 -2.86
C ALA E 182 -27.07 -3.97 -2.47
N VAL E 183 -25.79 -4.32 -2.30
CA VAL E 183 -24.82 -3.33 -1.84
C VAL E 183 -24.22 -2.52 -3.01
N ARG E 184 -24.28 -3.03 -4.24
CA ARG E 184 -23.60 -2.36 -5.34
C ARG E 184 -24.33 -1.11 -5.81
N ASP E 185 -25.66 -1.08 -5.69
CA ASP E 185 -26.44 -0.04 -6.35
C ASP E 185 -26.13 1.37 -5.87
N PRO E 186 -26.13 1.68 -4.57
CA PRO E 186 -25.94 3.10 -4.17
C PRO E 186 -24.57 3.66 -4.53
N VAL E 187 -23.56 2.81 -4.68
CA VAL E 187 -22.20 3.29 -4.92
C VAL E 187 -22.12 4.00 -6.28
N ILE E 188 -22.72 3.42 -7.32
CA ILE E 188 -22.66 4.04 -8.64
C ILE E 188 -23.38 5.39 -8.61
N ARG E 189 -24.52 5.46 -7.94
CA ARG E 189 -25.28 6.71 -7.89
C ARG E 189 -24.50 7.79 -7.15
N ILE E 190 -23.88 7.44 -6.01
CA ILE E 190 -23.15 8.47 -5.27
C ILE E 190 -21.90 8.89 -6.02
N LEU E 191 -21.25 7.97 -6.73
CA LEU E 191 -20.10 8.35 -7.55
C LEU E 191 -20.52 9.28 -8.68
N SER E 192 -21.65 9.00 -9.33
CA SER E 192 -22.14 9.88 -10.38
C SER E 192 -22.48 11.26 -9.83
N GLU E 193 -23.07 11.30 -8.63
CA GLU E 193 -23.39 12.59 -8.01
C GLU E 193 -22.14 13.37 -7.62
N LEU E 194 -21.09 12.67 -7.18
CA LEU E 194 -19.84 13.32 -6.83
C LEU E 194 -18.96 13.65 -8.03
N GLU E 195 -19.29 13.11 -9.21
CA GLU E 195 -18.50 13.43 -10.40
C GLU E 195 -18.46 14.93 -10.68
N ASP E 196 -19.59 15.62 -10.51
CA ASP E 196 -19.67 17.03 -10.86
C ASP E 196 -19.34 17.94 -9.67
N ASP E 197 -20.09 17.84 -8.59
CA ASP E 197 -19.94 18.71 -7.44
C ASP E 197 -19.66 17.90 -6.19
N ILE E 198 -19.01 18.54 -5.22
CA ILE E 198 -18.65 17.92 -3.95
C ILE E 198 -19.39 18.66 -2.85
N ASP E 199 -20.34 17.98 -2.22
CA ASP E 199 -21.11 18.54 -1.13
C ASP E 199 -20.61 17.98 0.20
N ARG E 200 -21.31 18.30 1.28
CA ARG E 200 -20.93 17.86 2.62
C ARG E 200 -21.52 16.50 2.98
N GLU E 201 -22.79 16.28 2.67
CA GLU E 201 -23.44 15.03 3.05
C GLU E 201 -23.05 13.87 2.13
N LYS E 202 -22.72 14.15 0.87
CA LYS E 202 -22.35 13.09 -0.05
C LYS E 202 -21.06 12.40 0.39
N LEU E 203 -20.12 13.16 0.97
CA LEU E 203 -18.91 12.55 1.51
C LEU E 203 -19.24 11.63 2.67
N ARG E 204 -20.20 12.01 3.51
CA ARG E 204 -20.61 11.12 4.60
C ARG E 204 -21.27 9.86 4.07
N ILE E 205 -22.08 9.99 3.01
CA ILE E 205 -22.69 8.80 2.40
C ILE E 205 -21.60 7.88 1.84
N LEU E 206 -20.60 8.46 1.18
CA LEU E 206 -19.49 7.67 0.66
C LEU E 206 -18.73 6.98 1.79
N LEU E 207 -18.56 7.67 2.92
CA LEU E 207 -17.92 7.05 4.09
C LEU E 207 -18.74 5.87 4.60
N VAL E 208 -20.06 6.02 4.65
CA VAL E 208 -20.91 4.93 5.11
C VAL E 208 -20.82 3.74 4.16
N LEU E 209 -20.77 4.00 2.85
CA LEU E 209 -20.78 2.92 1.87
C LEU E 209 -19.44 2.21 1.76
N SER E 210 -18.33 2.93 1.93
CA SER E 210 -17.01 2.34 1.67
C SER E 210 -16.70 1.22 2.66
N LYS E 211 -16.96 1.46 3.96
CA LYS E 211 -16.68 0.43 4.96
C LYS E 211 -17.57 -0.77 4.77
N ARG E 212 -18.83 -0.56 4.40
CA ARG E 212 -19.74 -1.67 4.13
C ARG E 212 -19.23 -2.51 2.96
N VAL E 213 -18.78 -1.85 1.89
CA VAL E 213 -18.27 -2.58 0.73
C VAL E 213 -17.01 -3.37 1.11
N SER E 214 -16.12 -2.74 1.89
CA SER E 214 -14.90 -3.43 2.31
C SER E 214 -15.22 -4.64 3.18
N THR E 215 -16.19 -4.51 4.09
CA THR E 215 -16.57 -5.64 4.93
C THR E 215 -17.17 -6.77 4.11
N PHE E 216 -18.01 -6.43 3.12
CA PHE E 216 -18.56 -7.47 2.26
C PHE E 216 -17.47 -8.18 1.47
N GLU E 217 -16.50 -7.41 0.96
CA GLU E 217 -15.39 -8.03 0.23
C GLU E 217 -14.59 -8.95 1.14
N GLN E 218 -14.34 -8.53 2.38
CA GLN E 218 -13.62 -9.38 3.32
C GLN E 218 -14.39 -10.66 3.60
N LYS E 219 -15.71 -10.57 3.77
CA LYS E 219 -16.52 -11.76 4.02
C LYS E 219 -16.48 -12.71 2.83
N ALA E 220 -16.58 -12.16 1.61
CA ALA E 220 -16.51 -13.01 0.42
C ALA E 220 -15.15 -13.69 0.31
N LYS E 221 -14.08 -12.95 0.59
CA LYS E 221 -12.75 -13.54 0.56
C LYS E 221 -12.60 -14.64 1.61
N LEU E 222 -13.18 -14.43 2.79
CA LEU E 222 -13.14 -15.45 3.83
C LEU E 222 -13.86 -16.72 3.39
N VAL E 223 -15.04 -16.57 2.76
CA VAL E 223 -15.77 -17.74 2.28
C VAL E 223 -14.97 -18.47 1.20
N ARG E 224 -14.39 -17.72 0.26
CA ARG E 224 -13.61 -18.33 -0.79
C ARG E 224 -12.41 -19.08 -0.23
N ASP E 225 -11.72 -18.48 0.76
CA ASP E 225 -10.57 -19.15 1.38
C ASP E 225 -11.01 -20.38 2.16
N ALA E 226 -12.18 -20.33 2.81
CA ALA E 226 -12.68 -21.50 3.52
C ALA E 226 -12.95 -22.65 2.56
N ILE E 227 -13.49 -22.35 1.38
CA ILE E 227 -13.69 -23.39 0.38
C ILE E 227 -12.35 -23.91 -0.14
N GLU E 228 -11.41 -23.01 -0.42
CA GLU E 228 -10.13 -23.40 -0.98
C GLU E 228 -9.32 -24.25 0.00
N GLU E 229 -9.45 -23.99 1.31
CA GLU E 229 -8.75 -24.78 2.30
C GLU E 229 -9.18 -26.24 2.25
N LEU E 230 -10.49 -26.48 2.13
CA LEU E 230 -10.98 -27.85 1.96
C LEU E 230 -10.55 -28.42 0.61
N LEU E 231 -10.47 -27.57 -0.43
CA LEU E 231 -10.06 -28.05 -1.74
C LEU E 231 -8.59 -28.45 -1.82
N GLU E 232 -7.78 -28.13 -0.80
CA GLU E 232 -6.35 -28.37 -0.86
C GLU E 232 -5.89 -29.56 -0.03
N ALA E 233 -6.80 -30.36 0.50
CA ALA E 233 -6.44 -31.51 1.32
C ALA E 233 -6.97 -32.78 0.67
N ASP E 234 -6.06 -33.71 0.36
CA ASP E 234 -6.48 -34.96 -0.28
C ASP E 234 -7.15 -35.90 0.72
N ASP E 235 -6.61 -36.01 1.93
CA ASP E 235 -7.20 -36.89 2.93
C ASP E 235 -8.59 -36.42 3.34
N ASP E 236 -8.78 -35.11 3.49
CA ASP E 236 -10.10 -34.59 3.83
C ASP E 236 -11.10 -34.85 2.71
N LEU E 237 -10.67 -34.70 1.45
CA LEU E 237 -11.54 -35.02 0.33
C LEU E 237 -11.90 -36.49 0.30
N ALA E 238 -10.93 -37.37 0.61
CA ALA E 238 -11.18 -38.80 0.59
C ALA E 238 -12.05 -39.26 1.76
N ALA E 239 -11.99 -38.58 2.89
CA ALA E 239 -12.74 -38.98 4.08
C ALA E 239 -14.21 -38.53 4.05
N MET E 240 -14.62 -37.76 3.04
CA MET E 240 -15.99 -37.29 2.98
C MET E 240 -16.94 -38.29 2.33
N TYR E 241 -16.44 -39.41 1.83
CA TYR E 241 -17.29 -40.47 1.27
C TYR E 241 -17.86 -41.28 2.43
N LEU E 242 -18.87 -40.71 3.08
CA LEU E 242 -19.46 -41.34 4.26
C LEU E 242 -20.31 -42.55 3.90
N THR E 243 -20.96 -42.54 2.74
CA THR E 243 -21.82 -43.66 2.35
C THR E 243 -21.01 -44.93 2.13
N GLU E 244 -19.85 -44.81 1.48
CA GLU E 244 -19.04 -45.99 1.20
C GLU E 244 -18.40 -46.55 2.47
N LYS E 245 -18.07 -45.69 3.43
CA LYS E 245 -17.46 -46.16 4.66
C LYS E 245 -18.40 -46.99 5.52
N THR E 246 -19.71 -46.91 5.27
CA THR E 246 -20.67 -47.74 5.99
C THR E 246 -20.73 -49.16 5.45
N HIS E 247 -20.14 -49.43 4.29
CA HIS E 247 -20.08 -50.77 3.71
C HIS E 247 -18.67 -51.35 3.72
N ASP E 248 -17.81 -50.87 4.63
CA ASP E 248 -16.42 -51.32 4.73
C ASP E 248 -15.67 -51.08 3.42
N LEU E 249 -15.97 -49.97 2.76
CA LEU E 249 -15.29 -49.56 1.53
C LEU E 249 -14.63 -48.22 1.76
N TYR E 250 -13.31 -48.16 1.57
CA TYR E 250 -12.55 -46.94 1.73
C TYR E 250 -11.99 -46.51 0.38
N ARG E 251 -12.04 -45.20 0.13
CA ARG E 251 -11.71 -44.68 -1.20
C ARG E 251 -10.20 -44.54 -1.40
N GLY E 252 -9.57 -43.72 -0.57
CA GLY E 252 -8.15 -43.46 -0.72
C GLY E 252 -7.90 -42.03 -1.20
N GLU E 253 -6.69 -41.55 -0.91
CA GLU E 253 -6.30 -40.16 -1.17
C GLU E 253 -6.07 -39.85 -2.65
N ASP E 254 -6.40 -40.73 -3.59
CA ASP E 254 -6.13 -40.46 -5.00
C ASP E 254 -7.36 -40.58 -5.90
N ASP E 255 -8.54 -40.84 -5.35
CA ASP E 255 -9.77 -40.95 -6.13
C ASP E 255 -10.85 -40.08 -5.46
N HIS E 256 -10.85 -38.79 -5.79
CA HIS E 256 -11.80 -37.84 -5.22
C HIS E 256 -12.30 -36.89 -6.31
N THR E 257 -12.64 -37.44 -7.47
CA THR E 257 -13.02 -36.61 -8.61
C THR E 257 -14.35 -35.90 -8.37
N GLU E 258 -15.35 -36.63 -7.87
CA GLU E 258 -16.71 -36.09 -7.78
C GLU E 258 -16.77 -34.87 -6.86
N VAL E 259 -16.23 -35.00 -5.65
CA VAL E 259 -16.30 -33.90 -4.69
C VAL E 259 -15.46 -32.72 -5.16
N GLU E 260 -14.32 -32.99 -5.80
CA GLU E 260 -13.47 -31.91 -6.31
C GLU E 260 -14.21 -31.11 -7.39
N LEU E 261 -14.84 -31.82 -8.33
CA LEU E 261 -15.61 -31.14 -9.38
C LEU E 261 -16.79 -30.38 -8.79
N LEU E 262 -17.41 -30.93 -7.74
CA LEU E 262 -18.51 -30.24 -7.09
C LEU E 262 -18.05 -28.94 -6.44
N LEU E 263 -16.88 -28.96 -5.78
CA LEU E 263 -16.42 -27.79 -5.04
C LEU E 263 -15.82 -26.71 -5.93
N GLU E 264 -15.20 -27.10 -7.05
CA GLU E 264 -14.51 -26.11 -7.89
C GLU E 264 -15.48 -25.07 -8.45
N SER E 265 -16.69 -25.50 -8.82
CA SER E 265 -17.65 -24.58 -9.41
C SER E 265 -18.03 -23.47 -8.43
N TYR E 266 -18.33 -23.84 -7.19
CA TYR E 266 -18.68 -22.83 -6.19
C TYR E 266 -17.47 -22.00 -5.80
N HIS E 267 -16.28 -22.58 -5.83
CA HIS E 267 -15.07 -21.79 -5.59
C HIS E 267 -14.95 -20.67 -6.63
N LYS E 268 -15.16 -21.01 -7.91
CA LYS E 268 -15.10 -19.99 -8.96
C LYS E 268 -16.24 -18.98 -8.82
N LEU E 269 -17.43 -19.45 -8.41
CA LEU E 269 -18.56 -18.55 -8.20
C LEU E 269 -18.24 -17.50 -7.14
N CYS E 270 -17.60 -17.92 -6.05
CA CYS E 270 -17.21 -16.97 -5.02
C CYS E 270 -16.08 -16.06 -5.51
N ASP E 271 -15.15 -16.60 -6.29
CA ASP E 271 -14.04 -15.80 -6.79
C ASP E 271 -14.53 -14.67 -7.68
N GLU E 272 -15.58 -14.92 -8.47
CA GLU E 272 -16.12 -13.87 -9.34
C GLU E 272 -16.64 -12.69 -8.53
N VAL E 273 -17.40 -12.97 -7.47
CA VAL E 273 -17.92 -11.90 -6.63
C VAL E 273 -16.78 -11.18 -5.92
N VAL E 274 -15.74 -11.92 -5.52
CA VAL E 274 -14.59 -11.28 -4.89
C VAL E 274 -13.95 -10.29 -5.86
N GLN E 275 -13.77 -10.69 -7.12
CA GLN E 275 -13.18 -9.80 -8.11
C GLN E 275 -14.04 -8.57 -8.35
N GLU E 276 -15.36 -8.76 -8.41
CA GLU E 276 -16.26 -7.62 -8.59
C GLU E 276 -16.14 -6.63 -7.44
N ALA E 277 -16.11 -7.14 -6.20
CA ALA E 277 -15.97 -6.26 -5.04
C ALA E 277 -14.64 -5.53 -5.06
N SER E 278 -13.56 -6.22 -5.46
CA SER E 278 -12.26 -5.57 -5.56
C SER E 278 -12.28 -4.44 -6.58
N ASN E 279 -12.91 -4.67 -7.73
CA ASN E 279 -13.02 -3.62 -8.74
C ASN E 279 -13.80 -2.42 -8.22
N LEU E 280 -14.90 -2.68 -7.50
CA LEU E 280 -15.67 -1.58 -6.93
C LEU E 280 -14.84 -0.78 -5.92
N VAL E 281 -14.07 -1.47 -5.08
CA VAL E 281 -13.23 -0.78 -4.10
C VAL E 281 -12.19 0.08 -4.80
N SER E 282 -11.58 -0.46 -5.87
CA SER E 282 -10.58 0.31 -6.60
C SER E 282 -11.21 1.57 -7.23
N SER E 283 -12.41 1.44 -7.78
CA SER E 283 -13.08 2.60 -8.35
C SER E 283 -13.35 3.66 -7.29
N ILE E 284 -13.81 3.23 -6.11
CA ILE E 284 -14.08 4.18 -5.03
C ILE E 284 -12.79 4.90 -4.62
N ARG E 285 -11.69 4.15 -4.50
CA ARG E 285 -10.41 4.76 -4.12
C ARG E 285 -9.96 5.79 -5.15
N ASN E 286 -10.08 5.46 -6.43
CA ASN E 286 -9.68 6.40 -7.48
C ASN E 286 -10.53 7.67 -7.42
N THR E 287 -11.84 7.51 -7.24
CA THR E 287 -12.72 8.68 -7.18
C THR E 287 -12.36 9.58 -6.00
N GLU E 288 -12.10 8.97 -4.83
CA GLU E 288 -11.71 9.77 -3.67
C GLU E 288 -10.40 10.51 -3.92
N GLU E 289 -9.40 9.80 -4.45
CA GLU E 289 -8.11 10.42 -4.70
C GLU E 289 -8.19 11.53 -5.74
N ILE E 290 -9.18 11.47 -6.65
CA ILE E 290 -9.31 12.54 -7.63
C ILE E 290 -10.04 13.74 -7.04
N ILE E 291 -11.12 13.51 -6.30
CA ILE E 291 -11.85 14.65 -5.74
C ILE E 291 -11.00 15.38 -4.70
N ARG E 292 -10.10 14.67 -4.01
CA ARG E 292 -9.22 15.32 -3.05
C ARG E 292 -8.38 16.41 -3.71
N ALA E 293 -7.88 16.16 -4.92
CA ALA E 293 -7.13 17.16 -5.66
C ALA E 293 -8.03 18.17 -6.35
N ILE E 294 -9.26 17.76 -6.72
CA ILE E 294 -10.20 18.70 -7.32
C ILE E 294 -10.51 19.84 -6.35
N LEU E 295 -10.63 19.53 -5.05
CA LEU E 295 -10.90 20.57 -4.07
C LEU E 295 -9.82 21.65 -4.08
N ASP E 296 -8.55 21.23 -3.98
CA ASP E 296 -7.45 22.20 -3.99
C ASP E 296 -7.32 22.89 -5.33
N ALA E 297 -7.70 22.22 -6.42
CA ALA E 297 -7.67 22.85 -7.74
C ALA E 297 -8.68 24.00 -7.81
N ASN E 298 -9.88 23.81 -7.27
CA ASN E 298 -10.89 24.85 -7.35
C ASN E 298 -10.75 25.92 -6.26
N ARG E 299 -9.97 25.66 -5.20
CA ARG E 299 -9.76 26.70 -4.19
C ARG E 299 -8.90 27.85 -4.72
N ASN E 300 -7.94 27.53 -5.60
CA ASN E 300 -7.01 28.54 -6.08
C ASN E 300 -7.73 29.63 -6.89
N SER E 301 -8.87 29.30 -7.49
CA SER E 301 -9.63 30.32 -8.23
C SER E 301 -10.08 31.45 -7.33
N LEU E 302 -10.71 31.10 -6.20
CA LEU E 302 -11.10 32.12 -5.22
C LEU E 302 -9.88 32.80 -4.61
N MET E 303 -8.83 32.03 -4.35
CA MET E 303 -7.61 32.63 -3.80
C MET E 303 -7.04 33.70 -4.72
N LEU E 304 -7.09 33.47 -6.03
CA LEU E 304 -6.62 34.47 -6.99
C LEU E 304 -7.62 35.60 -7.17
N LEU E 305 -8.92 35.31 -7.08
CA LEU E 305 -9.92 36.36 -7.26
C LEU E 305 -9.88 37.38 -6.12
N ASP E 306 -9.52 36.95 -4.91
CA ASP E 306 -9.48 37.90 -3.78
C ASP E 306 -8.44 38.99 -3.99
N LEU E 307 -7.34 38.69 -4.70
CA LEU E 307 -6.25 39.66 -4.85
C LEU E 307 -6.66 40.86 -5.68
N LYS E 308 -7.54 40.68 -6.67
CA LYS E 308 -8.00 41.82 -7.45
C LYS E 308 -8.79 42.80 -6.59
N PHE E 309 -9.67 42.29 -5.73
CA PHE E 309 -10.38 43.15 -4.80
C PHE E 309 -9.42 43.82 -3.82
N SER E 310 -8.39 43.10 -3.38
CA SER E 310 -7.39 43.71 -2.50
C SER E 310 -6.69 44.88 -3.19
N ILE E 311 -6.32 44.69 -4.47
CA ILE E 311 -5.65 45.76 -5.22
C ILE E 311 -6.58 46.94 -5.41
N GLY E 312 -7.86 46.67 -5.69
CA GLY E 312 -8.82 47.76 -5.82
C GLY E 312 -8.99 48.55 -4.55
N THR E 313 -9.06 47.86 -3.40
CA THR E 313 -9.14 48.56 -2.12
C THR E 313 -7.88 49.38 -1.85
N LEU E 314 -6.71 48.83 -2.19
CA LEU E 314 -5.47 49.58 -2.01
C LEU E 314 -5.46 50.85 -2.85
N GLY E 315 -5.91 50.75 -4.10
CA GLY E 315 -5.97 51.93 -4.95
C GLY E 315 -6.95 52.97 -4.44
N LEU E 316 -8.12 52.51 -3.97
CA LEU E 316 -9.10 53.44 -3.42
C LEU E 316 -8.57 54.14 -2.17
N ALA E 317 -7.85 53.40 -1.31
CA ALA E 317 -7.25 54.02 -0.14
C ALA E 317 -6.18 55.03 -0.53
N MET E 318 -5.38 54.71 -1.54
CA MET E 318 -4.36 55.64 -2.01
C MET E 318 -4.99 56.93 -2.53
N GLY E 319 -6.09 56.81 -3.27
CA GLY E 319 -6.79 58.01 -3.72
C GLY E 319 -7.41 58.79 -2.58
N THR E 320 -8.00 58.09 -1.61
CA THR E 320 -8.66 58.75 -0.49
C THR E 320 -7.67 59.49 0.39
N PHE E 321 -6.44 58.99 0.49
CA PHE E 321 -5.42 59.69 1.28
C PHE E 321 -5.18 61.10 0.73
N LEU E 322 -4.95 61.21 -0.58
CA LEU E 322 -4.74 62.52 -1.18
C LEU E 322 -6.03 63.34 -1.18
N ALA E 323 -7.19 62.69 -1.31
CA ALA E 323 -8.44 63.42 -1.23
C ALA E 323 -8.63 64.07 0.13
N GLY E 324 -8.26 63.37 1.21
CA GLY E 324 -8.39 63.91 2.54
C GLY E 324 -7.25 64.79 3.00
N LEU E 325 -6.12 64.75 2.30
CA LEU E 325 -5.02 65.66 2.64
C LEU E 325 -5.43 67.12 2.49
N TYR E 326 -6.24 67.44 1.48
CA TYR E 326 -6.67 68.81 1.25
C TYR E 326 -7.89 69.20 2.07
N GLY E 327 -8.44 68.29 2.86
CA GLY E 327 -9.56 68.59 3.73
C GLY E 327 -9.18 69.12 5.10
N MET E 328 -7.89 69.24 5.38
CA MET E 328 -7.44 69.75 6.67
C MET E 328 -7.68 71.26 6.77
N ASN E 329 -7.91 71.73 7.99
CA ASN E 329 -8.15 73.15 8.24
C ASN E 329 -6.81 73.87 8.36
N LEU E 330 -6.12 73.97 7.22
CA LEU E 330 -4.82 74.63 7.14
C LEU E 330 -4.82 75.52 5.90
N GLU E 331 -3.65 76.07 5.58
CA GLU E 331 -3.49 76.96 4.43
C GLU E 331 -2.95 76.16 3.26
N ASN E 332 -3.76 76.06 2.20
CA ASN E 332 -3.36 75.34 0.99
C ASN E 332 -2.96 76.26 -0.16
N PHE E 333 -3.16 77.57 -0.02
CA PHE E 333 -2.75 78.61 -0.97
C PHE E 333 -3.51 78.56 -2.28
N ILE E 334 -4.39 77.58 -2.50
CA ILE E 334 -5.13 77.47 -3.75
C ILE E 334 -6.62 77.32 -3.44
N GLU E 335 -7.04 77.76 -2.26
CA GLU E 335 -8.45 77.63 -1.88
C GLU E 335 -9.35 78.55 -2.69
N GLU E 336 -8.88 79.75 -3.02
CA GLU E 336 -9.70 80.71 -3.74
C GLU E 336 -9.53 80.62 -5.26
N THR E 337 -8.67 79.74 -5.75
CA THR E 337 -8.49 79.59 -7.18
C THR E 337 -9.69 78.86 -7.80
N ASN E 338 -9.79 78.95 -9.12
CA ASN E 338 -10.87 78.32 -9.88
C ASN E 338 -10.40 77.07 -10.62
N TRP E 339 -9.26 76.51 -10.24
CA TRP E 339 -8.73 75.32 -10.90
C TRP E 339 -8.22 74.26 -9.94
N GLY E 340 -8.19 74.51 -8.63
CA GLY E 340 -7.62 73.54 -7.71
C GLY E 340 -8.46 72.27 -7.58
N PHE E 341 -9.78 72.42 -7.57
CA PHE E 341 -10.65 71.26 -7.34
C PHE E 341 -10.50 70.21 -8.43
N GLY E 342 -10.62 70.63 -9.69
CA GLY E 342 -10.49 69.68 -10.79
C GLY E 342 -9.10 69.09 -10.88
N ALA E 343 -8.07 69.90 -10.64
CA ALA E 343 -6.70 69.40 -10.68
C ALA E 343 -6.46 68.34 -9.62
N ILE E 344 -6.93 68.59 -8.39
CA ILE E 344 -6.74 67.63 -7.31
C ILE E 344 -7.53 66.35 -7.58
N THR E 345 -8.76 66.49 -8.07
CA THR E 345 -9.56 65.32 -8.39
C THR E 345 -8.89 64.48 -9.48
N GLY E 346 -8.39 65.13 -10.53
CA GLY E 346 -7.70 64.41 -11.58
C GLY E 346 -6.43 63.74 -11.10
N LEU E 347 -5.67 64.42 -10.24
CA LEU E 347 -4.44 63.83 -9.71
C LEU E 347 -4.76 62.60 -8.86
N SER E 348 -5.78 62.68 -8.02
CA SER E 348 -6.16 61.53 -7.20
C SER E 348 -6.62 60.37 -8.06
N THR E 349 -7.45 60.65 -9.08
CA THR E 349 -7.93 59.60 -9.96
C THR E 349 -6.78 58.94 -10.72
N LEU E 350 -5.84 59.75 -11.22
CA LEU E 350 -4.70 59.21 -11.95
C LEU E 350 -3.82 58.36 -11.03
N LEU E 351 -3.59 58.81 -9.80
CA LEU E 351 -2.79 58.02 -8.86
C LEU E 351 -3.46 56.68 -8.56
N SER E 352 -4.77 56.70 -8.31
CA SER E 352 -5.50 55.45 -8.07
C SER E 352 -5.38 54.52 -9.28
N LEU E 353 -5.56 55.06 -10.49
CA LEU E 353 -5.50 54.24 -11.68
C LEU E 353 -4.12 53.63 -11.88
N VAL E 354 -3.06 54.43 -11.67
CA VAL E 354 -1.71 53.91 -11.92
C VAL E 354 -1.33 52.88 -10.87
N VAL E 355 -1.72 53.09 -9.61
CA VAL E 355 -1.38 52.09 -8.60
C VAL E 355 -2.17 50.79 -8.84
N CYS E 356 -3.44 50.91 -9.26
CA CYS E 356 -4.19 49.71 -9.59
C CYS E 356 -3.58 48.97 -10.78
N TRP E 357 -3.15 49.72 -11.80
CA TRP E 357 -2.52 49.10 -12.97
C TRP E 357 -1.21 48.41 -12.59
N TYR E 358 -0.40 49.05 -11.75
CA TYR E 358 0.85 48.43 -11.30
C TYR E 358 0.57 47.16 -10.50
N GLY E 359 -0.44 47.20 -9.62
CA GLY E 359 -0.80 46.00 -8.87
C GLY E 359 -1.26 44.87 -9.76
N LEU E 360 -2.10 45.18 -10.76
CA LEU E 360 -2.56 44.15 -11.69
C LEU E 360 -1.41 43.58 -12.50
N ALA E 361 -0.49 44.44 -12.95
CA ALA E 361 0.66 43.96 -13.71
C ALA E 361 1.54 43.05 -12.86
N LYS E 362 1.79 43.43 -11.61
CA LYS E 362 2.59 42.60 -10.72
C LYS E 362 1.90 41.27 -10.46
N LEU E 363 0.58 41.29 -10.27
CA LEU E 363 -0.16 40.04 -10.06
C LEU E 363 -0.07 39.14 -11.29
N ARG E 364 -0.20 39.72 -12.49
CA ARG E 364 -0.09 38.92 -13.71
C ARG E 364 1.30 38.35 -13.88
N LYS E 365 2.34 39.12 -13.53
CA LYS E 365 3.69 38.61 -13.60
C LYS E 365 3.92 37.47 -12.61
N VAL E 366 3.37 37.59 -11.40
CA VAL E 366 3.56 36.56 -10.39
C VAL E 366 2.83 35.28 -10.78
N GLN E 367 1.57 35.41 -11.20
CA GLN E 367 0.78 34.23 -11.55
C GLN E 367 1.22 33.57 -12.84
N ARG E 368 2.07 34.23 -13.63
CA ARG E 368 2.55 33.66 -14.89
C ARG E 368 3.41 32.42 -14.64
MG MG F . 8.46 -26.32 -18.98
MG MG G . 5.66 -30.65 -16.95
MG MG H . 6.98 0.32 -12.95
MG MG I . -11.21 1.06 -11.53
MG MG J . -9.59 -3.22 -10.69
MG MG K . -15.02 74.49 7.20
MG MG L . -14.09 69.88 6.76
MG MG M . -11.84 58.70 5.68
MG MG N . 7.04 4.93 -13.63
MG MG O . 21.89 -24.98 -4.83
MG MG P . 19.24 -28.81 -7.84
MG MG Q . 15.01 4.90 3.37
MG MG R . 14.56 0.37 2.39
MG MG S . 12.94 -28.42 12.21
MG MG T . 15.05 -31.16 7.87
MG MG U . -9.49 47.09 4.56
MG MG V . 1.64 0.98 16.01
MG MG W . 2.60 -3.17 14.15
MG MG X . -5.93 -31.87 8.58
MG MG Y . -1.03 -34.45 8.46
MG MG Z . -14.57 -1.39 6.80
MG MG AA . -12.32 -5.39 6.06
MG MG BA . -8.68 -30.56 -10.71
MG MG CA . -6.81 -34.13 -6.90
#